data_5C5B
#
_entry.id   5C5B
#
_cell.length_a   146.924
_cell.length_b   88.542
_cell.length_c   147.388
_cell.angle_alpha   90.000
_cell.angle_beta   92.650
_cell.angle_gamma   90.000
#
_symmetry.space_group_name_H-M   'C 1 2 1'
#
loop_
_entity.id
_entity.type
_entity.pdbx_description
1 polymer 'DCC-interacting protein 13-alpha'
2 polymer 'DCC-interacting protein 13-beta'
3 non-polymer GLYCEROL
4 water water
#
loop_
_entity_poly.entity_id
_entity_poly.type
_entity_poly.pdbx_seq_one_letter_code
_entity_poly.pdbx_strand_id
1 'polypeptide(L)'
;GSHMDKLPIEETLEDSPQTRSLLGVFEEDATAISNYMNQLYQAMHRIYDAQNELSAATHLTSKLLKEYEKQRFPLGGDDE
VMSSTLQQFSKVIDELSSCHAVLSTQLADAMMFPITQFKERDLKEILTLKEVFQIASNDHDAAINRYSRLSKKRENDKVK
YEVTEDVYTSRKKQHQTMMHYFCALNTLQYKKKIALLEPLLGYMQAQISFFKMGSENLNEQLEEFLANIGTSVQNVRREM
DSDIETMQQTIEDLEVASDPLYVPDPDPTKFPVNRNLTRKAGYLNARNKTGLVSSTWDRQFYFTQGGNLMSQARGDVAGG
LAMDIDNCSVMAVDCEDRRYCFQITSFDGKKSSILQAESKKDHEEWICTINNISK
;
A,C
2 'polypeptide(L)'
;MPAVDKLLLEEALQDSPQTRSLLSVFEEDAGTLTDYTNQLLQAMQRVYGAQNEMCLATQQLSKQLLAYEKQNFALGKGDE
EVISTLHYFSKVVDELNLLHTELAKQLADTMVLPIIQFREKDLTEVSTLKDLFGLASNEHDLSMAKYSRLPKKKENEKVK
TEVGKEVAAARRKQHLSSLQYYCALNALQYRKQMAMMEPMIGFAHGQINFFKKGAEMFSKRMDSFLSSVADMVQSIQVEL
EAEAEKMRVSQQELLSVDESVYTPDSDVAAPQINRNLIQKAGYLNLRNKTGLVTTTWERLYFFTQGGNLMCQPRGAVAGG
LIQDLDNCSVMAVDCEDRRYCFQITTPNGKSGIILQAESRKENEEWICAINNISR
;
B,D
#
loop_
_chem_comp.id
_chem_comp.type
_chem_comp.name
_chem_comp.formula
GOL non-polymer GLYCEROL 'C3 H8 O3'
#
# COMPACT_ATOMS: atom_id res chain seq x y z
N MET A 4 14.28 30.90 -19.75
CA MET A 4 15.07 30.94 -18.52
C MET A 4 16.08 32.06 -18.53
N ASP A 5 15.99 32.97 -17.57
CA ASP A 5 16.96 34.04 -17.43
C ASP A 5 17.90 33.73 -16.27
N LYS A 6 18.92 34.55 -16.07
CA LYS A 6 19.94 34.25 -15.08
C LYS A 6 20.59 35.47 -14.42
N LEU A 7 21.15 35.25 -13.25
CA LEU A 7 21.90 36.28 -12.52
C LEU A 7 23.39 36.21 -12.84
N PRO A 8 24.06 37.37 -12.86
CA PRO A 8 25.50 37.51 -13.12
C PRO A 8 26.38 37.24 -11.91
N ILE A 9 26.73 35.98 -11.69
CA ILE A 9 27.56 35.59 -10.55
C ILE A 9 28.93 36.28 -10.50
N GLU A 10 29.40 36.82 -11.63
CA GLU A 10 30.75 37.39 -11.65
C GLU A 10 30.88 38.79 -11.04
N GLU A 11 29.76 39.52 -10.92
CA GLU A 11 29.79 40.85 -10.28
C GLU A 11 29.27 40.74 -8.83
N THR A 12 29.20 39.52 -8.32
CA THR A 12 28.81 39.35 -6.92
C THR A 12 29.82 39.98 -5.99
N LEU A 13 31.07 40.03 -6.43
CA LEU A 13 32.14 40.61 -5.63
C LEU A 13 32.02 42.14 -5.52
N GLU A 14 31.74 42.80 -6.64
CA GLU A 14 31.60 44.26 -6.69
C GLU A 14 30.40 44.76 -5.89
N ASP A 15 29.32 44.00 -5.93
CA ASP A 15 28.10 44.30 -5.16
C ASP A 15 27.50 45.65 -5.57
N SER A 16 27.45 45.92 -6.87
CA SER A 16 26.83 47.13 -7.39
C SER A 16 25.33 47.19 -7.09
N PRO A 17 24.77 48.41 -6.92
CA PRO A 17 23.34 48.59 -6.76
C PRO A 17 22.54 48.05 -7.94
N GLN A 18 23.15 48.04 -9.12
CA GLN A 18 22.53 47.42 -10.29
C GLN A 18 22.32 45.93 -10.06
N THR A 19 23.37 45.26 -9.62
CA THR A 19 23.33 43.84 -9.30
C THR A 19 22.26 43.56 -8.25
N ARG A 20 22.21 44.44 -7.25
CA ARG A 20 21.20 44.38 -6.20
C ARG A 20 19.80 44.52 -6.78
N SER A 21 19.67 45.38 -7.79
CA SER A 21 18.38 45.59 -8.46
C SER A 21 17.92 44.35 -9.21
N LEU A 22 18.84 43.76 -9.98
CA LEU A 22 18.55 42.54 -10.72
C LEU A 22 18.14 41.42 -9.76
N LEU A 23 18.91 41.29 -8.68
CA LEU A 23 18.59 40.34 -7.62
C LEU A 23 17.18 40.61 -7.09
N GLY A 24 16.85 41.89 -6.90
CA GLY A 24 15.53 42.26 -6.43
C GLY A 24 14.43 41.81 -7.37
N VAL A 25 14.68 41.95 -8.67
CA VAL A 25 13.75 41.47 -9.69
C VAL A 25 13.54 39.95 -9.53
N PHE A 26 14.64 39.22 -9.45
CA PHE A 26 14.57 37.77 -9.27
C PHE A 26 13.85 37.37 -7.97
N GLU A 27 14.04 38.15 -6.91
CA GLU A 27 13.38 37.90 -5.64
C GLU A 27 11.88 38.11 -5.75
N GLU A 28 11.48 39.16 -6.46
CA GLU A 28 10.07 39.41 -6.73
C GLU A 28 9.48 38.21 -7.46
N ASP A 29 10.16 37.78 -8.51
CA ASP A 29 9.71 36.63 -9.29
C ASP A 29 9.58 35.38 -8.43
N ALA A 30 10.55 35.14 -7.57
CA ALA A 30 10.55 33.96 -6.69
C ALA A 30 9.40 34.03 -5.70
N THR A 31 9.06 35.24 -5.27
CA THR A 31 7.92 35.45 -4.39
C THR A 31 6.62 35.07 -5.11
N ALA A 32 6.44 35.60 -6.31
CA ALA A 32 5.26 35.27 -7.11
C ALA A 32 5.14 33.77 -7.36
N ILE A 33 6.28 33.15 -7.68
CA ILE A 33 6.37 31.71 -7.83
C ILE A 33 5.87 31.01 -6.58
N SER A 34 6.39 31.41 -5.43
CA SER A 34 6.03 30.81 -4.16
C SER A 34 4.53 30.89 -3.92
N ASN A 35 3.94 32.05 -4.20
CA ASN A 35 2.50 32.23 -4.05
C ASN A 35 1.69 31.28 -4.93
N TYR A 36 1.97 31.32 -6.23
CA TYR A 36 1.23 30.46 -7.17
C TYR A 36 1.37 28.99 -6.83
N MET A 37 2.59 28.57 -6.55
CA MET A 37 2.86 27.17 -6.20
C MET A 37 2.16 26.78 -4.92
N ASN A 38 2.00 27.73 -4.01
CA ASN A 38 1.29 27.48 -2.77
C ASN A 38 -0.20 27.25 -3.01
N GLN A 39 -0.79 28.10 -3.86
CA GLN A 39 -2.21 27.92 -4.18
C GLN A 39 -2.46 26.65 -4.99
N LEU A 40 -1.49 26.31 -5.85
CA LEU A 40 -1.55 25.08 -6.63
C LEU A 40 -1.51 23.89 -5.69
N TYR A 41 -0.64 23.98 -4.69
CA TYR A 41 -0.57 22.96 -3.65
C TYR A 41 -1.91 22.82 -2.95
N GLN A 42 -2.55 23.96 -2.67
CA GLN A 42 -3.86 23.94 -2.04
C GLN A 42 -4.87 23.16 -2.90
N ALA A 43 -4.92 23.50 -4.18
CA ALA A 43 -5.85 22.84 -5.11
C ALA A 43 -5.61 21.33 -5.19
N MET A 44 -4.35 20.94 -5.36
CA MET A 44 -4.00 19.53 -5.51
C MET A 44 -4.28 18.76 -4.22
N HIS A 45 -4.04 19.42 -3.09
CA HIS A 45 -4.33 18.83 -1.79
C HIS A 45 -5.83 18.57 -1.67
N ARG A 46 -6.62 19.54 -2.10
CA ARG A 46 -8.07 19.39 -2.09
C ARG A 46 -8.50 18.19 -2.94
N ILE A 47 -7.91 18.07 -4.12
CA ILE A 47 -8.15 16.91 -4.98
C ILE A 47 -7.85 15.60 -4.23
N TYR A 48 -6.70 15.58 -3.57
CA TYR A 48 -6.22 14.41 -2.83
C TYR A 48 -7.22 13.99 -1.75
N ASP A 49 -7.59 14.95 -0.91
CA ASP A 49 -8.56 14.71 0.16
C ASP A 49 -9.89 14.23 -0.40
N ALA A 50 -10.29 14.82 -1.51
CA ALA A 50 -11.54 14.40 -2.17
C ALA A 50 -11.49 12.93 -2.59
N GLN A 51 -10.39 12.53 -3.24
CA GLN A 51 -10.24 11.14 -3.70
C GLN A 51 -10.26 10.16 -2.52
N ASN A 52 -9.45 10.44 -1.50
CA ASN A 52 -9.45 9.64 -0.28
C ASN A 52 -10.84 9.53 0.33
N GLU A 53 -11.56 10.65 0.35
CA GLU A 53 -12.91 10.69 0.88
C GLU A 53 -13.85 9.78 0.08
N LEU A 54 -13.68 9.78 -1.23
CA LEU A 54 -14.44 8.88 -2.10
C LEU A 54 -14.22 7.42 -1.74
N SER A 55 -12.96 7.02 -1.68
CA SER A 55 -12.63 5.62 -1.33
C SER A 55 -13.22 5.24 0.03
N ALA A 56 -13.06 6.14 1.00
CA ALA A 56 -13.57 5.93 2.34
C ALA A 56 -15.09 5.72 2.36
N ALA A 57 -15.81 6.63 1.70
CA ALA A 57 -17.28 6.57 1.66
C ALA A 57 -17.74 5.27 1.01
N THR A 58 -17.10 4.91 -0.09
CA THR A 58 -17.43 3.67 -0.80
C THR A 58 -17.27 2.46 0.12
N HIS A 59 -16.10 2.37 0.75
CA HIS A 59 -15.81 1.30 1.68
C HIS A 59 -16.84 1.22 2.81
N LEU A 60 -17.19 2.38 3.36
CA LEU A 60 -18.15 2.46 4.47
C LEU A 60 -19.52 1.93 4.07
N THR A 61 -19.99 2.34 2.89
CA THR A 61 -21.26 1.84 2.36
C THR A 61 -21.22 0.32 2.23
N SER A 62 -20.14 -0.18 1.64
CA SER A 62 -19.95 -1.62 1.52
C SER A 62 -20.07 -2.36 2.85
N LYS A 63 -19.38 -1.82 3.85
CA LYS A 63 -19.40 -2.41 5.20
C LYS A 63 -20.81 -2.47 5.77
N LEU A 64 -21.54 -1.38 5.55
CA LEU A 64 -22.94 -1.31 5.98
C LEU A 64 -23.75 -2.42 5.36
N LEU A 65 -23.60 -2.61 4.05
CA LEU A 65 -24.28 -3.71 3.37
C LEU A 65 -23.94 -5.05 4.03
N LYS A 66 -22.63 -5.29 4.16
CA LYS A 66 -22.16 -6.59 4.62
C LYS A 66 -22.55 -6.97 6.02
N GLU A 67 -22.91 -6.02 6.88
CA GLU A 67 -23.47 -6.52 8.13
C GLU A 67 -25.00 -6.27 8.08
N TYR A 68 -25.50 -5.76 6.96
CA TYR A 68 -26.94 -5.68 6.86
C TYR A 68 -27.65 -6.91 6.30
N GLU A 69 -26.95 -7.87 5.67
CA GLU A 69 -27.62 -9.18 5.49
C GLU A 69 -27.52 -10.05 6.75
N LYS A 70 -26.49 -9.80 7.56
CA LYS A 70 -26.39 -10.43 8.88
C LYS A 70 -27.55 -10.04 9.80
N GLU A 80 -34.41 -13.59 0.81
CA GLU A 80 -33.75 -14.70 0.11
C GLU A 80 -32.94 -14.23 -1.10
N VAL A 81 -33.64 -13.81 -2.13
CA VAL A 81 -33.09 -13.08 -3.27
C VAL A 81 -32.14 -11.94 -2.86
N MET A 82 -32.68 -11.10 -1.98
CA MET A 82 -32.12 -9.80 -1.64
C MET A 82 -30.73 -9.90 -1.02
N SER A 83 -30.48 -10.98 -0.29
CA SER A 83 -29.21 -11.17 0.38
C SER A 83 -28.06 -11.39 -0.60
N SER A 84 -28.26 -12.27 -1.58
CA SER A 84 -27.27 -12.45 -2.63
C SER A 84 -27.13 -11.20 -3.48
N THR A 85 -28.23 -10.51 -3.75
CA THR A 85 -28.12 -9.30 -4.58
C THR A 85 -27.25 -8.26 -3.85
N LEU A 86 -27.50 -8.11 -2.55
CA LEU A 86 -26.74 -7.20 -1.71
C LEU A 86 -25.27 -7.57 -1.53
N GLN A 87 -24.93 -8.86 -1.58
CA GLN A 87 -23.51 -9.22 -1.50
C GLN A 87 -22.81 -9.03 -2.87
N GLN A 88 -23.52 -9.25 -3.97
CA GLN A 88 -22.95 -8.87 -5.27
C GLN A 88 -22.66 -7.38 -5.28
N PHE A 89 -23.62 -6.60 -4.78
CA PHE A 89 -23.51 -5.16 -4.73
C PHE A 89 -22.36 -4.73 -3.82
N SER A 90 -22.24 -5.39 -2.67
CA SER A 90 -21.15 -5.10 -1.75
C SER A 90 -19.81 -5.38 -2.43
N LYS A 91 -19.77 -6.44 -3.24
CA LYS A 91 -18.52 -6.85 -3.87
C LYS A 91 -18.08 -5.83 -4.94
N VAL A 92 -19.03 -5.41 -5.78
CA VAL A 92 -18.70 -4.46 -6.82
C VAL A 92 -18.34 -3.10 -6.20
N ILE A 93 -19.04 -2.75 -5.13
CA ILE A 93 -18.74 -1.51 -4.43
C ILE A 93 -17.33 -1.52 -3.85
N ASP A 94 -16.89 -2.67 -3.34
CA ASP A 94 -15.54 -2.78 -2.81
C ASP A 94 -14.48 -2.73 -3.89
N GLU A 95 -14.80 -3.25 -5.07
CA GLU A 95 -13.85 -3.13 -6.17
C GLU A 95 -13.73 -1.68 -6.64
N LEU A 96 -14.86 -0.96 -6.65
CA LEU A 96 -14.83 0.47 -6.93
C LEU A 96 -13.97 1.20 -5.90
N SER A 97 -14.20 0.89 -4.63
CA SER A 97 -13.44 1.46 -3.53
C SER A 97 -11.95 1.19 -3.69
N SER A 98 -11.62 -0.01 -4.15
CA SER A 98 -10.24 -0.38 -4.45
C SER A 98 -9.66 0.53 -5.53
N CYS A 99 -10.46 0.78 -6.57
CA CYS A 99 -10.05 1.69 -7.64
C CYS A 99 -9.71 3.08 -7.08
N HIS A 100 -10.65 3.64 -6.33
CA HIS A 100 -10.43 4.96 -5.73
C HIS A 100 -9.21 4.98 -4.82
N ALA A 101 -8.96 3.85 -4.14
CA ALA A 101 -7.82 3.74 -3.25
C ALA A 101 -6.49 3.77 -4.00
N VAL A 102 -6.38 2.96 -5.05
CA VAL A 102 -5.13 2.91 -5.82
C VAL A 102 -4.89 4.26 -6.49
N LEU A 103 -5.98 4.91 -6.92
CA LEU A 103 -5.88 6.25 -7.49
C LEU A 103 -5.36 7.23 -6.43
N SER A 104 -5.83 7.06 -5.19
CA SER A 104 -5.38 7.90 -4.08
C SER A 104 -3.88 7.76 -3.85
N THR A 105 -3.41 6.52 -3.79
CA THR A 105 -2.00 6.25 -3.53
C THR A 105 -1.12 6.82 -4.65
N GLN A 106 -1.53 6.57 -5.89
CA GLN A 106 -0.78 7.08 -7.04
C GLN A 106 -0.81 8.60 -7.09
N LEU A 107 -1.90 9.20 -6.62
CA LEU A 107 -1.94 10.66 -6.47
C LEU A 107 -0.94 11.13 -5.44
N ALA A 108 -0.89 10.43 -4.31
CA ALA A 108 0.01 10.79 -3.22
C ALA A 108 1.46 10.80 -3.66
N ASP A 109 1.87 9.76 -4.37
CA ASP A 109 3.28 9.67 -4.78
C ASP A 109 3.63 10.44 -6.07
N ALA A 110 2.75 10.40 -7.06
CA ALA A 110 3.03 11.04 -8.34
C ALA A 110 2.69 12.55 -8.36
N MET A 111 1.68 12.96 -7.59
CA MET A 111 1.20 14.34 -7.65
C MET A 111 1.61 15.16 -6.43
N MET A 112 1.16 14.74 -5.25
CA MET A 112 1.38 15.50 -4.02
C MET A 112 2.85 15.59 -3.65
N PHE A 113 3.58 14.50 -3.82
CA PHE A 113 4.98 14.44 -3.41
C PHE A 113 5.88 15.43 -4.17
N PRO A 114 5.79 15.50 -5.51
CA PRO A 114 6.66 16.47 -6.19
C PRO A 114 6.44 17.92 -5.77
N ILE A 115 5.19 18.37 -5.69
CA ILE A 115 4.92 19.75 -5.32
C ILE A 115 5.26 20.01 -3.86
N THR A 116 5.05 19.00 -3.02
CA THR A 116 5.39 19.13 -1.60
C THR A 116 6.89 19.27 -1.42
N GLN A 117 7.66 18.46 -2.15
CA GLN A 117 9.11 18.59 -2.10
C GLN A 117 9.57 19.90 -2.71
N PHE A 118 8.83 20.42 -3.69
CA PHE A 118 9.19 21.72 -4.25
C PHE A 118 9.03 22.82 -3.20
N LYS A 119 7.96 22.77 -2.41
CA LYS A 119 7.74 23.83 -1.44
C LYS A 119 8.51 23.62 -0.13
N GLU A 120 8.83 22.39 0.21
CA GLU A 120 9.54 22.09 1.45
C GLU A 120 11.04 21.90 1.33
N ARG A 121 11.54 21.75 0.10
CA ARG A 121 12.98 21.63 -0.11
C ARG A 121 13.53 22.86 -0.82
N ASP A 122 13.04 23.10 -2.02
CA ASP A 122 13.60 24.11 -2.91
C ASP A 122 13.25 25.54 -2.52
N LEU A 123 11.97 25.82 -2.32
CA LEU A 123 11.53 27.16 -1.90
C LEU A 123 12.09 27.53 -0.54
N LYS A 124 12.07 26.57 0.38
CA LYS A 124 12.60 26.79 1.72
C LYS A 124 14.11 27.04 1.68
N GLU A 125 14.83 26.31 0.84
CA GLU A 125 16.27 26.56 0.69
C GLU A 125 16.50 27.95 0.10
N ILE A 126 15.68 28.36 -0.87
CA ILE A 126 15.78 29.69 -1.43
C ILE A 126 15.64 30.75 -0.34
N LEU A 127 14.60 30.62 0.48
CA LEU A 127 14.36 31.55 1.57
C LEU A 127 15.53 31.56 2.57
N THR A 128 16.05 30.36 2.84
CA THR A 128 17.18 30.18 3.75
C THR A 128 18.42 30.93 3.28
N LEU A 129 18.86 30.61 2.07
CA LEU A 129 20.03 31.26 1.47
C LEU A 129 19.82 32.76 1.35
N LYS A 130 18.58 33.16 1.07
CA LYS A 130 18.22 34.57 1.02
C LYS A 130 18.51 35.27 2.35
N GLU A 131 18.02 34.71 3.44
CA GLU A 131 18.16 35.37 4.73
C GLU A 131 19.59 35.30 5.25
N VAL A 132 20.30 34.22 4.89
CA VAL A 132 21.71 34.10 5.20
C VAL A 132 22.49 35.21 4.51
N PHE A 133 22.16 35.43 3.23
CA PHE A 133 22.77 36.50 2.47
C PHE A 133 22.46 37.87 3.07
N GLN A 134 21.23 38.07 3.51
CA GLN A 134 20.83 39.33 4.14
C GLN A 134 21.67 39.59 5.40
N ILE A 135 21.79 38.57 6.24
CA ILE A 135 22.57 38.68 7.47
C ILE A 135 24.04 39.01 7.17
N ALA A 136 24.63 38.25 6.23
CA ALA A 136 26.01 38.49 5.83
C ALA A 136 26.21 39.91 5.31
N SER A 137 25.24 40.39 4.55
CA SER A 137 25.27 41.76 4.02
C SER A 137 25.29 42.78 5.16
N ASN A 138 24.38 42.63 6.11
CA ASN A 138 24.33 43.52 7.26
C ASN A 138 25.65 43.54 8.03
N ASP A 139 26.19 42.34 8.26
CA ASP A 139 27.47 42.20 8.96
C ASP A 139 28.60 42.91 8.21
N HIS A 140 28.65 42.75 6.90
CA HIS A 140 29.66 43.46 6.11
C HIS A 140 29.49 44.97 6.19
N ASP A 141 28.25 45.43 6.17
CA ASP A 141 27.97 46.85 6.31
C ASP A 141 28.57 47.38 7.59
N ALA A 142 28.23 46.72 8.70
CA ALA A 142 28.80 47.08 10.00
C ALA A 142 30.33 47.10 9.97
N ALA A 143 30.91 46.04 9.41
CA ALA A 143 32.36 45.89 9.38
C ALA A 143 33.05 47.04 8.65
N ILE A 144 32.58 47.36 7.45
CA ILE A 144 33.20 48.41 6.65
C ILE A 144 32.93 49.79 7.25
N ASN A 145 31.83 49.93 8.00
CA ASN A 145 31.59 51.19 8.70
C ASN A 145 32.60 51.39 9.83
N ARG A 146 32.88 50.32 10.57
CA ARG A 146 33.87 50.41 11.63
C ARG A 146 35.26 50.58 11.03
N TYR A 147 35.45 50.11 9.81
CA TYR A 147 36.72 50.31 9.11
C TYR A 147 36.88 51.77 8.72
N SER A 148 35.79 52.36 8.21
CA SER A 148 35.79 53.77 7.85
C SER A 148 36.05 54.67 9.06
N ARG A 149 35.51 54.26 10.20
CA ARG A 149 35.66 55.06 11.42
C ARG A 149 37.06 55.05 12.04
N LEU A 150 37.96 54.22 11.50
CA LEU A 150 39.34 54.17 11.97
C LEU A 150 39.99 55.56 11.99
N SER A 151 40.81 55.81 13.02
CA SER A 151 41.49 57.10 13.19
C SER A 151 42.75 57.19 12.34
N LYS A 152 42.93 58.30 11.63
CA LYS A 152 44.07 58.43 10.72
C LYS A 152 45.43 58.71 11.37
N LYS A 153 45.51 59.71 12.23
CA LYS A 153 46.82 60.18 12.69
C LYS A 153 47.38 59.35 13.84
N ARG A 154 46.50 58.90 14.73
CA ARG A 154 46.89 57.96 15.76
C ARG A 154 46.35 56.59 15.45
N GLU A 155 47.21 55.73 14.93
CA GLU A 155 46.77 54.38 14.60
C GLU A 155 47.40 53.32 15.49
N ASN A 156 46.52 52.51 16.08
CA ASN A 156 46.90 51.35 16.87
C ASN A 156 46.77 50.16 15.93
N ASP A 157 47.89 49.53 15.61
CA ASP A 157 47.91 48.47 14.61
C ASP A 157 47.06 47.28 15.03
N LYS A 158 46.93 47.05 16.33
CA LYS A 158 46.10 45.96 16.82
C LYS A 158 44.63 46.12 16.43
N VAL A 159 44.00 47.20 16.91
CA VAL A 159 42.59 47.45 16.62
C VAL A 159 42.36 47.60 15.12
N LYS A 160 43.32 48.24 14.43
CA LYS A 160 43.23 48.44 12.99
C LYS A 160 43.21 47.11 12.26
N TYR A 161 44.09 46.20 12.65
CA TYR A 161 44.17 44.88 12.04
C TYR A 161 42.91 44.07 12.31
N GLU A 162 42.43 44.13 13.56
CA GLU A 162 41.21 43.41 13.95
C GLU A 162 40.03 43.86 13.09
N VAL A 163 39.86 45.18 12.99
CA VAL A 163 38.78 45.74 12.19
C VAL A 163 38.93 45.38 10.71
N THR A 164 40.16 45.48 10.21
CA THR A 164 40.47 45.16 8.82
C THR A 164 40.09 43.73 8.43
N GLU A 165 40.45 42.76 9.27
CA GLU A 165 40.21 41.37 8.90
C GLU A 165 38.80 40.93 9.34
N ASP A 166 38.15 41.73 10.19
CA ASP A 166 36.70 41.59 10.34
C ASP A 166 36.03 41.95 9.02
N VAL A 167 36.50 43.05 8.42
CA VAL A 167 36.00 43.47 7.11
C VAL A 167 36.26 42.36 6.09
N TYR A 168 37.46 41.81 6.14
CA TYR A 168 37.83 40.70 5.25
C TYR A 168 36.85 39.52 5.38
N THR A 169 36.62 39.10 6.62
CA THR A 169 35.75 37.97 6.90
C THR A 169 34.32 38.20 6.42
N SER A 170 33.74 39.32 6.83
CA SER A 170 32.37 39.65 6.47
C SER A 170 32.21 39.80 4.95
N ARG A 171 33.21 40.39 4.31
CA ARG A 171 33.18 40.59 2.87
C ARG A 171 33.23 39.25 2.13
N LYS A 172 34.13 38.38 2.57
CA LYS A 172 34.24 37.05 1.99
C LYS A 172 32.93 36.28 2.13
N LYS A 173 32.35 36.28 3.34
CA LYS A 173 31.09 35.58 3.55
C LYS A 173 29.98 36.18 2.71
N GLN A 174 29.97 37.50 2.56
CA GLN A 174 28.98 38.16 1.71
C GLN A 174 29.09 37.67 0.29
N HIS A 175 30.33 37.58 -0.21
CA HIS A 175 30.57 37.09 -1.56
C HIS A 175 30.04 35.66 -1.73
N GLN A 176 30.42 34.78 -0.80
CA GLN A 176 30.03 33.38 -0.90
C GLN A 176 28.50 33.22 -0.84
N THR A 177 27.88 33.83 0.16
CA THR A 177 26.43 33.71 0.35
C THR A 177 25.66 34.30 -0.83
N MET A 178 26.12 35.44 -1.33
CA MET A 178 25.48 36.06 -2.48
C MET A 178 25.58 35.11 -3.67
N MET A 179 26.73 34.47 -3.83
CA MET A 179 26.91 33.53 -4.94
C MET A 179 26.01 32.30 -4.83
N HIS A 180 25.91 31.71 -3.64
CA HIS A 180 25.03 30.56 -3.47
C HIS A 180 23.59 30.95 -3.74
N TYR A 181 23.21 32.12 -3.25
CA TYR A 181 21.88 32.67 -3.48
C TYR A 181 21.61 32.78 -4.99
N PHE A 182 22.55 33.38 -5.71
CA PHE A 182 22.45 33.58 -7.15
C PHE A 182 22.30 32.27 -7.90
N CYS A 183 23.17 31.30 -7.59
CA CYS A 183 23.13 29.99 -8.23
C CYS A 183 21.81 29.29 -7.95
N ALA A 184 21.35 29.40 -6.71
CA ALA A 184 20.07 28.81 -6.30
C ALA A 184 18.91 29.38 -7.10
N LEU A 185 18.91 30.70 -7.30
CA LEU A 185 17.86 31.34 -8.09
C LEU A 185 17.93 30.96 -9.57
N ASN A 186 19.14 30.90 -10.11
CA ASN A 186 19.34 30.54 -11.51
C ASN A 186 18.87 29.11 -11.77
N THR A 187 19.16 28.22 -10.82
CA THR A 187 18.67 26.86 -10.90
C THR A 187 17.15 26.81 -10.74
N LEU A 188 16.64 27.65 -9.85
CA LEU A 188 15.20 27.77 -9.62
C LEU A 188 14.47 28.13 -10.91
N GLN A 189 15.11 28.92 -11.76
CA GLN A 189 14.51 29.29 -13.04
C GLN A 189 14.10 28.06 -13.86
N TYR A 190 14.88 26.99 -13.79
CA TYR A 190 14.52 25.73 -14.43
C TYR A 190 13.55 24.92 -13.57
N LYS A 191 13.82 24.86 -12.27
CA LYS A 191 13.04 24.04 -11.35
C LYS A 191 11.56 24.42 -11.28
N LYS A 192 11.23 25.67 -11.55
CA LYS A 192 9.84 26.11 -11.47
C LYS A 192 9.01 25.48 -12.58
N LYS A 193 9.62 25.33 -13.74
CA LYS A 193 8.94 24.75 -14.88
C LYS A 193 8.53 23.34 -14.58
N ILE A 194 9.52 22.58 -14.15
CA ILE A 194 9.35 21.20 -13.75
C ILE A 194 8.36 21.11 -12.60
N ALA A 195 8.45 22.07 -11.67
CA ALA A 195 7.55 22.10 -10.53
C ALA A 195 6.08 22.26 -10.94
N LEU A 196 5.84 23.02 -12.00
CA LEU A 196 4.49 23.16 -12.53
C LEU A 196 4.05 21.90 -13.28
N LEU A 197 4.94 21.38 -14.14
CA LEU A 197 4.54 20.33 -15.07
C LEU A 197 4.45 18.92 -14.47
N GLU A 198 5.43 18.54 -13.66
CA GLU A 198 5.54 17.17 -13.18
C GLU A 198 4.35 16.66 -12.34
N PRO A 199 3.88 17.46 -11.35
CA PRO A 199 2.73 16.98 -10.58
C PRO A 199 1.44 16.83 -11.41
N LEU A 200 1.20 17.75 -12.33
CA LEU A 200 0.03 17.69 -13.20
C LEU A 200 0.12 16.48 -14.12
N LEU A 201 1.33 16.19 -14.57
CA LEU A 201 1.61 15.05 -15.43
C LEU A 201 1.28 13.78 -14.66
N GLY A 202 1.67 13.77 -13.39
CA GLY A 202 1.36 12.67 -12.49
C GLY A 202 -0.13 12.50 -12.27
N TYR A 203 -0.83 13.61 -12.09
CA TYR A 203 -2.28 13.61 -11.91
C TYR A 203 -2.96 12.97 -13.11
N MET A 204 -2.59 13.45 -14.29
CA MET A 204 -3.16 12.93 -15.54
C MET A 204 -2.87 11.45 -15.74
N GLN A 205 -1.63 11.03 -15.48
CA GLN A 205 -1.28 9.63 -15.69
C GLN A 205 -1.98 8.73 -14.67
N ALA A 206 -2.19 9.28 -13.47
CA ALA A 206 -3.00 8.61 -12.45
C ALA A 206 -4.43 8.41 -12.92
N GLN A 207 -5.01 9.46 -13.52
CA GLN A 207 -6.35 9.37 -14.06
C GLN A 207 -6.43 8.30 -15.15
N ILE A 208 -5.41 8.25 -16.01
CA ILE A 208 -5.35 7.24 -17.06
C ILE A 208 -5.37 5.83 -16.49
N SER A 209 -4.46 5.57 -15.55
CA SER A 209 -4.37 4.24 -14.92
C SER A 209 -5.70 3.87 -14.25
N PHE A 210 -6.28 4.86 -13.57
CA PHE A 210 -7.56 4.71 -12.89
C PHE A 210 -8.66 4.25 -13.84
N PHE A 211 -8.88 5.03 -14.89
CA PHE A 211 -9.96 4.76 -15.82
C PHE A 211 -9.73 3.49 -16.64
N LYS A 212 -8.48 3.06 -16.78
CA LYS A 212 -8.22 1.83 -17.51
C LYS A 212 -8.54 0.61 -16.64
N MET A 213 -8.10 0.70 -15.38
CA MET A 213 -8.38 -0.31 -14.37
C MET A 213 -9.88 -0.56 -14.24
N GLY A 214 -10.59 0.55 -14.04
CA GLY A 214 -12.03 0.51 -13.94
C GLY A 214 -12.65 -0.01 -15.21
N SER A 215 -12.17 0.51 -16.35
CA SER A 215 -12.63 0.12 -17.68
C SER A 215 -12.75 -1.36 -17.91
N GLU A 216 -11.67 -2.14 -17.82
CA GLU A 216 -11.88 -3.59 -18.02
C GLU A 216 -11.92 -4.54 -16.82
N ASN A 217 -11.85 -4.01 -15.58
CA ASN A 217 -12.25 -4.84 -14.47
C ASN A 217 -13.62 -4.50 -13.84
N LEU A 218 -13.76 -3.28 -13.34
CA LEU A 218 -15.02 -2.87 -12.68
C LEU A 218 -16.24 -3.00 -13.59
N ASN A 219 -16.03 -2.67 -14.87
CA ASN A 219 -17.12 -2.59 -15.83
C ASN A 219 -17.80 -3.93 -16.15
N GLU A 220 -17.01 -5.00 -16.19
CA GLU A 220 -17.55 -6.35 -16.40
C GLU A 220 -18.58 -6.73 -15.34
N GLN A 221 -18.15 -6.67 -14.09
CA GLN A 221 -18.99 -7.06 -12.96
C GLN A 221 -20.15 -6.11 -12.78
N LEU A 222 -19.94 -4.84 -13.09
CA LEU A 222 -21.06 -3.89 -13.05
C LEU A 222 -22.11 -4.29 -14.08
N GLU A 223 -21.65 -4.74 -15.24
CA GLU A 223 -22.55 -5.18 -16.30
C GLU A 223 -23.36 -6.40 -15.87
N GLU A 224 -22.66 -7.44 -15.40
CA GLU A 224 -23.31 -8.68 -14.98
C GLU A 224 -24.27 -8.44 -13.80
N PHE A 225 -23.83 -7.61 -12.86
CA PHE A 225 -24.63 -7.20 -11.73
C PHE A 225 -25.93 -6.55 -12.21
N LEU A 226 -25.80 -5.60 -13.13
CA LEU A 226 -26.96 -4.95 -13.71
C LEU A 226 -27.90 -5.97 -14.34
N ALA A 227 -27.32 -6.95 -15.02
CA ALA A 227 -28.09 -8.02 -15.64
C ALA A 227 -28.95 -8.76 -14.61
N ASN A 228 -28.33 -9.27 -13.55
CA ASN A 228 -29.07 -10.00 -12.52
C ASN A 228 -30.14 -9.16 -11.82
N ILE A 229 -29.73 -7.97 -11.37
CA ILE A 229 -30.62 -7.10 -10.60
C ILE A 229 -31.82 -6.67 -11.44
N GLY A 230 -31.61 -6.47 -12.73
CA GLY A 230 -32.72 -6.10 -13.61
C GLY A 230 -33.82 -7.15 -13.60
N THR A 231 -33.41 -8.41 -13.79
CA THR A 231 -34.35 -9.53 -13.76
C THR A 231 -35.10 -9.60 -12.43
N SER A 232 -34.33 -9.54 -11.34
CA SER A 232 -34.94 -9.61 -10.01
C SER A 232 -35.98 -8.50 -9.80
N VAL A 233 -35.62 -7.27 -10.18
CA VAL A 233 -36.50 -6.13 -10.05
C VAL A 233 -37.78 -6.31 -10.87
N GLN A 234 -37.63 -6.87 -12.07
CA GLN A 234 -38.79 -7.19 -12.90
C GLN A 234 -39.73 -8.14 -12.16
N ASN A 235 -39.14 -9.21 -11.63
CA ASN A 235 -39.91 -10.22 -10.89
C ASN A 235 -40.69 -9.63 -9.70
N VAL A 236 -39.99 -8.95 -8.79
CA VAL A 236 -40.65 -8.37 -7.62
C VAL A 236 -41.72 -7.37 -8.06
N ARG A 237 -41.44 -6.58 -9.09
CA ARG A 237 -42.41 -5.64 -9.62
C ARG A 237 -43.71 -6.36 -10.00
N ARG A 238 -43.59 -7.35 -10.89
CA ARG A 238 -44.75 -8.11 -11.35
C ARG A 238 -45.54 -8.70 -10.18
N GLU A 239 -44.85 -9.42 -9.31
CA GLU A 239 -45.51 -10.12 -8.20
C GLU A 239 -46.20 -9.13 -7.25
N MET A 240 -45.63 -7.92 -7.16
CA MET A 240 -46.16 -6.93 -6.25
C MET A 240 -47.35 -6.16 -6.81
N ASP A 241 -47.44 -6.01 -8.14
CA ASP A 241 -48.67 -5.43 -8.66
C ASP A 241 -49.75 -6.48 -8.81
N SER A 242 -49.35 -7.75 -8.89
CA SER A 242 -50.31 -8.85 -8.72
C SER A 242 -51.03 -8.82 -7.38
N ASP A 243 -50.23 -8.90 -6.31
CA ASP A 243 -50.81 -9.08 -4.99
C ASP A 243 -51.36 -7.76 -4.42
N ILE A 244 -50.87 -6.63 -4.89
CA ILE A 244 -51.57 -5.38 -4.59
C ILE A 244 -52.90 -5.38 -5.33
N GLU A 245 -52.89 -5.87 -6.57
CA GLU A 245 -54.10 -5.88 -7.38
C GLU A 245 -55.26 -6.61 -6.70
N THR A 246 -55.08 -7.87 -6.29
CA THR A 246 -56.24 -8.54 -5.65
C THR A 246 -56.29 -8.32 -4.12
N MET A 247 -55.23 -7.77 -3.48
CA MET A 247 -55.41 -7.39 -2.09
C MET A 247 -56.38 -6.20 -1.98
N GLN A 248 -56.34 -5.31 -2.97
CA GLN A 248 -57.16 -4.09 -2.89
C GLN A 248 -58.67 -4.39 -2.83
N GLN A 249 -59.14 -5.27 -3.70
CA GLN A 249 -60.54 -5.64 -3.60
C GLN A 249 -60.83 -6.99 -2.88
N THR A 250 -59.80 -7.67 -2.37
CA THR A 250 -60.04 -8.64 -1.32
C THR A 250 -60.53 -7.76 -0.16
N ILE A 251 -59.84 -6.63 0.01
CA ILE A 251 -60.26 -5.61 0.94
C ILE A 251 -61.67 -5.13 0.58
N GLU A 252 -61.92 -4.85 -0.70
CA GLU A 252 -63.24 -4.33 -1.07
C GLU A 252 -64.38 -5.31 -0.76
N ASP A 253 -64.16 -6.60 -1.02
CA ASP A 253 -65.21 -7.59 -0.72
C ASP A 253 -65.34 -7.87 0.77
N LEU A 254 -64.22 -7.77 1.49
CA LEU A 254 -64.26 -7.91 2.93
C LEU A 254 -65.04 -6.76 3.56
N GLU A 255 -64.86 -5.55 3.02
CA GLU A 255 -65.60 -4.38 3.47
C GLU A 255 -67.08 -4.49 3.09
N VAL A 256 -67.36 -5.06 1.93
CA VAL A 256 -68.73 -5.29 1.49
C VAL A 256 -69.47 -6.28 2.40
N ALA A 257 -68.83 -7.39 2.70
CA ALA A 257 -69.49 -8.49 3.40
C ALA A 257 -69.58 -8.27 4.92
N SER A 258 -68.63 -7.54 5.48
CA SER A 258 -68.53 -7.40 6.93
C SER A 258 -69.57 -6.45 7.54
N ASP A 259 -70.34 -5.77 6.70
CA ASP A 259 -71.22 -4.70 7.17
C ASP A 259 -72.39 -5.14 8.06
N PRO A 260 -72.98 -6.32 7.79
CA PRO A 260 -73.95 -6.77 8.80
C PRO A 260 -73.33 -7.25 10.10
N LEU A 261 -72.07 -7.68 10.08
CA LEU A 261 -71.46 -8.32 11.25
C LEU A 261 -71.01 -7.35 12.34
N TYR A 262 -70.98 -6.05 12.04
CA TYR A 262 -70.49 -5.07 13.02
C TYR A 262 -71.43 -4.86 14.21
N VAL A 263 -72.73 -5.12 14.01
CA VAL A 263 -73.69 -5.01 15.12
C VAL A 263 -73.35 -6.01 16.23
N PRO A 264 -73.09 -5.49 17.45
CA PRO A 264 -72.72 -6.27 18.63
C PRO A 264 -73.70 -7.39 18.97
N ASP A 265 -74.98 -7.08 18.96
CA ASP A 265 -76.01 -8.06 19.29
C ASP A 265 -76.94 -8.29 18.10
N PRO A 266 -76.52 -9.18 17.18
CA PRO A 266 -77.27 -9.43 15.95
C PRO A 266 -78.64 -9.98 16.28
N ASP A 267 -79.64 -9.65 15.48
CA ASP A 267 -81.00 -10.10 15.74
C ASP A 267 -81.13 -11.52 15.18
N PRO A 268 -81.81 -12.41 15.93
CA PRO A 268 -81.89 -13.86 15.68
C PRO A 268 -82.17 -14.28 14.23
N THR A 269 -82.94 -13.49 13.49
CA THR A 269 -83.26 -13.85 12.12
C THR A 269 -82.06 -13.64 11.20
N LYS A 270 -81.22 -12.65 11.52
CA LYS A 270 -80.03 -12.36 10.73
C LYS A 270 -79.04 -13.50 10.79
N PHE A 271 -78.60 -13.83 12.00
CA PHE A 271 -77.60 -14.88 12.18
C PHE A 271 -78.05 -15.87 13.25
N PRO A 272 -78.68 -16.98 12.83
CA PRO A 272 -79.26 -17.94 13.77
C PRO A 272 -78.21 -18.71 14.57
N VAL A 273 -78.63 -19.27 15.70
CA VAL A 273 -77.73 -20.04 16.56
C VAL A 273 -77.44 -21.41 15.96
N ASN A 274 -76.15 -21.73 15.83
CA ASN A 274 -75.74 -23.04 15.35
C ASN A 274 -75.57 -23.98 16.54
N ARG A 275 -76.43 -24.98 16.63
CA ARG A 275 -76.45 -25.86 17.78
C ARG A 275 -75.63 -27.12 17.53
N ASN A 276 -75.01 -27.18 16.35
CA ASN A 276 -74.19 -28.32 15.96
C ASN A 276 -72.68 -28.12 16.08
N LEU A 277 -72.25 -27.00 16.65
CA LEU A 277 -70.82 -26.67 16.69
C LEU A 277 -70.03 -27.59 17.61
N THR A 278 -68.99 -28.23 17.07
CA THR A 278 -68.10 -29.08 17.86
C THR A 278 -66.87 -28.32 18.30
N ARG A 279 -66.75 -27.08 17.79
CA ARG A 279 -65.59 -26.23 18.01
C ARG A 279 -66.03 -24.78 18.04
N LYS A 280 -65.57 -24.01 19.03
CA LYS A 280 -65.91 -22.58 19.06
C LYS A 280 -64.78 -21.71 19.61
N ALA A 281 -64.67 -20.51 19.07
CA ALA A 281 -63.66 -19.55 19.49
C ALA A 281 -64.19 -18.12 19.43
N GLY A 282 -63.87 -17.32 20.44
CA GLY A 282 -64.25 -15.92 20.44
C GLY A 282 -63.84 -15.22 21.72
N TYR A 283 -64.06 -13.92 21.79
CA TYR A 283 -63.71 -13.14 22.97
C TYR A 283 -64.81 -13.19 24.01
N LEU A 284 -64.39 -13.35 25.27
CA LEU A 284 -65.31 -13.37 26.39
C LEU A 284 -64.70 -12.60 27.56
N ASN A 285 -65.56 -12.12 28.46
CA ASN A 285 -65.06 -11.48 29.67
C ASN A 285 -65.19 -12.43 30.84
N ALA A 286 -64.17 -12.47 31.69
CA ALA A 286 -64.17 -13.40 32.80
C ALA A 286 -63.98 -12.64 34.10
N ARG A 287 -64.89 -12.87 35.03
CA ARG A 287 -64.78 -12.23 36.33
C ARG A 287 -63.88 -13.01 37.25
N ASN A 288 -62.82 -12.37 37.73
CA ASN A 288 -61.90 -12.98 38.67
C ASN A 288 -61.61 -12.00 39.80
N LYS A 289 -62.01 -12.36 41.01
CA LYS A 289 -61.95 -11.48 42.17
C LYS A 289 -60.54 -10.95 42.45
N SER A 295 -62.44 -7.50 42.00
CA SER A 295 -63.30 -8.23 41.07
C SER A 295 -63.48 -7.46 39.77
N THR A 296 -62.56 -7.68 38.83
CA THR A 296 -62.64 -7.02 37.53
C THR A 296 -63.16 -8.00 36.49
N TRP A 297 -63.35 -7.51 35.26
CA TRP A 297 -63.77 -8.37 34.17
C TRP A 297 -62.79 -8.20 33.00
N ASP A 298 -62.02 -9.25 32.72
CA ASP A 298 -60.98 -9.17 31.71
C ASP A 298 -61.39 -9.83 30.40
N ARG A 299 -61.24 -9.09 29.30
CA ARG A 299 -61.52 -9.63 27.98
C ARG A 299 -60.36 -10.50 27.51
N GLN A 300 -60.68 -11.75 27.15
CA GLN A 300 -59.69 -12.68 26.66
C GLN A 300 -60.29 -13.51 25.53
N PHE A 301 -59.43 -14.13 24.71
CA PHE A 301 -59.91 -14.97 23.63
C PHE A 301 -60.02 -16.42 24.07
N TYR A 302 -61.24 -16.94 24.08
CA TYR A 302 -61.47 -18.34 24.46
C TYR A 302 -61.66 -19.20 23.22
N PHE A 303 -61.13 -20.42 23.26
CA PHE A 303 -61.30 -21.36 22.16
C PHE A 303 -61.25 -22.79 22.67
N THR A 304 -62.02 -23.67 22.05
CA THR A 304 -61.99 -25.08 22.40
C THR A 304 -60.90 -25.82 21.64
N GLN A 305 -60.12 -26.63 22.36
CA GLN A 305 -59.13 -27.50 21.74
C GLN A 305 -59.17 -28.86 22.41
N GLY A 306 -59.53 -29.88 21.65
CA GLY A 306 -59.79 -31.20 22.20
C GLY A 306 -60.93 -31.12 23.19
N GLY A 307 -60.70 -31.60 24.39
CA GLY A 307 -61.71 -31.57 25.44
C GLY A 307 -61.44 -30.46 26.43
N ASN A 308 -60.68 -29.47 26.00
CA ASN A 308 -60.32 -28.36 26.86
C ASN A 308 -60.83 -27.01 26.36
N LEU A 309 -61.20 -26.15 27.31
CA LEU A 309 -61.47 -24.75 27.01
C LEU A 309 -60.22 -23.95 27.35
N MET A 310 -59.61 -23.38 26.31
CA MET A 310 -58.37 -22.62 26.45
C MET A 310 -58.65 -21.12 26.31
N SER A 311 -57.84 -20.30 26.98
CA SER A 311 -57.97 -18.86 26.84
C SER A 311 -56.62 -18.18 26.68
N GLN A 312 -56.63 -17.06 25.96
CA GLN A 312 -55.43 -16.28 25.73
C GLN A 312 -55.76 -14.79 25.73
N ALA A 313 -55.07 -14.03 26.56
CA ALA A 313 -55.22 -12.59 26.56
C ALA A 313 -54.66 -12.02 25.26
N ARG A 314 -55.39 -11.10 24.64
CA ARG A 314 -54.90 -10.47 23.42
C ARG A 314 -53.71 -9.59 23.79
N GLY A 315 -52.62 -9.75 23.05
CA GLY A 315 -51.38 -9.08 23.37
C GLY A 315 -50.54 -9.86 24.37
N ASP A 316 -50.73 -11.18 24.39
CA ASP A 316 -49.82 -12.10 25.06
C ASP A 316 -49.46 -13.16 24.01
N VAL A 317 -48.35 -13.85 24.22
CA VAL A 317 -47.72 -14.64 23.17
C VAL A 317 -48.28 -16.08 23.14
N ALA A 318 -48.90 -16.51 24.23
CA ALA A 318 -49.47 -17.86 24.27
C ALA A 318 -50.66 -18.01 25.22
N GLY A 319 -51.44 -19.07 25.00
CA GLY A 319 -52.63 -19.34 25.79
C GLY A 319 -52.40 -20.08 27.10
N GLY A 320 -53.50 -20.58 27.67
CA GLY A 320 -53.45 -21.32 28.91
C GLY A 320 -54.73 -22.10 29.12
N LEU A 321 -54.65 -23.17 29.93
CA LEU A 321 -55.82 -23.98 30.24
C LEU A 321 -56.80 -23.20 31.10
N ALA A 322 -58.02 -23.08 30.64
CA ALA A 322 -59.08 -22.45 31.41
C ALA A 322 -59.89 -23.52 32.12
N MET A 323 -60.50 -24.43 31.36
CA MET A 323 -61.28 -25.50 31.96
C MET A 323 -61.15 -26.83 31.23
N ASP A 324 -61.41 -27.93 31.94
CA ASP A 324 -61.51 -29.23 31.29
C ASP A 324 -62.99 -29.54 31.10
N ILE A 325 -63.44 -29.43 29.85
CA ILE A 325 -64.85 -29.50 29.53
C ILE A 325 -65.34 -30.85 28.99
N ASP A 326 -64.49 -31.88 29.03
CA ASP A 326 -64.87 -33.14 28.37
C ASP A 326 -65.89 -33.91 29.21
N ASN A 327 -65.94 -33.62 30.50
CA ASN A 327 -67.02 -34.09 31.35
C ASN A 327 -67.46 -32.95 32.26
N CYS A 328 -68.62 -32.37 31.98
CA CYS A 328 -69.07 -31.20 32.73
C CYS A 328 -70.51 -30.80 32.46
N SER A 329 -70.93 -29.72 33.13
CA SER A 329 -72.20 -29.07 32.87
C SER A 329 -71.95 -27.58 32.67
N VAL A 330 -72.90 -26.89 32.05
CA VAL A 330 -72.74 -25.45 31.84
C VAL A 330 -74.11 -24.79 31.86
N MET A 331 -74.22 -23.62 32.48
CA MET A 331 -75.51 -22.94 32.55
C MET A 331 -75.41 -21.42 32.52
N ALA A 332 -76.49 -20.79 32.10
CA ALA A 332 -76.59 -19.33 32.17
C ALA A 332 -76.60 -18.91 33.62
N VAL A 333 -75.93 -17.79 33.91
CA VAL A 333 -75.77 -17.34 35.28
C VAL A 333 -76.01 -15.83 35.38
N ASP A 334 -76.66 -15.40 36.46
CA ASP A 334 -76.80 -13.98 36.71
C ASP A 334 -75.68 -13.51 37.63
N CYS A 335 -74.87 -12.57 37.14
CA CYS A 335 -73.79 -12.02 37.96
C CYS A 335 -73.57 -10.54 37.67
N GLU A 336 -73.55 -9.73 38.73
CA GLU A 336 -73.22 -8.32 38.64
C GLU A 336 -74.08 -7.54 37.65
N ASP A 337 -75.31 -8.03 37.45
CA ASP A 337 -76.30 -7.42 36.55
C ASP A 337 -75.83 -7.43 35.09
N ARG A 338 -74.87 -8.30 34.78
CA ARG A 338 -74.26 -8.33 33.45
C ARG A 338 -75.10 -9.17 32.48
N ARG A 339 -74.99 -8.87 31.19
CA ARG A 339 -75.75 -9.59 30.17
C ARG A 339 -74.98 -10.76 29.57
N TYR A 340 -75.69 -11.86 29.36
CA TYR A 340 -75.14 -13.02 28.66
C TYR A 340 -73.98 -13.66 29.40
N CYS A 341 -74.14 -13.85 30.70
CA CYS A 341 -73.14 -14.55 31.50
C CYS A 341 -73.44 -16.04 31.60
N PHE A 342 -72.40 -16.87 31.61
CA PHE A 342 -72.58 -18.30 31.82
C PHE A 342 -71.40 -18.88 32.60
N GLN A 343 -71.59 -20.07 33.16
CA GLN A 343 -70.56 -20.70 33.96
C GLN A 343 -70.53 -22.22 33.77
N ILE A 344 -69.34 -22.78 33.88
CA ILE A 344 -69.12 -24.22 33.74
C ILE A 344 -68.88 -24.86 35.11
N THR A 345 -69.34 -26.09 35.26
CA THR A 345 -69.15 -26.86 36.49
C THR A 345 -68.65 -28.26 36.12
N SER A 346 -67.45 -28.58 36.56
CA SER A 346 -66.90 -29.93 36.37
C SER A 346 -67.74 -30.96 37.13
N PHE A 347 -67.66 -32.21 36.72
CA PHE A 347 -68.36 -33.28 37.44
C PHE A 347 -67.71 -33.45 38.81
N ASP A 348 -66.50 -32.91 38.93
CA ASP A 348 -65.81 -32.79 40.21
C ASP A 348 -66.54 -31.85 41.15
N GLY A 349 -67.18 -30.84 40.57
CA GLY A 349 -67.76 -29.75 41.34
C GLY A 349 -66.96 -28.48 41.14
N LYS A 350 -65.80 -28.61 40.52
CA LYS A 350 -64.96 -27.46 40.19
C LYS A 350 -65.67 -26.57 39.19
N LYS A 351 -65.71 -25.27 39.48
CA LYS A 351 -66.41 -24.33 38.62
C LYS A 351 -65.45 -23.41 37.88
N SER A 352 -65.86 -22.95 36.70
CA SER A 352 -65.07 -22.01 35.93
C SER A 352 -65.31 -20.59 36.41
N SER A 353 -64.58 -19.64 35.83
CA SER A 353 -64.90 -18.24 36.00
C SER A 353 -66.23 -17.95 35.33
N ILE A 354 -66.97 -16.98 35.83
CA ILE A 354 -68.18 -16.56 35.12
C ILE A 354 -67.79 -15.82 33.85
N LEU A 355 -68.34 -16.28 32.73
CA LEU A 355 -67.93 -15.81 31.42
C LEU A 355 -69.06 -15.06 30.74
N GLN A 356 -68.72 -13.91 30.16
CA GLN A 356 -69.72 -13.04 29.54
C GLN A 356 -69.54 -12.95 28.03
N ALA A 357 -70.60 -13.25 27.28
CA ALA A 357 -70.55 -13.08 25.84
C ALA A 357 -71.06 -11.70 25.47
N GLU A 358 -70.92 -11.35 24.19
CA GLU A 358 -71.33 -10.03 23.72
C GLU A 358 -72.73 -10.04 23.11
N SER A 359 -73.26 -11.25 22.89
CA SER A 359 -74.53 -11.39 22.18
C SER A 359 -75.29 -12.62 22.64
N LYS A 360 -76.58 -12.66 22.35
CA LYS A 360 -77.45 -13.77 22.70
C LYS A 360 -77.01 -15.01 21.92
N LYS A 361 -76.62 -14.78 20.67
CA LYS A 361 -76.14 -15.83 19.77
C LYS A 361 -74.90 -16.50 20.33
N ASP A 362 -73.92 -15.71 20.75
CA ASP A 362 -72.69 -16.26 21.31
C ASP A 362 -72.92 -16.90 22.67
N HIS A 363 -73.87 -16.37 23.43
CA HIS A 363 -74.22 -16.94 24.72
C HIS A 363 -74.72 -18.38 24.54
N GLU A 364 -75.77 -18.52 23.73
CA GLU A 364 -76.38 -19.83 23.56
C GLU A 364 -75.50 -20.77 22.76
N GLU A 365 -74.69 -20.21 21.86
CA GLU A 365 -73.73 -21.02 21.12
C GLU A 365 -72.59 -21.54 21.99
N TRP A 366 -72.13 -20.73 22.95
CA TRP A 366 -71.11 -21.18 23.88
C TRP A 366 -71.66 -22.31 24.76
N ILE A 367 -72.81 -22.06 25.37
CA ILE A 367 -73.45 -23.06 26.21
C ILE A 367 -73.66 -24.37 25.44
N CYS A 368 -74.27 -24.24 24.27
CA CYS A 368 -74.61 -25.38 23.44
C CYS A 368 -73.37 -26.15 22.96
N THR A 369 -72.33 -25.40 22.59
CA THR A 369 -71.09 -26.00 22.12
C THR A 369 -70.40 -26.80 23.22
N ILE A 370 -70.33 -26.21 24.41
CA ILE A 370 -69.73 -26.90 25.54
C ILE A 370 -70.53 -28.17 25.85
N ASN A 371 -71.85 -28.07 25.78
CA ASN A 371 -72.70 -29.24 25.92
C ASN A 371 -72.44 -30.32 24.87
N ASN A 372 -72.20 -29.90 23.63
CA ASN A 372 -71.88 -30.84 22.55
C ASN A 372 -70.55 -31.53 22.76
N ILE A 373 -69.57 -30.80 23.29
CA ILE A 373 -68.24 -31.36 23.52
C ILE A 373 -68.24 -32.31 24.73
N SER A 374 -68.95 -31.97 25.79
CA SER A 374 -68.98 -32.81 26.98
C SER A 374 -69.92 -34.01 26.80
N LYS A 375 -69.95 -34.88 27.81
CA LYS A 375 -70.81 -36.06 27.78
C LYS A 375 -72.28 -35.69 27.74
N ASP B 5 -44.37 -15.44 6.28
CA ASP B 5 -45.77 -15.54 5.88
C ASP B 5 -46.34 -14.18 5.48
N LYS B 6 -47.65 -14.11 5.37
CA LYS B 6 -48.34 -12.86 5.06
C LYS B 6 -49.43 -12.62 6.09
N LEU B 7 -49.86 -11.36 6.24
CA LEU B 7 -51.00 -11.06 7.09
C LEU B 7 -52.28 -11.39 6.35
N LEU B 8 -53.18 -12.10 7.03
CA LEU B 8 -54.45 -12.48 6.42
C LEU B 8 -55.51 -11.43 6.71
N LEU B 9 -55.98 -10.78 5.65
CA LEU B 9 -56.99 -9.73 5.79
C LEU B 9 -58.33 -10.25 6.30
N GLU B 10 -58.68 -11.48 5.94
CA GLU B 10 -59.97 -12.06 6.33
C GLU B 10 -60.01 -12.42 7.81
N GLU B 11 -58.84 -12.51 8.43
CA GLU B 11 -58.75 -12.79 9.87
C GLU B 11 -58.64 -11.52 10.68
N ALA B 12 -58.67 -10.37 10.00
CA ALA B 12 -58.51 -9.08 10.66
C ALA B 12 -59.68 -8.79 11.59
N LEU B 13 -60.90 -9.00 11.09
CA LEU B 13 -62.12 -8.68 11.83
C LEU B 13 -62.20 -9.44 13.14
N GLN B 14 -61.85 -10.73 13.13
CA GLN B 14 -61.89 -11.54 14.34
C GLN B 14 -60.93 -10.99 15.40
N ASP B 15 -59.76 -10.56 14.95
CA ASP B 15 -58.75 -9.92 15.79
C ASP B 15 -58.31 -10.82 16.94
N SER B 16 -57.94 -12.06 16.62
CA SER B 16 -57.44 -13.01 17.61
C SER B 16 -56.03 -12.64 18.05
N PRO B 17 -55.62 -13.06 19.26
CA PRO B 17 -54.29 -12.76 19.78
C PRO B 17 -53.16 -13.30 18.91
N GLN B 18 -53.44 -14.35 18.15
CA GLN B 18 -52.47 -14.92 17.23
C GLN B 18 -52.23 -13.96 16.06
N THR B 19 -53.32 -13.41 15.54
CA THR B 19 -53.28 -12.38 14.51
C THR B 19 -52.46 -11.19 15.01
N ARG B 20 -52.73 -10.79 16.25
CA ARG B 20 -51.99 -9.71 16.88
C ARG B 20 -50.51 -10.04 17.01
N SER B 21 -50.19 -11.32 17.22
CA SER B 21 -48.82 -11.76 17.34
C SER B 21 -48.07 -11.59 16.01
N LEU B 22 -48.69 -12.07 14.94
CA LEU B 22 -48.09 -11.95 13.61
C LEU B 22 -47.94 -10.48 13.23
N LEU B 23 -48.95 -9.70 13.57
CA LEU B 23 -48.92 -8.25 13.36
C LEU B 23 -47.75 -7.63 14.09
N SER B 24 -47.55 -8.04 15.34
CA SER B 24 -46.45 -7.53 16.16
C SER B 24 -45.09 -7.86 15.53
N VAL B 25 -44.97 -9.06 14.98
CA VAL B 25 -43.74 -9.44 14.28
C VAL B 25 -43.47 -8.47 13.11
N PHE B 26 -44.50 -8.32 12.27
CA PHE B 26 -44.45 -7.41 11.14
C PHE B 26 -44.03 -6.00 11.56
N GLU B 27 -44.62 -5.50 12.65
CA GLU B 27 -44.31 -4.18 13.18
C GLU B 27 -42.85 -4.09 13.61
N GLU B 28 -42.38 -5.12 14.31
CA GLU B 28 -41.03 -5.13 14.84
C GLU B 28 -39.97 -5.04 13.72
N ASP B 29 -40.12 -5.82 12.65
CA ASP B 29 -39.05 -5.72 11.64
C ASP B 29 -39.38 -4.62 10.61
N ALA B 30 -40.58 -4.06 10.71
CA ALA B 30 -40.86 -2.77 10.08
C ALA B 30 -39.96 -1.71 10.70
N GLY B 31 -39.90 -1.69 12.03
CA GLY B 31 -39.02 -0.78 12.74
C GLY B 31 -37.57 -1.03 12.38
N THR B 32 -37.18 -2.30 12.37
CA THR B 32 -35.83 -2.68 11.95
C THR B 32 -35.50 -2.11 10.57
N LEU B 33 -36.42 -2.32 9.64
CA LEU B 33 -36.28 -1.79 8.28
C LEU B 33 -36.07 -0.28 8.29
N THR B 34 -36.88 0.43 9.06
CA THR B 34 -36.76 1.88 9.15
C THR B 34 -35.37 2.32 9.60
N ASP B 35 -34.87 1.68 10.65
CA ASP B 35 -33.54 2.01 11.17
C ASP B 35 -32.47 1.78 10.10
N TYR B 36 -32.52 0.62 9.45
CA TYR B 36 -31.55 0.33 8.40
C TYR B 36 -31.61 1.31 7.24
N THR B 37 -32.83 1.73 6.87
CA THR B 37 -32.98 2.70 5.78
C THR B 37 -32.38 4.04 6.19
N ASN B 38 -32.49 4.41 7.46
CA ASN B 38 -31.81 5.61 7.96
C ASN B 38 -30.30 5.52 7.80
N GLN B 39 -29.74 4.40 8.22
CA GLN B 39 -28.30 4.19 8.11
C GLN B 39 -27.85 4.27 6.65
N LEU B 40 -28.56 3.54 5.80
CA LEU B 40 -28.27 3.51 4.36
C LEU B 40 -28.33 4.91 3.77
N LEU B 41 -29.32 5.68 4.19
CA LEU B 41 -29.45 7.07 3.76
C LEU B 41 -28.21 7.89 4.11
N GLN B 42 -27.72 7.72 5.34
CA GLN B 42 -26.50 8.42 5.73
C GLN B 42 -25.33 8.03 4.84
N ALA B 43 -25.16 6.74 4.61
CA ALA B 43 -24.09 6.25 3.74
C ALA B 43 -24.16 6.86 2.33
N MET B 44 -25.35 6.78 1.73
CA MET B 44 -25.58 7.32 0.39
C MET B 44 -25.26 8.80 0.32
N GLN B 45 -25.78 9.56 1.27
CA GLN B 45 -25.53 11.00 1.32
C GLN B 45 -24.04 11.30 1.46
N ARG B 46 -23.31 10.44 2.17
CA ARG B 46 -21.86 10.63 2.26
C ARG B 46 -21.18 10.37 0.91
N VAL B 47 -21.63 9.34 0.20
CA VAL B 47 -21.08 9.05 -1.12
C VAL B 47 -21.32 10.21 -2.10
N TYR B 48 -22.58 10.66 -2.17
CA TYR B 48 -22.96 11.79 -3.00
C TYR B 48 -22.17 13.05 -2.64
N GLY B 49 -22.08 13.35 -1.35
CA GLY B 49 -21.31 14.49 -0.88
C GLY B 49 -19.87 14.42 -1.33
N ALA B 50 -19.29 13.23 -1.25
CA ALA B 50 -17.90 13.01 -1.66
C ALA B 50 -17.72 13.30 -3.15
N GLN B 51 -18.63 12.76 -3.96
CA GLN B 51 -18.58 13.01 -5.40
C GLN B 51 -18.67 14.50 -5.70
N ASN B 52 -19.60 15.16 -5.03
CA ASN B 52 -19.77 16.61 -5.15
C ASN B 52 -18.52 17.41 -4.81
N GLU B 53 -17.86 17.05 -3.72
CA GLU B 53 -16.67 17.78 -3.31
C GLU B 53 -15.52 17.48 -4.29
N MET B 54 -15.53 16.30 -4.91
CA MET B 54 -14.58 16.02 -5.98
C MET B 54 -14.84 16.96 -7.17
N CYS B 55 -16.11 17.20 -7.46
CA CYS B 55 -16.49 18.15 -8.50
C CYS B 55 -15.90 19.52 -8.20
N LEU B 56 -16.17 20.02 -6.99
CA LEU B 56 -15.67 21.32 -6.57
C LEU B 56 -14.13 21.38 -6.63
N ALA B 57 -13.49 20.30 -6.23
CA ALA B 57 -12.03 20.21 -6.23
C ALA B 57 -11.47 20.37 -7.64
N THR B 58 -12.00 19.57 -8.57
CA THR B 58 -11.55 19.66 -9.96
C THR B 58 -11.82 21.05 -10.54
N GLN B 59 -12.98 21.61 -10.21
CA GLN B 59 -13.30 22.98 -10.63
C GLN B 59 -12.23 23.96 -10.17
N GLN B 60 -11.87 23.88 -8.89
CA GLN B 60 -10.84 24.74 -8.34
C GLN B 60 -9.49 24.54 -9.04
N LEU B 61 -9.13 23.28 -9.26
CA LEU B 61 -7.88 22.97 -9.95
C LEU B 61 -7.83 23.63 -11.32
N SER B 62 -8.92 23.49 -12.06
CA SER B 62 -9.03 24.08 -13.39
C SER B 62 -8.87 25.60 -13.32
N LYS B 63 -9.58 26.22 -12.38
CA LYS B 63 -9.52 27.67 -12.23
C LYS B 63 -8.10 28.13 -11.89
N GLN B 64 -7.41 27.33 -11.08
CA GLN B 64 -6.03 27.59 -10.69
C GLN B 64 -5.05 27.50 -11.86
N LEU B 65 -5.21 26.47 -12.68
CA LEU B 65 -4.32 26.29 -13.84
C LEU B 65 -4.40 27.48 -14.80
N LEU B 66 -5.61 28.01 -14.96
CA LEU B 66 -5.86 29.18 -15.79
C LEU B 66 -5.30 30.46 -15.20
N ALA B 67 -5.22 30.52 -13.88
CA ALA B 67 -4.72 31.71 -13.20
C ALA B 67 -3.24 32.01 -13.46
N TYR B 68 -2.49 30.99 -13.90
CA TYR B 68 -1.05 31.16 -14.16
C TYR B 68 -0.69 32.22 -15.19
N GLU B 69 -1.41 32.23 -16.31
CA GLU B 69 -1.21 33.24 -17.36
C GLU B 69 -1.67 34.60 -16.89
N LYS B 70 -2.75 34.60 -16.11
CA LYS B 70 -3.29 35.82 -15.54
C LYS B 70 -2.25 36.39 -14.60
N GLN B 71 -1.36 35.52 -14.15
CA GLN B 71 -0.21 35.94 -13.38
C GLN B 71 0.79 36.69 -14.26
N ASN B 72 1.30 37.74 -13.64
CA ASN B 72 2.22 38.70 -14.17
C ASN B 72 3.36 38.74 -13.19
N PHE B 73 4.54 39.21 -13.63
CA PHE B 73 5.47 39.89 -12.73
C PHE B 73 6.87 39.92 -13.35
N ALA B 74 7.86 40.38 -12.59
CA ALA B 74 9.07 41.11 -13.05
C ALA B 74 10.04 40.53 -14.11
N LEU B 75 10.29 39.23 -14.12
CA LEU B 75 11.34 38.74 -15.02
C LEU B 75 11.02 38.96 -16.50
N GLY B 76 9.78 38.69 -16.91
CA GLY B 76 9.41 38.82 -18.30
C GLY B 76 8.07 38.20 -18.61
N LYS B 77 7.89 37.80 -19.86
CA LYS B 77 6.68 37.08 -20.24
C LYS B 77 6.89 35.62 -19.87
N GLY B 78 5.93 35.05 -19.15
CA GLY B 78 6.00 33.64 -18.82
C GLY B 78 6.03 32.84 -20.10
N ASP B 79 6.78 31.75 -20.10
CA ASP B 79 6.92 30.87 -21.25
C ASP B 79 5.55 30.38 -21.68
N GLU B 80 5.39 30.23 -22.99
CA GLU B 80 4.12 29.88 -23.57
C GLU B 80 4.10 28.36 -23.80
N GLU B 81 5.21 27.72 -23.43
CA GLU B 81 5.29 26.26 -23.37
C GLU B 81 4.41 25.71 -22.25
N VAL B 82 4.68 26.24 -21.07
CA VAL B 82 3.95 25.90 -19.86
C VAL B 82 2.58 26.56 -19.84
N ILE B 83 2.47 27.73 -20.47
CA ILE B 83 1.19 28.39 -20.58
C ILE B 83 0.25 27.54 -21.43
N SER B 84 0.75 27.06 -22.57
CA SER B 84 -0.07 26.22 -23.43
C SER B 84 -0.38 24.89 -22.75
N THR B 85 0.65 24.28 -22.13
CA THR B 85 0.45 23.02 -21.42
C THR B 85 -0.60 23.14 -20.32
N LEU B 86 -0.48 24.17 -19.50
CA LEU B 86 -1.43 24.43 -18.41
C LEU B 86 -2.84 24.73 -18.91
N HIS B 87 -2.92 25.41 -20.05
CA HIS B 87 -4.22 25.71 -20.65
C HIS B 87 -4.90 24.41 -21.05
N TYR B 88 -4.13 23.55 -21.72
CA TYR B 88 -4.61 22.24 -22.14
C TYR B 88 -5.07 21.40 -20.95
N PHE B 89 -4.22 21.35 -19.93
CA PHE B 89 -4.53 20.62 -18.70
C PHE B 89 -5.81 21.14 -18.04
N SER B 90 -5.97 22.46 -18.02
CA SER B 90 -7.17 23.06 -17.45
C SER B 90 -8.40 22.61 -18.23
N LYS B 91 -8.27 22.51 -19.55
CA LYS B 91 -9.37 22.01 -20.38
C LYS B 91 -9.73 20.55 -20.03
N VAL B 92 -8.71 19.69 -19.96
CA VAL B 92 -8.91 18.29 -19.59
C VAL B 92 -9.59 18.16 -18.23
N VAL B 93 -9.09 18.91 -17.26
CA VAL B 93 -9.66 18.94 -15.92
C VAL B 93 -11.13 19.39 -15.96
N ASP B 94 -11.45 20.35 -16.83
CA ASP B 94 -12.84 20.75 -17.01
C ASP B 94 -13.72 19.61 -17.52
N GLU B 95 -13.21 18.87 -18.50
CA GLU B 95 -13.94 17.70 -19.02
C GLU B 95 -14.20 16.66 -17.93
N LEU B 96 -13.14 16.32 -17.19
CA LEU B 96 -13.24 15.37 -16.09
C LEU B 96 -14.24 15.86 -15.04
N ASN B 97 -14.20 17.16 -14.78
CA ASN B 97 -15.20 17.82 -13.95
C ASN B 97 -16.62 17.57 -14.44
N LEU B 98 -16.83 17.67 -15.76
CA LEU B 98 -18.14 17.42 -16.34
C LEU B 98 -18.59 16.00 -16.03
N LEU B 99 -17.70 15.04 -16.28
CA LEU B 99 -17.98 13.65 -15.91
C LEU B 99 -18.37 13.48 -14.44
N HIS B 100 -17.56 14.03 -13.54
CA HIS B 100 -17.81 13.93 -12.11
C HIS B 100 -19.18 14.53 -11.74
N THR B 101 -19.50 15.66 -12.36
CA THR B 101 -20.79 16.32 -12.12
C THR B 101 -21.95 15.43 -12.54
N GLU B 102 -21.81 14.82 -13.72
CA GLU B 102 -22.84 13.93 -14.21
C GLU B 102 -23.03 12.73 -13.29
N LEU B 103 -21.92 12.18 -12.79
CA LEU B 103 -21.97 11.09 -11.84
C LEU B 103 -22.67 11.50 -10.55
N ALA B 104 -22.35 12.70 -10.06
CA ALA B 104 -22.96 13.22 -8.84
C ALA B 104 -24.47 13.37 -9.00
N LYS B 105 -24.89 13.89 -10.14
CA LYS B 105 -26.31 14.10 -10.39
C LYS B 105 -27.01 12.76 -10.56
N GLN B 106 -26.27 11.79 -11.09
CA GLN B 106 -26.79 10.42 -11.21
C GLN B 106 -27.01 9.79 -9.84
N LEU B 107 -26.05 9.98 -8.94
CA LEU B 107 -26.18 9.46 -7.58
C LEU B 107 -27.37 10.11 -6.89
N ALA B 108 -27.50 11.42 -7.06
CA ALA B 108 -28.57 12.17 -6.40
C ALA B 108 -29.95 11.74 -6.92
N ASP B 109 -30.10 11.69 -8.24
CA ASP B 109 -31.39 11.36 -8.84
C ASP B 109 -31.76 9.89 -8.67
N THR B 110 -30.85 9.01 -9.07
CA THR B 110 -31.17 7.59 -9.20
C THR B 110 -30.75 6.74 -8.01
N MET B 111 -30.15 7.35 -6.98
CA MET B 111 -29.72 6.56 -5.84
C MET B 111 -30.21 7.10 -4.50
N VAL B 112 -29.75 8.29 -4.13
CA VAL B 112 -30.10 8.84 -2.83
C VAL B 112 -31.59 9.16 -2.66
N LEU B 113 -32.17 9.89 -3.60
CA LEU B 113 -33.55 10.35 -3.47
C LEU B 113 -34.61 9.24 -3.64
N PRO B 114 -34.34 8.20 -4.44
CA PRO B 114 -35.32 7.10 -4.37
C PRO B 114 -35.45 6.47 -2.97
N ILE B 115 -34.31 6.28 -2.31
CA ILE B 115 -34.34 5.76 -0.94
C ILE B 115 -35.08 6.75 -0.07
N ILE B 116 -34.72 8.02 -0.23
CA ILE B 116 -35.35 9.09 0.52
C ILE B 116 -36.87 9.08 0.37
N GLN B 117 -37.36 8.99 -0.87
CA GLN B 117 -38.79 9.06 -1.14
C GLN B 117 -39.49 7.84 -0.57
N PHE B 118 -38.79 6.72 -0.61
CA PHE B 118 -39.27 5.49 0.01
C PHE B 118 -39.57 5.78 1.46
N ARG B 119 -38.54 6.30 2.15
CA ARG B 119 -38.66 6.71 3.55
C ARG B 119 -39.78 7.66 3.86
N GLU B 120 -39.85 8.78 3.13
CA GLU B 120 -40.86 9.75 3.48
C GLU B 120 -42.20 9.08 3.32
N LYS B 121 -42.66 8.75 2.11
CA LYS B 121 -44.09 8.43 2.12
C LYS B 121 -44.49 6.94 2.16
N ASP B 122 -43.61 5.99 1.80
CA ASP B 122 -44.01 4.61 2.03
C ASP B 122 -43.93 4.31 3.53
N LEU B 123 -42.79 4.63 4.13
CA LEU B 123 -42.58 4.35 5.55
C LEU B 123 -43.50 5.20 6.43
N THR B 124 -43.65 6.49 6.14
CA THR B 124 -44.58 7.28 6.95
C THR B 124 -46.02 6.85 6.70
N GLU B 125 -46.34 6.41 5.48
CA GLU B 125 -47.68 5.87 5.26
C GLU B 125 -47.95 4.69 6.20
N VAL B 126 -46.98 3.77 6.27
CA VAL B 126 -47.10 2.63 7.19
C VAL B 126 -47.26 3.11 8.62
N SER B 127 -46.42 4.07 9.03
CA SER B 127 -46.50 4.64 10.37
C SER B 127 -47.89 5.20 10.70
N THR B 128 -48.37 6.09 9.85
CA THR B 128 -49.66 6.74 10.06
C THR B 128 -50.80 5.74 10.12
N LEU B 129 -50.85 4.84 9.13
CA LEU B 129 -51.87 3.79 9.13
C LEU B 129 -51.82 2.98 10.42
N LYS B 130 -50.60 2.75 10.92
CA LYS B 130 -50.41 2.05 12.19
C LYS B 130 -51.01 2.84 13.34
N ASP B 131 -50.87 4.16 13.31
CA ASP B 131 -51.37 4.98 14.41
C ASP B 131 -52.89 5.10 14.39
N LEU B 132 -53.48 5.09 13.19
CA LEU B 132 -54.93 5.11 13.08
C LEU B 132 -55.52 3.77 13.51
N PHE B 133 -54.81 2.69 13.16
CA PHE B 133 -55.18 1.37 13.63
C PHE B 133 -55.14 1.30 15.15
N GLY B 134 -54.10 1.91 15.73
CA GLY B 134 -53.97 1.96 17.18
C GLY B 134 -55.09 2.70 17.87
N LEU B 135 -55.37 3.92 17.43
CA LEU B 135 -56.42 4.71 18.07
C LEU B 135 -57.79 4.07 17.87
N ALA B 136 -58.03 3.53 16.68
CA ALA B 136 -59.29 2.82 16.41
C ALA B 136 -59.43 1.61 17.34
N SER B 137 -58.33 0.89 17.54
CA SER B 137 -58.31 -0.24 18.45
C SER B 137 -58.68 0.18 19.87
N ASN B 138 -58.02 1.22 20.39
CA ASN B 138 -58.33 1.72 21.72
C ASN B 138 -59.80 2.11 21.88
N GLU B 139 -60.29 2.90 20.93
CA GLU B 139 -61.67 3.35 20.93
C GLU B 139 -62.65 2.17 20.94
N HIS B 140 -62.39 1.17 20.09
CA HIS B 140 -63.22 -0.02 20.03
C HIS B 140 -63.21 -0.77 21.36
N ASP B 141 -62.04 -0.85 21.99
CA ASP B 141 -61.91 -1.51 23.29
C ASP B 141 -62.79 -0.81 24.32
N LEU B 142 -62.72 0.52 24.34
CA LEU B 142 -63.55 1.31 25.24
C LEU B 142 -65.04 1.05 24.99
N SER B 143 -65.42 1.05 23.71
CA SER B 143 -66.80 0.82 23.31
C SER B 143 -67.31 -0.52 23.83
N MET B 144 -66.51 -1.56 23.62
CA MET B 144 -66.85 -2.90 24.09
C MET B 144 -66.92 -2.98 25.61
N ALA B 145 -66.09 -2.18 26.29
CA ALA B 145 -66.16 -2.11 27.75
C ALA B 145 -67.51 -1.55 28.21
N LYS B 146 -67.93 -0.46 27.59
CA LYS B 146 -69.16 0.19 28.05
C LYS B 146 -70.40 -0.53 27.54
N TYR B 147 -70.23 -1.36 26.52
CA TYR B 147 -71.27 -2.28 26.11
C TYR B 147 -71.40 -3.43 27.11
N SER B 148 -70.27 -4.03 27.46
CA SER B 148 -70.22 -5.07 28.47
C SER B 148 -70.89 -4.66 29.77
N ARG B 149 -70.65 -3.42 30.22
CA ARG B 149 -71.18 -3.00 31.52
C ARG B 149 -72.69 -2.73 31.55
N LEU B 150 -73.36 -2.79 30.40
CA LEU B 150 -74.80 -2.54 30.33
C LEU B 150 -75.59 -3.48 31.25
N PRO B 151 -76.70 -2.98 31.84
CA PRO B 151 -77.43 -3.76 32.85
C PRO B 151 -78.32 -4.85 32.24
N LYS B 152 -78.45 -5.97 32.93
CA LYS B 152 -79.30 -7.08 32.50
C LYS B 152 -80.75 -6.96 32.98
N LYS B 153 -80.92 -6.89 34.30
CA LYS B 153 -82.25 -6.95 34.90
C LYS B 153 -83.13 -5.76 34.52
N LYS B 154 -82.63 -4.54 34.75
CA LYS B 154 -83.39 -3.35 34.38
C LYS B 154 -82.77 -2.75 33.13
N GLU B 155 -83.47 -2.88 32.01
CA GLU B 155 -82.89 -2.48 30.73
C GLU B 155 -83.53 -1.28 30.03
N ASN B 156 -82.72 -0.23 29.86
CA ASN B 156 -83.09 0.86 28.98
C ASN B 156 -82.66 0.50 27.57
N GLU B 157 -83.63 0.22 26.72
CA GLU B 157 -83.36 -0.25 25.37
C GLU B 157 -82.68 0.83 24.53
N LYS B 158 -83.00 2.08 24.82
CA LYS B 158 -82.43 3.21 24.09
C LYS B 158 -80.92 3.35 24.35
N VAL B 159 -80.55 3.44 25.63
CA VAL B 159 -79.15 3.47 26.01
C VAL B 159 -78.44 2.24 25.43
N LYS B 160 -79.07 1.07 25.54
CA LYS B 160 -78.49 -0.17 25.06
C LYS B 160 -78.28 -0.16 23.54
N THR B 161 -79.29 0.28 22.80
CA THR B 161 -79.21 0.26 21.34
C THR B 161 -78.21 1.32 20.84
N GLU B 162 -78.14 2.46 21.51
CA GLU B 162 -77.22 3.50 21.10
C GLU B 162 -75.78 3.09 21.42
N VAL B 163 -75.56 2.51 22.59
CA VAL B 163 -74.25 1.98 22.96
C VAL B 163 -73.82 0.90 21.96
N GLY B 164 -74.78 0.07 21.58
CA GLY B 164 -74.56 -0.94 20.57
C GLY B 164 -74.11 -0.29 19.27
N LYS B 165 -74.72 0.84 18.94
CA LYS B 165 -74.35 1.59 17.75
C LYS B 165 -72.92 2.13 17.83
N GLU B 166 -72.56 2.75 18.95
CA GLU B 166 -71.17 3.14 19.21
C GLU B 166 -70.22 1.97 18.93
N VAL B 167 -70.51 0.83 19.54
CA VAL B 167 -69.68 -0.37 19.40
C VAL B 167 -69.54 -0.81 17.96
N ALA B 168 -70.66 -0.84 17.24
CA ALA B 168 -70.67 -1.20 15.83
C ALA B 168 -69.81 -0.26 14.99
N ALA B 169 -69.95 1.04 15.24
CA ALA B 169 -69.19 2.05 14.51
C ALA B 169 -67.69 1.91 14.75
N ALA B 170 -67.30 1.84 16.02
CA ALA B 170 -65.90 1.69 16.40
C ALA B 170 -65.31 0.43 15.79
N ARG B 171 -66.08 -0.65 15.84
CA ARG B 171 -65.66 -1.93 15.28
C ARG B 171 -65.44 -1.85 13.77
N ARG B 172 -66.35 -1.18 13.08
CA ARG B 172 -66.23 -1.01 11.64
C ARG B 172 -64.99 -0.21 11.28
N LYS B 173 -64.81 0.91 11.98
CA LYS B 173 -63.67 1.78 11.72
C LYS B 173 -62.35 1.04 11.98
N GLN B 174 -62.28 0.29 13.07
CA GLN B 174 -61.07 -0.47 13.36
C GLN B 174 -60.84 -1.56 12.30
N HIS B 175 -61.93 -2.17 11.83
CA HIS B 175 -61.80 -3.20 10.81
C HIS B 175 -61.17 -2.62 9.55
N LEU B 176 -61.67 -1.46 9.14
CA LEU B 176 -61.15 -0.80 7.93
C LEU B 176 -59.70 -0.39 8.12
N SER B 177 -59.39 0.20 9.27
CA SER B 177 -58.01 0.61 9.58
C SER B 177 -57.07 -0.59 9.58
N SER B 178 -57.52 -1.70 10.13
CA SER B 178 -56.75 -2.93 10.20
C SER B 178 -56.49 -3.48 8.80
N LEU B 179 -57.51 -3.46 7.95
CA LEU B 179 -57.36 -3.91 6.57
C LEU B 179 -56.31 -3.06 5.85
N GLN B 180 -56.42 -1.73 6.00
CA GLN B 180 -55.48 -0.82 5.38
C GLN B 180 -54.05 -1.04 5.86
N TYR B 181 -53.89 -1.18 7.18
CA TYR B 181 -52.58 -1.40 7.79
C TYR B 181 -51.95 -2.71 7.32
N TYR B 182 -52.73 -3.78 7.31
CA TYR B 182 -52.22 -5.10 6.95
C TYR B 182 -51.81 -5.11 5.48
N CYS B 183 -52.65 -4.51 4.64
CA CYS B 183 -52.34 -4.36 3.22
C CYS B 183 -51.04 -3.57 3.06
N ALA B 184 -50.89 -2.54 3.88
CA ALA B 184 -49.69 -1.70 3.87
C ALA B 184 -48.43 -2.50 4.18
N LEU B 185 -48.50 -3.36 5.20
CA LEU B 185 -47.34 -4.15 5.59
C LEU B 185 -46.98 -5.19 4.53
N ASN B 186 -48.01 -5.91 4.06
CA ASN B 186 -47.82 -6.89 3.00
C ASN B 186 -47.20 -6.26 1.75
N ALA B 187 -47.62 -5.04 1.45
CA ALA B 187 -47.03 -4.27 0.35
C ALA B 187 -45.58 -3.90 0.67
N LEU B 188 -45.35 -3.54 1.92
CA LEU B 188 -44.04 -3.11 2.40
C LEU B 188 -43.01 -4.21 2.18
N GLN B 189 -43.46 -5.46 2.29
CA GLN B 189 -42.57 -6.59 2.07
C GLN B 189 -41.89 -6.57 0.70
N TYR B 190 -42.66 -6.27 -0.35
CA TYR B 190 -42.12 -6.13 -1.71
C TYR B 190 -41.41 -4.78 -1.91
N ARG B 191 -42.03 -3.73 -1.37
CA ARG B 191 -41.55 -2.37 -1.56
C ARG B 191 -40.18 -2.16 -0.93
N LYS B 192 -39.84 -2.95 0.08
CA LYS B 192 -38.49 -2.94 0.62
C LYS B 192 -37.48 -3.34 -0.47
N GLN B 193 -37.79 -4.44 -1.16
CA GLN B 193 -36.94 -4.98 -2.21
C GLN B 193 -36.79 -3.96 -3.31
N MET B 194 -37.90 -3.40 -3.77
CA MET B 194 -37.82 -2.40 -4.84
C MET B 194 -36.99 -1.19 -4.39
N ALA B 195 -37.24 -0.76 -3.16
CA ALA B 195 -36.57 0.43 -2.61
C ALA B 195 -35.07 0.25 -2.52
N MET B 196 -34.61 -0.97 -2.26
CA MET B 196 -33.16 -1.17 -2.17
C MET B 196 -32.52 -1.70 -3.44
N MET B 197 -33.33 -2.15 -4.39
CA MET B 197 -32.78 -2.56 -5.69
C MET B 197 -32.65 -1.42 -6.70
N GLU B 198 -33.59 -0.47 -6.67
CA GLU B 198 -33.52 0.69 -7.56
C GLU B 198 -32.21 1.51 -7.45
N PRO B 199 -31.78 1.86 -6.22
CA PRO B 199 -30.56 2.67 -6.08
C PRO B 199 -29.31 1.91 -6.51
N MET B 200 -29.33 0.60 -6.34
CA MET B 200 -28.23 -0.26 -6.78
C MET B 200 -28.06 -0.14 -8.29
N ILE B 201 -29.18 -0.19 -9.01
CA ILE B 201 -29.19 -0.08 -10.46
C ILE B 201 -28.75 1.31 -10.90
N GLY B 202 -29.26 2.35 -10.24
CA GLY B 202 -28.89 3.71 -10.57
C GLY B 202 -27.41 3.96 -10.39
N PHE B 203 -26.89 3.52 -9.25
CA PHE B 203 -25.48 3.62 -8.93
C PHE B 203 -24.64 2.89 -9.98
N ALA B 204 -25.08 1.69 -10.35
CA ALA B 204 -24.36 0.91 -11.36
C ALA B 204 -24.29 1.62 -12.71
N HIS B 205 -25.42 2.18 -13.15
CA HIS B 205 -25.45 2.93 -14.41
C HIS B 205 -24.54 4.16 -14.37
N GLY B 206 -24.65 4.92 -13.28
CA GLY B 206 -23.80 6.09 -13.10
C GLY B 206 -22.33 5.72 -13.19
N GLN B 207 -21.97 4.63 -12.54
CA GLN B 207 -20.59 4.18 -12.53
C GLN B 207 -20.10 3.71 -13.90
N ILE B 208 -20.92 2.94 -14.63
CA ILE B 208 -20.46 2.45 -15.93
C ILE B 208 -20.35 3.58 -16.95
N ASN B 209 -21.27 4.54 -16.93
CA ASN B 209 -21.16 5.65 -17.87
C ASN B 209 -19.96 6.53 -17.50
N PHE B 210 -19.77 6.76 -16.21
CA PHE B 210 -18.64 7.55 -15.72
C PHE B 210 -17.31 6.94 -16.15
N PHE B 211 -17.16 5.63 -15.96
CA PHE B 211 -15.90 4.96 -16.28
C PHE B 211 -15.71 4.77 -17.78
N LYS B 212 -16.81 4.63 -18.52
CA LYS B 212 -16.70 4.46 -19.97
C LYS B 212 -16.29 5.78 -20.62
N LYS B 213 -16.95 6.87 -20.23
CA LYS B 213 -16.62 8.18 -20.76
C LYS B 213 -15.26 8.64 -20.26
N GLY B 214 -14.90 8.23 -19.06
CA GLY B 214 -13.56 8.49 -18.53
C GLY B 214 -12.48 7.78 -19.33
N ALA B 215 -12.74 6.52 -19.66
CA ALA B 215 -11.83 5.73 -20.49
C ALA B 215 -11.69 6.35 -21.88
N GLU B 216 -12.80 6.81 -22.43
CA GLU B 216 -12.79 7.49 -23.72
C GLU B 216 -11.99 8.78 -23.66
N MET B 217 -12.15 9.51 -22.56
CA MET B 217 -11.45 10.77 -22.34
C MET B 217 -9.94 10.60 -22.33
N PHE B 218 -9.45 9.68 -21.51
CA PHE B 218 -8.00 9.47 -21.46
C PHE B 218 -7.70 8.28 -22.35
N SER B 219 -7.28 8.59 -23.57
CA SER B 219 -7.01 7.60 -24.60
C SER B 219 -5.52 7.33 -24.74
N LYS B 220 -5.16 6.62 -25.81
CA LYS B 220 -3.76 6.41 -26.15
C LYS B 220 -3.18 7.72 -26.68
N ARG B 221 -4.03 8.54 -27.27
CA ARG B 221 -3.62 9.86 -27.76
C ARG B 221 -3.21 10.76 -26.60
N MET B 222 -4.06 10.80 -25.58
CA MET B 222 -3.77 11.59 -24.38
C MET B 222 -2.46 11.15 -23.72
N ASP B 223 -2.16 9.87 -23.78
CA ASP B 223 -1.00 9.32 -23.08
C ASP B 223 0.25 9.56 -23.94
N SER B 224 0.10 9.61 -25.26
CA SER B 224 1.20 10.07 -26.10
C SER B 224 1.50 11.54 -25.81
N PHE B 225 0.45 12.36 -25.68
CA PHE B 225 0.63 13.75 -25.28
C PHE B 225 1.39 13.86 -23.96
N LEU B 226 0.96 13.08 -22.98
CA LEU B 226 1.63 13.06 -21.67
C LEU B 226 3.09 12.63 -21.81
N SER B 227 3.35 11.74 -22.76
CA SER B 227 4.71 11.28 -23.02
C SER B 227 5.56 12.42 -23.59
N SER B 228 4.96 13.21 -24.47
CA SER B 228 5.62 14.38 -25.03
C SER B 228 5.95 15.40 -23.94
N VAL B 229 4.95 15.69 -23.11
CA VAL B 229 5.14 16.61 -21.99
C VAL B 229 6.24 16.11 -21.08
N ALA B 230 6.25 14.80 -20.83
CA ALA B 230 7.28 14.15 -20.02
C ALA B 230 8.65 14.35 -20.64
N ASP B 231 8.74 14.26 -21.96
CA ASP B 231 10.01 14.43 -22.64
C ASP B 231 10.50 15.87 -22.57
N MET B 232 9.56 16.80 -22.62
CA MET B 232 9.88 18.21 -22.42
C MET B 232 10.43 18.41 -21.02
N VAL B 233 9.73 17.84 -20.04
CA VAL B 233 10.17 17.92 -18.66
C VAL B 233 11.58 17.36 -18.47
N GLN B 234 11.94 16.23 -19.06
CA GLN B 234 13.29 15.81 -18.75
C GLN B 234 14.33 16.51 -19.62
N SER B 235 13.94 17.07 -20.76
CA SER B 235 14.88 17.96 -21.44
C SER B 235 15.19 19.14 -20.53
N ILE B 236 14.14 19.79 -20.02
CA ILE B 236 14.31 20.91 -19.09
C ILE B 236 15.21 20.51 -17.92
N GLN B 237 15.02 19.29 -17.44
CA GLN B 237 15.84 18.78 -16.35
C GLN B 237 17.32 18.66 -16.81
N VAL B 238 17.59 17.99 -17.93
CA VAL B 238 18.97 17.78 -18.36
C VAL B 238 19.69 19.13 -18.57
N GLU B 239 18.97 20.15 -19.04
CA GLU B 239 19.60 21.44 -19.20
C GLU B 239 19.80 22.10 -17.83
N LEU B 240 18.90 21.77 -16.90
CA LEU B 240 19.02 22.25 -15.53
C LEU B 240 20.31 21.74 -14.88
N GLU B 241 20.60 20.43 -14.92
CA GLU B 241 21.82 19.98 -14.24
C GLU B 241 23.07 20.41 -15.02
N ALA B 242 22.96 20.50 -16.34
CA ALA B 242 24.12 20.90 -17.11
C ALA B 242 24.54 22.31 -16.67
N GLU B 243 23.58 23.22 -16.67
CA GLU B 243 23.86 24.59 -16.26
C GLU B 243 24.18 24.64 -14.77
N ALA B 244 23.65 23.68 -14.02
CA ALA B 244 23.88 23.60 -12.59
C ALA B 244 25.34 23.33 -12.24
N GLU B 245 25.98 22.35 -12.88
CA GLU B 245 27.38 22.07 -12.50
C GLU B 245 28.33 23.02 -13.25
N LYS B 246 27.86 23.55 -14.37
CA LYS B 246 28.61 24.64 -15.02
C LYS B 246 28.75 25.80 -14.03
N MET B 247 27.62 26.12 -13.39
CA MET B 247 27.60 27.14 -12.37
C MET B 247 28.34 26.67 -11.13
N ARG B 248 28.43 25.35 -10.93
CA ARG B 248 29.15 24.83 -9.78
C ARG B 248 30.64 25.14 -9.84
N VAL B 249 31.33 24.81 -10.93
CA VAL B 249 32.79 25.09 -11.01
C VAL B 249 33.11 26.56 -11.38
N SER B 250 32.18 27.25 -12.06
CA SER B 250 32.34 28.70 -12.16
C SER B 250 32.33 29.32 -10.75
N GLN B 251 31.40 28.84 -9.93
CA GLN B 251 31.34 29.24 -8.54
C GLN B 251 32.62 28.90 -7.79
N GLN B 252 33.14 27.69 -7.99
CA GLN B 252 34.21 27.25 -7.13
C GLN B 252 35.58 27.78 -7.53
N GLU B 253 35.74 28.31 -8.74
CA GLU B 253 36.96 29.11 -8.96
C GLU B 253 36.77 30.64 -8.91
N LEU B 254 35.54 31.14 -8.79
CA LEU B 254 35.44 32.55 -8.44
C LEU B 254 35.56 32.70 -6.91
N LEU B 255 35.10 31.68 -6.18
CA LEU B 255 35.11 31.73 -4.73
C LEU B 255 36.49 31.36 -4.19
N SER B 256 37.33 30.78 -5.04
CA SER B 256 38.69 30.49 -4.63
C SER B 256 39.64 31.55 -5.21
N VAL B 257 40.07 32.46 -4.34
CA VAL B 257 40.98 33.54 -4.68
C VAL B 257 41.86 33.78 -3.45
N ASP B 258 42.85 34.65 -3.56
CA ASP B 258 43.72 34.93 -2.41
C ASP B 258 43.02 35.93 -1.49
N GLU B 259 43.42 35.90 -0.22
CA GLU B 259 42.85 36.73 0.84
C GLU B 259 42.71 38.21 0.50
N SER B 260 43.73 38.73 -0.18
CA SER B 260 43.88 40.17 -0.38
C SER B 260 42.73 40.79 -1.17
N VAL B 261 42.10 39.99 -2.01
CA VAL B 261 40.97 40.45 -2.81
C VAL B 261 39.83 40.91 -1.90
N TYR B 262 39.64 40.23 -0.78
CA TYR B 262 38.62 40.62 0.18
C TYR B 262 39.16 41.59 1.24
N THR B 263 40.48 41.73 1.30
CA THR B 263 41.11 42.54 2.32
C THR B 263 41.31 43.98 1.86
N PRO B 264 40.72 44.94 2.61
CA PRO B 264 40.86 46.37 2.30
C PRO B 264 42.28 46.85 2.54
N ASP B 265 42.80 47.66 1.62
CA ASP B 265 44.18 48.14 1.69
C ASP B 265 45.16 46.98 1.72
N SER B 266 44.84 45.92 0.98
CA SER B 266 45.77 44.84 0.69
C SER B 266 47.11 45.40 0.19
N ASP B 267 47.01 46.08 -0.94
CA ASP B 267 48.12 46.74 -1.63
C ASP B 267 48.99 47.71 -0.80
N VAL B 268 48.50 48.15 0.35
CA VAL B 268 49.02 49.33 1.05
C VAL B 268 50.55 49.42 1.12
N ALA B 269 51.23 48.28 1.26
CA ALA B 269 52.69 48.27 1.30
C ALA B 269 53.29 48.75 -0.03
N ALA B 270 52.71 48.28 -1.13
CA ALA B 270 53.12 48.70 -2.46
C ALA B 270 51.91 48.79 -3.38
N PRO B 271 51.13 49.87 -3.25
CA PRO B 271 49.88 50.00 -3.99
C PRO B 271 50.10 50.04 -5.50
N GLN B 272 49.29 49.32 -6.26
CA GLN B 272 49.41 49.33 -7.71
C GLN B 272 48.34 50.24 -8.31
N ILE B 273 48.80 51.39 -8.75
CA ILE B 273 47.94 52.49 -9.14
C ILE B 273 47.99 52.74 -10.64
N ASN B 274 46.81 52.84 -11.26
CA ASN B 274 46.72 53.25 -12.65
C ASN B 274 46.42 54.74 -12.71
N ARG B 275 47.38 55.53 -13.16
CA ARG B 275 47.24 56.98 -13.11
C ARG B 275 46.62 57.58 -14.38
N ASN B 276 46.41 56.73 -15.38
CA ASN B 276 45.79 57.15 -16.63
C ASN B 276 44.31 56.78 -16.74
N LEU B 277 43.70 56.36 -15.61
CA LEU B 277 42.29 56.02 -15.63
C LEU B 277 41.42 57.23 -15.98
N ILE B 278 40.58 57.05 -16.99
CA ILE B 278 39.58 58.03 -17.36
C ILE B 278 38.19 57.63 -16.87
N GLN B 279 38.11 56.45 -16.24
CA GLN B 279 36.83 55.90 -15.81
C GLN B 279 36.97 55.10 -14.52
N LYS B 280 36.03 55.28 -13.59
CA LYS B 280 36.07 54.54 -12.34
C LYS B 280 34.69 54.34 -11.69
N ALA B 281 34.51 53.19 -11.06
CA ALA B 281 33.29 52.88 -10.32
C ALA B 281 33.60 52.14 -9.02
N GLY B 282 32.88 52.46 -7.96
CA GLY B 282 33.05 51.78 -6.69
C GLY B 282 32.31 52.44 -5.53
N TYR B 283 32.35 51.82 -4.37
CA TYR B 283 31.71 52.39 -3.19
C TYR B 283 32.59 53.43 -2.51
N LEU B 284 31.98 54.57 -2.20
CA LEU B 284 32.66 55.62 -1.45
C LEU B 284 31.77 56.10 -0.32
N ASN B 285 32.37 56.73 0.67
CA ASN B 285 31.59 57.34 1.73
C ASN B 285 31.42 58.84 1.49
N LEU B 286 30.17 59.25 1.33
CA LEU B 286 29.85 60.66 1.10
C LEU B 286 29.54 61.35 2.40
N ARG B 287 30.24 62.45 2.67
CA ARG B 287 29.99 63.21 3.87
C ARG B 287 28.86 64.21 3.63
N ASN B 288 27.94 64.26 4.58
CA ASN B 288 26.89 65.25 4.57
C ASN B 288 26.91 66.05 5.87
N LYS B 289 27.21 67.34 5.72
CA LYS B 289 27.25 68.29 6.83
C LYS B 289 26.21 69.38 6.59
N THR B 290 25.10 69.36 7.34
CA THR B 290 24.11 70.43 7.19
C THR B 290 24.17 71.50 8.30
N GLY B 291 24.95 71.25 9.36
CA GLY B 291 25.16 72.27 10.37
C GLY B 291 26.59 72.81 10.40
N LEU B 292 26.99 73.39 11.52
CA LEU B 292 28.39 73.78 11.69
C LEU B 292 29.14 72.74 12.49
N VAL B 293 28.41 71.75 13.00
CA VAL B 293 28.97 70.74 13.89
C VAL B 293 28.63 69.33 13.42
N THR B 294 27.35 69.03 13.36
CA THR B 294 26.88 67.66 13.17
C THR B 294 27.15 67.18 11.74
N THR B 295 27.68 65.96 11.62
CA THR B 295 28.08 65.42 10.34
C THR B 295 27.70 63.93 10.22
N THR B 296 27.35 63.52 9.01
CA THR B 296 27.06 62.11 8.74
C THR B 296 27.84 61.60 7.54
N TRP B 297 28.06 60.29 7.50
CA TRP B 297 28.69 59.67 6.34
C TRP B 297 27.79 58.58 5.79
N GLU B 298 27.69 58.49 4.47
CA GLU B 298 26.79 57.54 3.83
C GLU B 298 27.51 56.75 2.73
N ARG B 299 27.48 55.43 2.82
CA ARG B 299 28.14 54.61 1.81
C ARG B 299 27.26 54.53 0.57
N LEU B 300 27.79 55.03 -0.54
CA LEU B 300 27.05 55.09 -1.79
C LEU B 300 27.91 54.59 -2.94
N TYR B 301 27.27 54.19 -4.04
CA TYR B 301 27.99 53.81 -5.24
C TYR B 301 28.28 55.03 -6.08
N PHE B 302 29.52 55.13 -6.56
CA PHE B 302 29.92 56.26 -7.40
C PHE B 302 30.52 55.74 -8.68
N PHE B 303 30.09 56.29 -9.81
CA PHE B 303 30.71 55.91 -11.07
C PHE B 303 30.84 57.09 -12.03
N THR B 304 31.91 57.06 -12.82
CA THR B 304 32.11 58.07 -13.84
C THR B 304 31.51 57.65 -15.16
N GLN B 305 30.78 58.57 -15.78
CA GLN B 305 30.20 58.37 -17.09
C GLN B 305 30.48 59.62 -17.89
N GLY B 306 31.27 59.49 -18.95
CA GLY B 306 31.69 60.64 -19.71
C GLY B 306 32.56 61.54 -18.85
N GLY B 307 32.16 62.79 -18.71
CA GLY B 307 32.88 63.74 -17.88
C GLY B 307 32.14 64.01 -16.57
N ASN B 308 31.21 63.14 -16.21
CA ASN B 308 30.41 63.33 -15.02
C ASN B 308 30.57 62.27 -13.92
N LEU B 309 30.46 62.73 -12.68
CA LEU B 309 30.45 61.86 -11.51
C LEU B 309 29.02 61.62 -11.03
N MET B 310 28.64 60.34 -11.07
CA MET B 310 27.29 59.87 -10.77
C MET B 310 27.23 59.12 -9.43
N CYS B 311 26.13 59.29 -8.71
CA CYS B 311 25.97 58.65 -7.40
C CYS B 311 24.65 57.89 -7.24
N GLN B 312 24.75 56.59 -7.06
CA GLN B 312 23.61 55.70 -6.83
C GLN B 312 23.66 55.01 -5.47
N PRO B 313 22.66 55.28 -4.61
CA PRO B 313 22.56 54.54 -3.35
C PRO B 313 22.06 53.11 -3.57
N ARG B 314 22.54 52.16 -2.77
CA ARG B 314 22.12 50.78 -2.89
C ARG B 314 20.64 50.63 -2.56
N GLY B 315 19.90 49.97 -3.45
CA GLY B 315 18.46 49.84 -3.29
C GLY B 315 17.70 50.79 -4.17
N ALA B 316 18.43 51.65 -4.87
CA ALA B 316 17.83 52.62 -5.78
C ALA B 316 17.96 52.13 -7.22
N VAL B 317 16.89 52.29 -7.99
CA VAL B 317 16.86 51.80 -9.37
C VAL B 317 17.80 52.58 -10.28
N ALA B 318 17.89 53.89 -10.06
CA ALA B 318 18.72 54.73 -10.92
C ALA B 318 19.68 55.60 -10.14
N GLY B 319 20.85 55.87 -10.72
CA GLY B 319 21.80 56.79 -10.13
C GLY B 319 21.63 58.20 -10.66
N GLY B 320 21.94 59.19 -9.82
CA GLY B 320 21.87 60.58 -10.23
C GLY B 320 23.24 61.20 -10.43
N LEU B 321 23.28 62.40 -11.02
CA LEU B 321 24.52 63.14 -11.13
C LEU B 321 24.85 63.84 -9.82
N ILE B 322 25.96 63.47 -9.19
CA ILE B 322 26.40 64.20 -8.01
C ILE B 322 27.24 65.42 -8.40
N GLN B 323 28.11 65.30 -9.40
CA GLN B 323 28.94 66.44 -9.77
C GLN B 323 29.43 66.40 -11.22
N ASP B 324 29.58 67.57 -11.85
CA ASP B 324 30.20 67.63 -13.17
C ASP B 324 31.69 67.84 -12.94
N LEU B 325 32.49 66.92 -13.46
CA LEU B 325 33.90 66.90 -13.11
C LEU B 325 34.87 67.58 -14.06
N ASP B 326 34.40 68.22 -15.12
CA ASP B 326 35.38 68.49 -16.15
C ASP B 326 36.24 69.74 -15.94
N ASN B 327 35.66 70.83 -15.43
CA ASN B 327 36.50 71.89 -14.94
C ASN B 327 36.61 71.98 -13.42
N CYS B 328 36.36 70.87 -12.73
CA CYS B 328 36.51 70.85 -11.28
C CYS B 328 37.93 70.38 -10.95
N SER B 329 38.25 70.38 -9.65
CA SER B 329 39.54 69.85 -9.19
C SER B 329 39.32 68.85 -8.05
N VAL B 330 40.29 67.98 -7.81
CA VAL B 330 40.18 67.03 -6.72
C VAL B 330 41.53 66.82 -6.02
N MET B 331 41.50 66.72 -4.69
CA MET B 331 42.74 66.52 -3.94
C MET B 331 42.51 65.75 -2.64
N ALA B 332 43.53 65.01 -2.19
CA ALA B 332 43.46 64.34 -0.91
C ALA B 332 43.34 65.37 0.21
N VAL B 333 42.44 65.11 1.16
CA VAL B 333 42.25 66.00 2.29
C VAL B 333 42.15 65.24 3.60
N ASP B 334 42.03 65.96 4.70
CA ASP B 334 41.83 65.36 6.01
C ASP B 334 40.49 65.79 6.61
N CYS B 335 39.65 64.81 6.95
CA CYS B 335 38.36 65.12 7.57
C CYS B 335 38.05 64.17 8.72
N GLU B 336 37.89 64.73 9.91
CA GLU B 336 37.47 63.98 11.09
C GLU B 336 38.36 62.78 11.39
N ASP B 337 39.66 62.95 11.18
CA ASP B 337 40.66 61.93 11.48
C ASP B 337 40.32 60.62 10.75
N ARG B 338 39.80 60.75 9.54
CA ARG B 338 39.43 59.58 8.74
C ARG B 338 40.48 59.31 7.67
N ARG B 339 40.67 58.03 7.35
CA ARG B 339 41.66 57.63 6.37
C ARG B 339 41.12 57.70 4.95
N TYR B 340 41.98 58.18 4.04
CA TYR B 340 41.70 58.15 2.60
C TYR B 340 40.51 59.00 2.18
N CYS B 341 40.42 60.20 2.74
CA CYS B 341 39.44 61.17 2.27
C CYS B 341 40.04 62.05 1.18
N PHE B 342 39.24 62.33 0.15
CA PHE B 342 39.61 63.32 -0.86
C PHE B 342 38.41 64.21 -1.13
N GLN B 343 38.64 65.34 -1.78
CA GLN B 343 37.58 66.33 -1.96
C GLN B 343 37.61 66.94 -3.36
N ILE B 344 36.41 67.12 -3.90
CA ILE B 344 36.23 67.80 -5.17
C ILE B 344 35.84 69.25 -4.91
N THR B 345 36.63 70.17 -5.46
CA THR B 345 36.33 71.60 -5.45
C THR B 345 35.78 72.03 -6.80
N THR B 346 34.72 72.84 -6.75
CA THR B 346 33.95 73.26 -7.91
C THR B 346 34.72 74.28 -8.77
N PRO B 347 34.28 74.50 -10.03
CA PRO B 347 35.01 75.39 -10.94
C PRO B 347 35.31 76.79 -10.40
N ASN B 348 34.36 77.39 -9.68
CA ASN B 348 34.55 78.72 -9.14
C ASN B 348 35.55 78.77 -7.97
N GLY B 349 36.02 77.61 -7.54
CA GLY B 349 37.05 77.52 -6.51
C GLY B 349 36.56 77.22 -5.10
N LYS B 350 35.24 77.21 -4.91
CA LYS B 350 34.67 76.83 -3.63
C LYS B 350 35.00 75.38 -3.32
N SER B 351 35.42 75.09 -2.10
CA SER B 351 35.64 73.71 -1.70
C SER B 351 34.31 72.95 -1.65
N GLY B 352 34.27 71.87 -2.41
CA GLY B 352 33.06 71.10 -2.63
C GLY B 352 33.00 69.82 -1.84
N ILE B 353 32.46 68.79 -2.47
CA ILE B 353 32.09 67.56 -1.73
C ILE B 353 33.28 66.74 -1.25
N ILE B 354 33.09 66.07 -0.12
CA ILE B 354 34.13 65.24 0.50
C ILE B 354 33.76 63.77 0.47
N LEU B 355 34.68 62.95 -0.04
CA LEU B 355 34.46 61.52 -0.20
C LEU B 355 35.56 60.72 0.49
N GLN B 356 35.28 59.45 0.77
CA GLN B 356 36.22 58.58 1.46
C GLN B 356 36.33 57.21 0.79
N ALA B 357 37.55 56.78 0.50
CA ALA B 357 37.76 55.43 -0.02
C ALA B 357 38.26 54.50 1.08
N GLU B 358 38.37 53.22 0.76
CA GLU B 358 38.75 52.22 1.75
C GLU B 358 40.22 51.82 1.68
N SER B 359 40.94 52.33 0.67
CA SER B 359 42.32 51.94 0.45
C SER B 359 43.12 53.07 -0.15
N ARG B 360 44.45 52.98 0.01
CA ARG B 360 45.37 53.92 -0.62
C ARG B 360 45.12 53.95 -2.13
N LYS B 361 45.06 52.76 -2.73
CA LYS B 361 44.99 52.61 -4.17
C LYS B 361 43.71 53.21 -4.74
N GLU B 362 42.57 52.96 -4.09
CA GLU B 362 41.29 53.43 -4.62
C GLU B 362 41.17 54.94 -4.44
N ASN B 363 41.82 55.46 -3.40
CA ASN B 363 41.90 56.89 -3.18
C ASN B 363 42.68 57.58 -4.28
N GLU B 364 43.91 57.12 -4.49
CA GLU B 364 44.78 57.70 -5.49
C GLU B 364 44.20 57.55 -6.90
N GLU B 365 43.67 56.38 -7.20
CA GLU B 365 43.08 56.13 -8.51
C GLU B 365 41.81 56.93 -8.74
N TRP B 366 41.00 57.14 -7.69
CA TRP B 366 39.85 58.03 -7.81
C TRP B 366 40.31 59.45 -8.14
N ILE B 367 41.28 59.93 -7.36
CA ILE B 367 41.82 61.28 -7.56
C ILE B 367 42.36 61.48 -8.96
N CYS B 368 43.15 60.50 -9.41
CA CYS B 368 43.76 60.53 -10.73
C CYS B 368 42.72 60.44 -11.83
N ALA B 369 41.68 59.63 -11.61
CA ALA B 369 40.60 59.51 -12.57
C ALA B 369 39.91 60.85 -12.76
N ILE B 370 39.54 61.48 -11.64
CA ILE B 370 38.88 62.78 -11.70
C ILE B 370 39.77 63.87 -12.29
N ASN B 371 41.07 63.85 -11.96
CA ASN B 371 42.02 64.79 -12.54
C ASN B 371 42.14 64.63 -14.05
N ASN B 372 42.22 63.36 -14.49
CA ASN B 372 42.30 63.05 -15.90
C ASN B 372 41.06 63.48 -16.64
N ILE B 373 39.92 63.25 -16.02
CA ILE B 373 38.68 63.63 -16.66
C ILE B 373 38.65 65.14 -16.82
N SER B 374 39.15 65.87 -15.82
CA SER B 374 39.08 67.33 -15.84
C SER B 374 39.78 67.93 -17.05
N MET C 4 41.98 0.95 -24.32
CA MET C 4 42.64 0.84 -23.01
C MET C 4 43.91 1.68 -22.98
N ASP C 5 43.98 2.61 -22.03
CA ASP C 5 45.17 3.44 -21.86
C ASP C 5 45.97 2.98 -20.63
N LYS C 6 47.12 3.62 -20.41
CA LYS C 6 48.05 3.17 -19.37
C LYS C 6 48.85 4.33 -18.75
N LEU C 7 49.42 4.07 -17.58
CA LEU C 7 50.25 5.05 -16.88
C LEU C 7 51.73 4.96 -17.25
N PRO C 8 52.42 6.11 -17.26
CA PRO C 8 53.85 6.29 -17.58
C PRO C 8 54.80 6.01 -16.42
N ILE C 9 55.20 4.75 -16.25
CA ILE C 9 56.07 4.36 -15.13
C ILE C 9 57.43 5.08 -15.07
N GLU C 10 57.89 5.64 -16.19
CA GLU C 10 59.20 6.30 -16.21
C GLU C 10 59.10 7.71 -15.62
N GLU C 11 57.88 8.18 -15.42
CA GLU C 11 57.67 9.51 -14.83
C GLU C 11 57.42 9.42 -13.32
N THR C 12 57.59 8.23 -12.77
CA THR C 12 57.43 8.03 -11.32
C THR C 12 58.55 8.63 -10.47
N LEU C 13 59.77 8.63 -11.01
CA LEU C 13 60.92 9.12 -10.25
C LEU C 13 60.86 10.64 -10.11
N GLU C 14 60.56 11.31 -11.22
CA GLU C 14 60.46 12.77 -11.22
C GLU C 14 59.30 13.24 -10.36
N ASP C 15 58.21 12.47 -10.39
CA ASP C 15 57.04 12.70 -9.54
C ASP C 15 56.40 14.07 -9.79
N SER C 16 56.26 14.45 -11.05
CA SER C 16 55.60 15.70 -11.40
C SER C 16 54.14 15.68 -10.95
N PRO C 17 53.60 16.86 -10.59
CA PRO C 17 52.18 16.99 -10.22
C PRO C 17 51.23 16.55 -11.33
N GLN C 18 51.66 16.68 -12.58
CA GLN C 18 50.89 16.21 -13.72
C GLN C 18 50.74 14.69 -13.65
N THR C 19 51.85 14.00 -13.42
CA THR C 19 51.85 12.55 -13.29
C THR C 19 50.88 12.11 -12.18
N ARG C 20 50.93 12.81 -11.05
CA ARG C 20 49.99 12.58 -9.96
C ARG C 20 48.55 12.83 -10.37
N SER C 21 48.33 13.83 -11.23
CA SER C 21 46.99 14.13 -11.71
C SER C 21 46.46 12.97 -12.56
N LEU C 22 47.30 12.48 -13.46
CA LEU C 22 46.96 11.32 -14.29
C LEU C 22 46.64 10.13 -13.42
N LEU C 23 47.47 9.92 -12.40
CA LEU C 23 47.24 8.88 -11.41
C LEU C 23 45.86 9.07 -10.78
N GLY C 24 45.51 10.32 -10.47
CA GLY C 24 44.22 10.64 -9.91
C GLY C 24 43.07 10.26 -10.82
N VAL C 25 43.24 10.50 -12.12
CA VAL C 25 42.26 10.09 -13.12
C VAL C 25 42.06 8.59 -13.07
N PHE C 26 43.16 7.85 -13.10
CA PHE C 26 43.10 6.39 -13.02
C PHE C 26 42.43 5.91 -11.72
N GLU C 27 42.68 6.64 -10.63
CA GLU C 27 42.07 6.32 -9.34
C GLU C 27 40.56 6.52 -9.39
N GLU C 28 40.13 7.62 -10.01
CA GLU C 28 38.71 7.88 -10.23
C GLU C 28 38.06 6.71 -10.98
N ASP C 29 38.71 6.34 -12.09
CA ASP C 29 38.21 5.25 -12.91
C ASP C 29 38.12 3.95 -12.11
N ALA C 30 39.15 3.67 -11.31
CA ALA C 30 39.19 2.45 -10.50
C ALA C 30 38.09 2.47 -9.46
N THR C 31 37.76 3.66 -8.95
CA THR C 31 36.66 3.83 -8.02
C THR C 31 35.34 3.46 -8.68
N ALA C 32 35.09 4.03 -9.86
CA ALA C 32 33.89 3.73 -10.62
C ALA C 32 33.78 2.23 -10.91
N ILE C 33 34.90 1.64 -11.28
CA ILE C 33 34.99 0.19 -11.49
C ILE C 33 34.55 -0.56 -10.26
N SER C 34 35.13 -0.20 -9.11
CA SER C 34 34.82 -0.88 -7.86
C SER C 34 33.33 -0.80 -7.54
N ASN C 35 32.76 0.39 -7.71
CA ASN C 35 31.33 0.57 -7.47
C ASN C 35 30.46 -0.31 -8.36
N TYR C 36 30.66 -0.20 -9.67
CA TYR C 36 29.85 -0.98 -10.61
C TYR C 36 30.01 -2.48 -10.36
N MET C 37 31.24 -2.93 -10.16
CA MET C 37 31.51 -4.35 -9.92
C MET C 37 30.85 -4.81 -8.63
N ASN C 38 30.75 -3.93 -7.65
CA ASN C 38 30.06 -4.27 -6.41
C ASN C 38 28.55 -4.43 -6.65
N GLN C 39 27.97 -3.53 -7.44
CA GLN C 39 26.54 -3.64 -7.75
C GLN C 39 26.26 -4.90 -8.58
N LEU C 40 27.19 -5.24 -9.46
CA LEU C 40 27.12 -6.43 -10.27
C LEU C 40 27.18 -7.67 -9.38
N TYR C 41 28.08 -7.62 -8.41
CA TYR C 41 28.20 -8.69 -7.42
C TYR C 41 26.88 -8.86 -6.68
N GLN C 42 26.25 -7.75 -6.34
CA GLN C 42 24.96 -7.77 -5.67
C GLN C 42 23.91 -8.48 -6.52
N ALA C 43 23.79 -8.07 -7.78
CA ALA C 43 22.80 -8.66 -8.69
C ALA C 43 23.01 -10.16 -8.87
N MET C 44 24.26 -10.55 -9.16
CA MET C 44 24.57 -11.95 -9.42
C MET C 44 24.38 -12.79 -8.16
N HIS C 45 24.70 -12.21 -7.01
CA HIS C 45 24.50 -12.87 -5.74
C HIS C 45 23.01 -13.12 -5.51
N ARG C 46 22.19 -12.13 -5.85
CA ARG C 46 20.75 -12.27 -5.76
C ARG C 46 20.28 -13.43 -6.62
N ILE C 47 20.82 -13.51 -7.84
CA ILE C 47 20.54 -14.64 -8.73
C ILE C 47 20.89 -15.98 -8.05
N TYR C 48 22.06 -16.03 -7.44
CA TYR C 48 22.56 -17.23 -6.77
C TYR C 48 21.63 -17.70 -5.65
N ASP C 49 21.30 -16.78 -4.75
CA ASP C 49 20.40 -17.07 -3.64
C ASP C 49 19.04 -17.51 -4.16
N ALA C 50 18.59 -16.88 -5.24
CA ALA C 50 17.32 -17.25 -5.86
C ALA C 50 17.33 -18.70 -6.34
N GLN C 51 18.40 -19.07 -7.05
CA GLN C 51 18.54 -20.43 -7.57
C GLN C 51 18.56 -21.48 -6.44
N ASN C 52 19.40 -21.22 -5.44
CA ASN C 52 19.46 -22.08 -4.26
C ASN C 52 18.08 -22.24 -3.60
N GLU C 53 17.36 -21.13 -3.50
CA GLU C 53 16.03 -21.13 -2.93
C GLU C 53 15.05 -21.97 -3.75
N LEU C 54 15.16 -21.90 -5.07
CA LEU C 54 14.34 -22.73 -5.95
C LEU C 54 14.56 -24.21 -5.65
N SER C 55 15.84 -24.61 -5.64
CA SER C 55 16.18 -26.00 -5.36
C SER C 55 15.64 -26.44 -4.01
N ALA C 56 15.81 -25.59 -3.01
CA ALA C 56 15.34 -25.85 -1.66
C ALA C 56 13.82 -26.07 -1.61
N ALA C 57 13.07 -25.14 -2.19
CA ALA C 57 11.61 -25.21 -2.18
C ALA C 57 11.09 -26.47 -2.87
N THR C 58 11.65 -26.77 -4.04
CA THR C 58 11.26 -27.98 -4.77
C THR C 58 11.52 -29.22 -3.91
N HIS C 59 12.72 -29.30 -3.34
CA HIS C 59 13.09 -30.42 -2.48
C HIS C 59 12.12 -30.60 -1.30
N LEU C 60 11.77 -29.49 -0.66
CA LEU C 60 10.87 -29.52 0.49
C LEU C 60 9.49 -30.06 0.09
N THR C 61 8.97 -29.58 -1.04
CA THR C 61 7.70 -30.09 -1.55
C THR C 61 7.78 -31.60 -1.77
N SER C 62 8.87 -32.04 -2.40
CA SER C 62 9.10 -33.47 -2.61
C SER C 62 9.01 -34.26 -1.30
N LYS C 63 9.71 -33.76 -0.28
CA LYS C 63 9.71 -34.42 1.03
C LYS C 63 8.30 -34.50 1.61
N LEU C 64 7.54 -33.43 1.47
CA LEU C 64 6.14 -33.43 1.92
C LEU C 64 5.33 -34.53 1.24
N LEU C 65 5.49 -34.60 -0.09
CA LEU C 65 4.83 -35.63 -0.89
C LEU C 65 5.14 -37.02 -0.35
N LYS C 66 6.43 -37.32 -0.19
CA LYS C 66 6.82 -38.64 0.29
C LYS C 66 6.42 -38.88 1.74
N GLU C 67 6.14 -37.81 2.48
CA GLU C 67 5.70 -37.96 3.87
C GLU C 67 4.23 -38.29 4.04
N TYR C 68 3.33 -37.64 3.30
CA TYR C 68 1.94 -38.11 3.39
C TYR C 68 1.54 -39.16 2.37
N GLU C 69 2.42 -39.51 1.44
CA GLU C 69 2.14 -40.72 0.68
C GLU C 69 2.48 -41.93 1.57
N LYS C 70 3.39 -41.72 2.52
CA LYS C 70 3.64 -42.67 3.59
C LYS C 70 2.43 -42.86 4.52
N GLN C 71 1.98 -41.77 5.11
CA GLN C 71 0.88 -41.80 6.06
C GLN C 71 -0.47 -41.75 5.36
N GLU C 80 -5.34 -45.26 -3.52
CA GLU C 80 -4.57 -46.34 -4.13
C GLU C 80 -3.86 -45.88 -5.41
N VAL C 81 -4.62 -45.64 -6.48
CA VAL C 81 -4.11 -44.95 -7.67
C VAL C 81 -3.30 -43.69 -7.26
N MET C 82 -3.89 -42.90 -6.37
CA MET C 82 -3.36 -41.58 -6.02
C MET C 82 -1.94 -41.68 -5.47
N SER C 83 -1.64 -42.75 -4.74
CA SER C 83 -0.32 -42.95 -4.16
C SER C 83 0.71 -43.19 -5.26
N SER C 84 0.32 -43.99 -6.24
CA SER C 84 1.13 -44.11 -7.44
C SER C 84 1.39 -42.76 -8.10
N THR C 85 0.35 -41.93 -8.20
CA THR C 85 0.53 -40.64 -8.85
C THR C 85 1.52 -39.80 -8.07
N LEU C 86 1.38 -39.83 -6.75
CA LEU C 86 2.26 -39.10 -5.84
C LEU C 86 3.71 -39.57 -5.83
N GLN C 87 3.98 -40.84 -6.10
CA GLN C 87 5.39 -41.26 -6.16
C GLN C 87 6.02 -40.93 -7.50
N GLN C 88 5.24 -41.02 -8.58
CA GLN C 88 5.73 -40.54 -9.87
C GLN C 88 6.07 -39.05 -9.78
N PHE C 89 5.16 -38.31 -9.17
CA PHE C 89 5.28 -36.87 -9.00
C PHE C 89 6.45 -36.49 -8.08
N SER C 90 6.59 -37.22 -6.98
CA SER C 90 7.69 -36.97 -6.07
C SER C 90 9.03 -37.22 -6.75
N LYS C 91 9.08 -38.25 -7.60
CA LYS C 91 10.34 -38.57 -8.26
C LYS C 91 10.68 -37.51 -9.32
N VAL C 92 9.69 -37.10 -10.10
CA VAL C 92 9.96 -36.11 -11.15
C VAL C 92 10.35 -34.76 -10.50
N ILE C 93 9.72 -34.42 -9.39
CA ILE C 93 10.09 -33.22 -8.65
C ILE C 93 11.50 -33.38 -8.08
N ASP C 94 11.88 -34.61 -7.72
CA ASP C 94 13.22 -34.83 -7.17
C ASP C 94 14.29 -34.59 -8.22
N GLU C 95 14.00 -34.99 -9.46
CA GLU C 95 14.95 -34.73 -10.54
C GLU C 95 14.97 -33.25 -10.95
N LEU C 96 13.82 -32.58 -10.91
CA LEU C 96 13.82 -31.14 -11.14
C LEU C 96 14.70 -30.42 -10.10
N SER C 97 14.52 -30.79 -8.84
CA SER C 97 15.31 -30.25 -7.75
C SER C 97 16.80 -30.52 -7.98
N SER C 98 17.09 -31.71 -8.50
CA SER C 98 18.47 -32.05 -8.86
C SER C 98 19.03 -31.08 -9.91
N CYS C 99 18.20 -30.77 -10.91
CA CYS C 99 18.58 -29.80 -11.94
C CYS C 99 18.93 -28.46 -11.32
N HIS C 100 18.01 -27.92 -10.52
CA HIS C 100 18.22 -26.64 -9.87
C HIS C 100 19.48 -26.65 -8.98
N ALA C 101 19.77 -27.80 -8.38
CA ALA C 101 20.95 -27.95 -7.53
C ALA C 101 22.23 -27.85 -8.34
N VAL C 102 22.27 -28.59 -9.46
CA VAL C 102 23.46 -28.60 -10.30
C VAL C 102 23.69 -27.20 -10.88
N LEU C 103 22.60 -26.51 -11.21
CA LEU C 103 22.71 -25.13 -11.67
C LEU C 103 23.26 -24.25 -10.56
N SER C 104 22.83 -24.51 -9.33
CA SER C 104 23.32 -23.74 -8.18
C SER C 104 24.82 -23.87 -7.99
N THR C 105 25.32 -25.11 -7.97
CA THR C 105 26.74 -25.36 -7.77
C THR C 105 27.57 -24.78 -8.91
N GLN C 106 27.10 -25.01 -10.14
CA GLN C 106 27.83 -24.53 -11.30
C GLN C 106 27.85 -23.01 -11.37
N LEU C 107 26.76 -22.39 -10.90
CA LEU C 107 26.72 -20.93 -10.75
C LEU C 107 27.76 -20.49 -9.74
N ALA C 108 27.83 -21.22 -8.63
CA ALA C 108 28.78 -20.91 -7.58
C ALA C 108 30.21 -20.89 -8.12
N ASP C 109 30.55 -21.88 -8.95
CA ASP C 109 31.93 -21.95 -9.45
C ASP C 109 32.23 -21.04 -10.65
N ALA C 110 31.32 -21.00 -11.62
CA ALA C 110 31.54 -20.25 -12.86
C ALA C 110 31.19 -18.77 -12.77
N MET C 111 30.21 -18.44 -11.94
CA MET C 111 29.67 -17.08 -11.87
C MET C 111 30.13 -16.34 -10.62
N MET C 112 29.74 -16.87 -9.47
CA MET C 112 29.98 -16.20 -8.19
C MET C 112 31.46 -16.10 -7.84
N PHE C 113 32.21 -17.17 -8.11
CA PHE C 113 33.62 -17.22 -7.75
C PHE C 113 34.51 -16.18 -8.48
N PRO C 114 34.38 -16.05 -9.82
CA PRO C 114 35.24 -15.06 -10.49
C PRO C 114 35.09 -13.62 -10.01
N ILE C 115 33.85 -13.16 -9.84
CA ILE C 115 33.62 -11.77 -9.43
C ILE C 115 34.07 -11.56 -7.98
N THR C 116 33.89 -12.57 -7.15
CA THR C 116 34.32 -12.52 -5.75
C THR C 116 35.83 -12.44 -5.67
N GLN C 117 36.50 -13.25 -6.48
CA GLN C 117 37.95 -13.26 -6.54
C GLN C 117 38.46 -11.94 -7.10
N PHE C 118 37.70 -11.34 -8.01
CA PHE C 118 38.06 -10.03 -8.53
C PHE C 118 37.95 -8.96 -7.47
N LYS C 119 36.92 -9.05 -6.64
CA LYS C 119 36.66 -8.01 -5.65
C LYS C 119 37.50 -8.17 -4.39
N GLU C 120 37.91 -9.41 -4.09
CA GLU C 120 38.74 -9.65 -2.91
C GLU C 120 40.24 -9.82 -3.18
N ARG C 121 40.63 -9.93 -4.45
CA ARG C 121 42.05 -10.02 -4.76
C ARG C 121 42.55 -8.75 -5.46
N ASP C 122 42.00 -8.46 -6.63
CA ASP C 122 42.54 -7.39 -7.48
C ASP C 122 42.18 -6.00 -6.95
N LEU C 123 40.91 -5.76 -6.67
CA LEU C 123 40.48 -4.47 -6.14
C LEU C 123 41.14 -4.18 -4.79
N LYS C 124 41.19 -5.20 -3.94
CA LYS C 124 41.82 -5.10 -2.63
C LYS C 124 43.32 -4.85 -2.76
N GLU C 125 43.96 -5.52 -3.72
CA GLU C 125 45.38 -5.29 -3.98
C GLU C 125 45.61 -3.85 -4.41
N ILE C 126 44.71 -3.35 -5.25
CA ILE C 126 44.75 -1.96 -5.69
C ILE C 126 44.66 -0.99 -4.51
N LEU C 127 43.68 -1.19 -3.65
CA LEU C 127 43.50 -0.31 -2.49
C LEU C 127 44.72 -0.37 -1.57
N THR C 128 45.25 -1.58 -1.39
CA THR C 128 46.42 -1.82 -0.58
C THR C 128 47.64 -1.04 -1.09
N LEU C 129 47.96 -1.27 -2.36
CA LEU C 129 49.08 -0.60 -3.01
C LEU C 129 48.92 0.91 -2.99
N LYS C 130 47.68 1.35 -3.14
CA LYS C 130 47.34 2.77 -3.02
C LYS C 130 47.73 3.31 -1.64
N GLU C 131 47.35 2.59 -0.58
CA GLU C 131 47.57 3.07 0.78
C GLU C 131 49.05 3.05 1.14
N VAL C 132 49.74 2.03 0.65
CA VAL C 132 51.18 1.90 0.85
C VAL C 132 51.92 3.05 0.16
N PHE C 133 51.52 3.32 -1.08
CA PHE C 133 52.11 4.43 -1.83
C PHE C 133 51.86 5.77 -1.16
N GLN C 134 50.65 5.97 -0.65
CA GLN C 134 50.34 7.22 0.08
C GLN C 134 51.24 7.37 1.30
N ILE C 135 51.39 6.29 2.05
CA ILE C 135 52.26 6.31 3.23
C ILE C 135 53.70 6.67 2.85
N ALA C 136 54.21 6.01 1.81
CA ALA C 136 55.56 6.30 1.32
C ALA C 136 55.70 7.77 0.91
N SER C 137 54.66 8.31 0.29
CA SER C 137 54.64 9.70 -0.12
C SER C 137 54.75 10.64 1.08
N ASN C 138 53.93 10.40 2.10
CA ASN C 138 53.98 11.20 3.32
C ASN C 138 55.36 11.16 3.97
N ASP C 139 55.92 9.95 4.03
CA ASP C 139 57.24 9.75 4.62
C ASP C 139 58.31 10.54 3.86
N HIS C 140 58.25 10.48 2.53
CA HIS C 140 59.20 11.24 1.72
C HIS C 140 59.04 12.74 1.92
N ASP C 141 57.79 13.19 2.02
CA ASP C 141 57.52 14.61 2.27
C ASP C 141 58.23 15.04 3.54
N ALA C 142 57.96 14.31 4.63
CA ALA C 142 58.62 14.58 5.89
C ALA C 142 60.15 14.62 5.75
N ALA C 143 60.69 13.61 5.08
CA ALA C 143 62.14 13.47 4.92
C ALA C 143 62.76 14.69 4.22
N ILE C 144 62.20 15.07 3.08
CA ILE C 144 62.76 16.18 2.30
C ILE C 144 62.52 17.54 2.97
N ASN C 145 61.46 17.63 3.79
CA ASN C 145 61.27 18.86 4.56
C ASN C 145 62.34 18.98 5.63
N ARG C 146 62.65 17.86 6.29
CA ARG C 146 63.68 17.87 7.30
C ARG C 146 65.06 18.09 6.67
N TYR C 147 65.19 17.68 5.41
CA TYR C 147 66.42 17.92 4.67
C TYR C 147 66.58 19.40 4.36
N SER C 148 65.48 20.03 3.94
CA SER C 148 65.47 21.46 3.68
C SER C 148 65.78 22.25 4.94
N ARG C 149 65.29 21.78 6.08
CA ARG C 149 65.50 22.49 7.34
C ARG C 149 66.93 22.40 7.89
N LEU C 150 67.77 21.59 7.26
CA LEU C 150 69.17 21.48 7.67
C LEU C 150 69.87 22.85 7.69
N SER C 151 70.75 23.03 8.66
CA SER C 151 71.48 24.31 8.82
C SER C 151 72.69 24.36 7.89
N LYS C 152 72.86 25.48 7.19
CA LYS C 152 73.96 25.61 6.23
C LYS C 152 75.34 25.86 6.82
N LYS C 153 75.45 26.89 7.65
CA LYS C 153 76.76 27.40 8.07
C LYS C 153 77.36 26.67 9.27
N ARG C 154 76.53 26.27 10.23
CA ARG C 154 77.01 25.37 11.26
C ARG C 154 76.39 24.01 10.99
N GLU C 155 77.19 23.13 10.39
CA GLU C 155 76.76 21.78 10.07
C GLU C 155 77.42 20.69 10.91
N ASN C 156 76.59 19.80 11.45
CA ASN C 156 76.99 18.58 12.13
C ASN C 156 76.83 17.46 11.10
N ASP C 157 77.94 16.79 10.81
CA ASP C 157 77.95 15.76 9.78
C ASP C 157 77.01 14.60 10.15
N LYS C 158 76.79 14.38 11.45
CA LYS C 158 75.90 13.31 11.90
C LYS C 158 74.43 13.44 11.46
N VAL C 159 73.70 14.45 11.92
CA VAL C 159 72.29 14.52 11.53
C VAL C 159 72.24 14.77 10.02
N LYS C 160 73.23 15.46 9.46
CA LYS C 160 73.22 15.72 8.03
C LYS C 160 73.19 14.40 7.28
N TYR C 161 74.05 13.48 7.69
CA TYR C 161 74.09 12.16 7.05
C TYR C 161 72.79 11.38 7.32
N GLU C 162 72.33 11.43 8.57
CA GLU C 162 71.12 10.74 8.97
C GLU C 162 69.89 11.20 8.18
N VAL C 163 69.71 12.51 8.10
CA VAL C 163 68.63 13.15 7.37
C VAL C 163 68.73 12.87 5.87
N THR C 164 69.94 12.99 5.33
CA THR C 164 70.18 12.71 3.92
C THR C 164 69.78 11.27 3.57
N GLU C 165 70.13 10.32 4.43
CA GLU C 165 69.88 8.92 4.12
C GLU C 165 68.43 8.55 4.46
N ASP C 166 67.79 9.38 5.27
CA ASP C 166 66.36 9.32 5.45
C ASP C 166 65.65 9.71 4.17
N VAL C 167 66.12 10.79 3.56
CA VAL C 167 65.58 11.24 2.28
C VAL C 167 65.78 10.16 1.23
N TYR C 168 66.98 9.58 1.19
CA TYR C 168 67.27 8.49 0.26
C TYR C 168 66.29 7.32 0.42
N THR C 169 66.13 6.86 1.66
CA THR C 169 65.25 5.73 1.94
C THR C 169 63.82 6.01 1.51
N SER C 170 63.29 7.15 1.96
CA SER C 170 61.92 7.54 1.66
C SER C 170 61.69 7.71 0.16
N ARG C 171 62.67 8.28 -0.54
CA ARG C 171 62.57 8.50 -1.98
C ARG C 171 62.57 7.17 -2.74
N LYS C 172 63.47 6.27 -2.36
CA LYS C 172 63.52 4.94 -2.96
C LYS C 172 62.20 4.21 -2.78
N LYS C 173 61.70 4.20 -1.55
CA LYS C 173 60.43 3.54 -1.26
C LYS C 173 59.27 4.18 -2.03
N GLN C 174 59.28 5.50 -2.14
CA GLN C 174 58.24 6.19 -2.90
C GLN C 174 58.26 5.75 -4.36
N HIS C 175 59.45 5.68 -4.93
CA HIS C 175 59.60 5.25 -6.32
C HIS C 175 59.07 3.83 -6.50
N GLN C 176 59.49 2.92 -5.62
CA GLN C 176 59.11 1.52 -5.71
C GLN C 176 57.59 1.33 -5.60
N THR C 177 57.02 1.92 -4.55
CA THR C 177 55.59 1.81 -4.29
C THR C 177 54.76 2.45 -5.40
N MET C 178 55.19 3.61 -5.87
CA MET C 178 54.47 4.29 -6.95
C MET C 178 54.49 3.46 -8.23
N MET C 179 55.64 2.84 -8.52
CA MET C 179 55.73 2.01 -9.72
C MET C 179 54.83 0.79 -9.60
N HIS C 180 54.82 0.12 -8.44
CA HIS C 180 53.92 -1.03 -8.28
C HIS C 180 52.45 -0.61 -8.40
N TYR C 181 52.10 0.53 -7.79
CA TYR C 181 50.76 1.08 -7.91
C TYR C 181 50.37 1.25 -9.38
N PHE C 182 51.26 1.89 -10.14
CA PHE C 182 51.06 2.14 -11.56
C PHE C 182 50.84 0.84 -12.34
N CYS C 183 51.72 -0.13 -12.12
CA CYS C 183 51.64 -1.41 -12.81
C CYS C 183 50.33 -2.12 -12.51
N ALA C 184 49.93 -2.07 -11.24
CA ALA C 184 48.69 -2.68 -10.80
C ALA C 184 47.49 -2.07 -11.52
N LEU C 185 47.49 -0.74 -11.64
CA LEU C 185 46.41 -0.07 -12.35
C LEU C 185 46.39 -0.40 -13.85
N ASN C 186 47.58 -0.45 -14.46
CA ASN C 186 47.68 -0.76 -15.88
C ASN C 186 47.19 -2.16 -16.20
N THR C 187 47.51 -3.13 -15.34
CA THR C 187 46.96 -4.48 -15.50
C THR C 187 45.45 -4.47 -15.25
N LEU C 188 45.04 -3.68 -14.27
CA LEU C 188 43.62 -3.51 -13.94
C LEU C 188 42.82 -3.06 -15.16
N GLN C 189 43.44 -2.28 -16.04
CA GLN C 189 42.78 -1.85 -17.27
C GLN C 189 42.23 -3.02 -18.13
N TYR C 190 42.96 -4.13 -18.18
CA TYR C 190 42.46 -5.34 -18.85
C TYR C 190 41.57 -6.16 -17.91
N LYS C 191 42.01 -6.25 -16.66
CA LYS C 191 41.32 -7.07 -15.67
C LYS C 191 39.87 -6.64 -15.45
N LYS C 192 39.56 -5.38 -15.71
CA LYS C 192 38.19 -4.90 -15.54
C LYS C 192 37.31 -5.53 -16.62
N LYS C 193 37.88 -5.63 -17.82
CA LYS C 193 37.20 -6.18 -18.97
C LYS C 193 36.91 -7.65 -18.72
N ILE C 194 37.96 -8.37 -18.33
CA ILE C 194 37.81 -9.80 -18.04
C ILE C 194 36.82 -10.04 -16.88
N ALA C 195 36.90 -9.18 -15.87
CA ALA C 195 36.00 -9.25 -14.71
C ALA C 195 34.55 -9.02 -15.11
N LEU C 196 34.34 -8.19 -16.11
CA LEU C 196 33.00 -7.94 -16.63
C LEU C 196 32.47 -9.14 -17.40
N LEU C 197 33.30 -9.69 -18.29
CA LEU C 197 32.84 -10.70 -19.22
C LEU C 197 32.74 -12.12 -18.65
N GLU C 198 33.73 -12.55 -17.88
CA GLU C 198 33.84 -13.95 -17.45
C GLU C 198 32.67 -14.48 -16.59
N PRO C 199 32.23 -13.74 -15.56
CA PRO C 199 31.10 -14.26 -14.76
C PRO C 199 29.80 -14.39 -15.56
N LEU C 200 29.53 -13.44 -16.45
CA LEU C 200 28.33 -13.48 -17.27
C LEU C 200 28.39 -14.68 -18.22
N LEU C 201 29.60 -14.96 -18.70
CA LEU C 201 29.83 -16.09 -19.59
C LEU C 201 29.56 -17.41 -18.86
N GLY C 202 30.04 -17.47 -17.62
CA GLY C 202 29.80 -18.63 -16.77
C GLY C 202 28.32 -18.82 -16.52
N TYR C 203 27.63 -17.72 -16.25
CA TYR C 203 26.19 -17.73 -16.04
C TYR C 203 25.44 -18.29 -17.24
N MET C 204 25.75 -17.75 -18.42
CA MET C 204 25.10 -18.17 -19.64
C MET C 204 25.32 -19.65 -19.98
N GLN C 205 26.56 -20.13 -19.90
CA GLN C 205 26.78 -21.54 -20.24
C GLN C 205 26.19 -22.45 -19.15
N ALA C 206 26.14 -21.93 -17.92
CA ALA C 206 25.43 -22.62 -16.85
C ALA C 206 23.95 -22.81 -17.25
N GLN C 207 23.36 -21.75 -17.78
CA GLN C 207 21.98 -21.82 -18.27
C GLN C 207 21.86 -22.87 -19.37
N ILE C 208 22.83 -22.90 -20.27
CA ILE C 208 22.84 -23.88 -21.36
C ILE C 208 22.81 -25.33 -20.83
N SER C 209 23.76 -25.63 -19.94
CA SER C 209 23.85 -26.97 -19.35
C SER C 209 22.57 -27.36 -18.61
N PHE C 210 22.04 -26.39 -17.86
CA PHE C 210 20.81 -26.55 -17.11
C PHE C 210 19.67 -26.97 -18.03
N PHE C 211 19.43 -26.15 -19.05
CA PHE C 211 18.32 -26.39 -19.95
C PHE C 211 18.51 -27.63 -20.82
N LYS C 212 19.74 -28.11 -20.99
CA LYS C 212 19.90 -29.37 -21.73
C LYS C 212 19.62 -30.61 -20.85
N MET C 213 20.11 -30.56 -19.62
CA MET C 213 19.85 -31.62 -18.65
C MET C 213 18.34 -31.82 -18.55
N GLY C 214 17.68 -30.69 -18.33
CA GLY C 214 16.23 -30.65 -18.29
C GLY C 214 15.67 -31.12 -19.61
N SER C 215 16.23 -30.57 -20.70
CA SER C 215 15.83 -30.89 -22.07
C SER C 215 15.62 -32.35 -22.31
N GLU C 216 16.64 -33.19 -22.28
CA GLU C 216 16.17 -34.54 -22.21
C GLU C 216 16.68 -35.29 -20.99
N ASN C 217 15.98 -35.12 -19.86
CA ASN C 217 15.38 -36.25 -19.15
C ASN C 217 14.03 -35.73 -18.65
N LEU C 218 14.11 -34.55 -18.02
CA LEU C 218 13.02 -34.05 -17.22
C LEU C 218 11.71 -33.97 -18.00
N ASN C 219 11.78 -33.55 -19.26
CA ASN C 219 10.58 -33.42 -20.06
C ASN C 219 10.02 -34.82 -20.36
N GLU C 220 10.91 -35.80 -20.52
CA GLU C 220 10.50 -37.19 -20.71
C GLU C 220 9.62 -37.64 -19.53
N GLN C 221 10.16 -37.52 -18.30
CA GLN C 221 9.39 -37.99 -17.14
C GLN C 221 8.13 -37.18 -16.95
N LEU C 222 8.22 -35.89 -17.25
CA LEU C 222 7.07 -35.00 -17.18
C LEU C 222 5.99 -35.40 -18.18
N GLU C 223 6.40 -35.86 -19.35
CA GLU C 223 5.48 -36.32 -20.38
C GLU C 223 4.73 -37.56 -19.91
N GLU C 224 5.47 -38.57 -19.47
CA GLU C 224 4.83 -39.81 -19.03
C GLU C 224 3.89 -39.54 -17.86
N PHE C 225 4.38 -38.72 -16.94
CA PHE C 225 3.60 -38.31 -15.76
C PHE C 225 2.31 -37.64 -16.19
N LEU C 226 2.41 -36.72 -17.15
CA LEU C 226 1.25 -36.01 -17.68
C LEU C 226 0.22 -36.98 -18.25
N ALA C 227 0.70 -37.99 -18.98
CA ALA C 227 -0.20 -39.00 -19.53
C ALA C 227 -1.00 -39.69 -18.42
N ASN C 228 -0.27 -40.25 -17.44
CA ASN C 228 -0.93 -40.99 -16.37
C ASN C 228 -1.93 -40.14 -15.58
N ILE C 229 -1.48 -38.96 -15.14
CA ILE C 229 -2.32 -38.10 -14.32
C ILE C 229 -3.55 -37.66 -15.12
N GLY C 230 -3.36 -37.42 -16.41
CA GLY C 230 -4.47 -37.05 -17.28
C GLY C 230 -5.56 -38.11 -17.29
N THR C 231 -5.16 -39.35 -17.53
CA THR C 231 -6.13 -40.44 -17.51
C THR C 231 -6.86 -40.50 -16.17
N SER C 232 -6.09 -40.49 -15.08
CA SER C 232 -6.68 -40.62 -13.74
C SER C 232 -7.68 -39.51 -13.41
N VAL C 233 -7.31 -38.26 -13.66
CA VAL C 233 -8.19 -37.13 -13.36
C VAL C 233 -9.47 -37.19 -14.19
N GLN C 234 -9.35 -37.58 -15.46
CA GLN C 234 -10.54 -37.76 -16.30
C GLN C 234 -11.49 -38.77 -15.64
N ASN C 235 -10.92 -39.91 -15.25
CA ASN C 235 -11.69 -40.97 -14.60
C ASN C 235 -12.45 -40.48 -13.37
N VAL C 236 -11.73 -39.88 -12.43
CA VAL C 236 -12.35 -39.41 -11.19
C VAL C 236 -13.48 -38.41 -11.47
N ARG C 237 -13.25 -37.49 -12.40
CA ARG C 237 -14.26 -36.51 -12.77
C ARG C 237 -15.57 -37.20 -13.18
N ARG C 238 -15.46 -38.06 -14.19
CA ARG C 238 -16.63 -38.78 -14.70
C ARG C 238 -17.38 -39.53 -13.58
N GLU C 239 -16.62 -40.35 -12.85
CA GLU C 239 -17.21 -41.24 -11.86
C GLU C 239 -17.94 -40.43 -10.79
N MET C 240 -17.41 -39.26 -10.48
CA MET C 240 -18.12 -38.46 -9.48
C MET C 240 -19.25 -37.54 -9.88
N ASP C 241 -19.34 -37.10 -11.12
CA ASP C 241 -20.60 -36.43 -11.35
C ASP C 241 -21.69 -37.48 -11.58
N SER C 242 -21.26 -38.70 -11.90
CA SER C 242 -22.15 -39.85 -11.74
C SER C 242 -22.67 -39.99 -10.29
N ASP C 243 -21.75 -40.09 -9.33
CA ASP C 243 -22.13 -40.43 -7.96
C ASP C 243 -22.78 -39.26 -7.19
N ILE C 244 -22.44 -38.03 -7.58
CA ILE C 244 -23.15 -36.85 -7.08
C ILE C 244 -24.54 -36.75 -7.63
N GLU C 245 -24.70 -37.04 -8.93
CA GLU C 245 -26.04 -37.04 -9.50
C GLU C 245 -26.94 -38.03 -8.74
N THR C 246 -26.43 -39.25 -8.60
CA THR C 246 -27.22 -40.31 -7.98
C THR C 246 -27.52 -39.99 -6.52
N MET C 247 -26.55 -39.42 -5.81
CA MET C 247 -26.78 -39.06 -4.42
C MET C 247 -27.78 -37.92 -4.27
N GLN C 248 -27.75 -36.95 -5.18
CA GLN C 248 -28.67 -35.83 -5.12
C GLN C 248 -30.11 -36.30 -5.32
N GLN C 249 -30.31 -37.17 -6.30
CA GLN C 249 -31.65 -37.69 -6.54
C GLN C 249 -32.10 -38.62 -5.40
N THR C 250 -31.14 -39.34 -4.81
CA THR C 250 -31.44 -40.16 -3.65
C THR C 250 -31.89 -39.31 -2.46
N ILE C 251 -31.22 -38.19 -2.25
CA ILE C 251 -31.63 -37.23 -1.24
C ILE C 251 -33.05 -36.75 -1.50
N GLU C 252 -33.36 -36.45 -2.77
CA GLU C 252 -34.69 -35.94 -3.10
C GLU C 252 -35.78 -36.98 -2.78
N ASP C 253 -35.50 -38.24 -3.08
CA ASP C 253 -36.51 -39.28 -2.83
C ASP C 253 -36.64 -39.64 -1.35
N LEU C 254 -35.54 -39.62 -0.62
CA LEU C 254 -35.60 -39.84 0.84
C LEU C 254 -36.33 -38.71 1.55
N GLU C 255 -36.10 -37.48 1.10
CA GLU C 255 -36.80 -36.34 1.67
C GLU C 255 -38.28 -36.44 1.32
N VAL C 256 -38.58 -36.96 0.13
CA VAL C 256 -39.96 -37.18 -0.27
C VAL C 256 -40.65 -38.20 0.62
N ALA C 257 -39.99 -39.33 0.88
CA ALA C 257 -40.62 -40.45 1.60
C ALA C 257 -40.67 -40.26 3.12
N SER C 258 -39.69 -39.55 3.66
CA SER C 258 -39.53 -39.44 5.12
C SER C 258 -40.52 -38.48 5.77
N ASP C 259 -41.31 -37.79 4.97
CA ASP C 259 -42.11 -36.67 5.47
C ASP C 259 -43.23 -37.05 6.46
N PRO C 260 -43.89 -38.20 6.27
CA PRO C 260 -44.77 -38.61 7.37
C PRO C 260 -44.01 -39.10 8.60
N LEU C 261 -42.77 -39.54 8.41
CA LEU C 261 -42.01 -40.21 9.46
C LEU C 261 -41.45 -39.30 10.54
N TYR C 262 -41.46 -37.99 10.30
CA TYR C 262 -40.91 -37.05 11.26
C TYR C 262 -41.80 -36.95 12.51
N VAL C 263 -43.08 -37.25 12.33
CA VAL C 263 -44.03 -37.26 13.43
C VAL C 263 -43.65 -38.30 14.49
N PRO C 264 -43.41 -37.82 15.73
CA PRO C 264 -43.01 -38.65 16.87
C PRO C 264 -43.97 -39.80 17.17
N ASP C 265 -45.27 -39.52 17.17
CA ASP C 265 -46.27 -40.55 17.47
C ASP C 265 -47.18 -40.74 16.27
N PRO C 266 -46.74 -41.58 15.31
CA PRO C 266 -47.46 -41.79 14.05
C PRO C 266 -48.82 -42.43 14.26
N ASP C 267 -49.82 -42.05 13.47
CA ASP C 267 -51.17 -42.58 13.61
C ASP C 267 -51.28 -43.88 12.81
N PRO C 268 -52.00 -44.88 13.33
CA PRO C 268 -52.09 -46.24 12.79
C PRO C 268 -52.37 -46.37 11.28
N THR C 269 -53.10 -45.42 10.69
CA THR C 269 -53.41 -45.49 9.27
C THR C 269 -52.16 -45.18 8.45
N LYS C 270 -51.30 -44.33 9.01
CA LYS C 270 -50.04 -44.00 8.35
C LYS C 270 -49.08 -45.17 8.39
N PHE C 271 -48.68 -45.56 9.61
CA PHE C 271 -47.74 -46.66 9.80
C PHE C 271 -48.20 -47.65 10.88
N PRO C 272 -48.89 -48.71 10.45
CA PRO C 272 -49.51 -49.70 11.34
C PRO C 272 -48.50 -50.54 12.11
N VAL C 273 -48.96 -51.15 13.20
CA VAL C 273 -48.09 -52.01 14.01
C VAL C 273 -47.86 -53.37 13.34
N ASN C 274 -46.60 -53.71 13.16
CA ASN C 274 -46.22 -55.00 12.60
C ASN C 274 -46.00 -56.02 13.70
N ARG C 275 -46.87 -57.02 13.78
CA ARG C 275 -46.80 -57.98 14.87
C ARG C 275 -45.99 -59.23 14.48
N ASN C 276 -45.44 -59.21 13.27
CA ASN C 276 -44.66 -60.33 12.77
C ASN C 276 -43.15 -60.16 12.85
N LEU C 277 -42.70 -59.09 13.49
CA LEU C 277 -41.26 -58.79 13.52
C LEU C 277 -40.50 -59.79 14.39
N THR C 278 -39.50 -60.43 13.80
CA THR C 278 -38.63 -61.35 14.53
C THR C 278 -37.39 -60.59 14.98
N ARG C 279 -37.28 -59.35 14.50
CA ARG C 279 -36.09 -58.54 14.73
C ARG C 279 -36.48 -57.06 14.80
N LYS C 280 -35.96 -56.35 15.80
CA LYS C 280 -36.25 -54.92 15.93
C LYS C 280 -35.08 -54.11 16.49
N ALA C 281 -34.97 -52.87 16.02
CA ALA C 281 -33.94 -51.96 16.47
C ALA C 281 -34.44 -50.52 16.53
N GLY C 282 -34.08 -49.80 17.59
CA GLY C 282 -34.43 -48.40 17.71
C GLY C 282 -33.96 -47.79 19.02
N TYR C 283 -34.16 -46.48 19.17
CA TYR C 283 -33.76 -45.79 20.38
C TYR C 283 -34.83 -45.87 21.47
N LEU C 284 -34.38 -46.09 22.70
CA LEU C 284 -35.27 -46.13 23.86
C LEU C 284 -34.63 -45.43 25.04
N ASN C 285 -35.46 -45.00 25.99
CA ASN C 285 -34.95 -44.40 27.22
C ASN C 285 -35.02 -45.41 28.35
N ALA C 286 -33.98 -45.45 29.17
CA ALA C 286 -33.87 -46.44 30.24
C ALA C 286 -33.71 -45.79 31.59
N ARG C 287 -34.53 -46.22 32.55
CA ARG C 287 -34.45 -45.67 33.89
C ARG C 287 -33.29 -46.30 34.64
N ASN C 288 -32.36 -45.45 35.10
CA ASN C 288 -31.18 -45.92 35.81
C ASN C 288 -30.94 -45.09 37.07
N SER C 295 -31.11 -41.66 39.82
CA SER C 295 -32.16 -42.18 38.95
C SER C 295 -32.36 -41.31 37.72
N THR C 296 -31.55 -41.56 36.69
CA THR C 296 -31.66 -40.82 35.43
C THR C 296 -32.31 -41.66 34.34
N TRP C 297 -32.53 -41.05 33.18
CA TRP C 297 -33.05 -41.74 32.01
C TRP C 297 -32.13 -41.52 30.82
N ASP C 298 -31.45 -42.58 30.39
CA ASP C 298 -30.47 -42.47 29.31
C ASP C 298 -31.00 -43.00 27.99
N ARG C 299 -30.91 -42.17 26.95
CA ARG C 299 -31.29 -42.60 25.61
C ARG C 299 -30.16 -43.41 24.98
N GLN C 300 -30.50 -44.62 24.56
CA GLN C 300 -29.53 -45.49 23.89
C GLN C 300 -30.23 -46.25 22.77
N PHE C 301 -29.43 -46.79 21.85
CA PHE C 301 -29.98 -47.56 20.74
C PHE C 301 -30.10 -49.03 21.11
N TYR C 302 -31.32 -49.53 21.17
CA TYR C 302 -31.55 -50.93 21.49
C TYR C 302 -31.82 -51.73 20.22
N PHE C 303 -31.29 -52.94 20.17
CA PHE C 303 -31.52 -53.83 19.03
C PHE C 303 -31.44 -55.28 19.46
N THR C 304 -32.25 -56.11 18.82
CA THR C 304 -32.23 -57.54 19.09
C THR C 304 -31.17 -58.20 18.23
N GLN C 305 -30.37 -59.07 18.86
CA GLN C 305 -29.39 -59.84 18.11
C GLN C 305 -29.43 -61.27 18.63
N GLY C 306 -29.81 -62.19 17.77
CA GLY C 306 -30.08 -63.54 18.21
C GLY C 306 -31.19 -63.52 19.24
N GLY C 307 -30.92 -64.10 20.41
CA GLY C 307 -31.89 -64.14 21.49
C GLY C 307 -31.57 -63.11 22.56
N ASN C 308 -30.81 -62.08 22.19
CA ASN C 308 -30.41 -61.05 23.13
C ASN C 308 -30.92 -59.66 22.77
N LEU C 309 -31.22 -58.88 23.80
CA LEU C 309 -31.48 -57.46 23.60
C LEU C 309 -30.19 -56.71 23.91
N MET C 310 -29.65 -56.09 22.87
CA MET C 310 -28.38 -55.37 22.95
C MET C 310 -28.64 -53.88 22.91
N SER C 311 -27.78 -53.11 23.56
CA SER C 311 -27.92 -51.65 23.51
C SER C 311 -26.57 -50.98 23.31
N GLN C 312 -26.59 -49.83 22.65
CA GLN C 312 -25.38 -49.06 22.41
C GLN C 312 -25.69 -47.57 22.49
N ALA C 313 -24.97 -46.88 23.36
CA ALA C 313 -25.08 -45.43 23.46
C ALA C 313 -24.53 -44.78 22.20
N ARG C 314 -25.22 -43.76 21.69
CA ARG C 314 -24.72 -43.05 20.52
C ARG C 314 -23.43 -42.31 20.86
N GLY C 315 -22.42 -42.49 20.03
CA GLY C 315 -21.11 -41.90 20.28
C GLY C 315 -20.27 -42.72 21.23
N ASP C 316 -20.51 -44.03 21.27
CA ASP C 316 -19.64 -44.98 21.98
C ASP C 316 -19.20 -46.08 21.01
N VAL C 317 -18.19 -46.84 21.41
CA VAL C 317 -17.44 -47.64 20.46
C VAL C 317 -18.03 -49.02 20.16
N ALA C 318 -18.82 -49.55 21.08
CA ALA C 318 -19.46 -50.85 20.88
C ALA C 318 -20.71 -50.98 21.74
N GLY C 319 -21.53 -51.96 21.41
CA GLY C 319 -22.76 -52.20 22.14
C GLY C 319 -22.49 -53.00 23.40
N GLY C 320 -23.56 -53.54 23.99
CA GLY C 320 -23.44 -54.32 25.20
C GLY C 320 -24.70 -55.13 25.45
N LEU C 321 -24.56 -56.22 26.19
CA LEU C 321 -25.72 -57.04 26.53
C LEU C 321 -26.61 -56.26 27.49
N ALA C 322 -27.86 -56.08 27.10
CA ALA C 322 -28.85 -55.45 27.96
C ALA C 322 -29.65 -56.54 28.66
N MET C 323 -30.30 -57.38 27.87
CA MET C 323 -31.08 -58.48 28.44
C MET C 323 -30.96 -59.77 27.66
N ASP C 324 -31.20 -60.89 28.31
CA ASP C 324 -31.32 -62.16 27.61
C ASP C 324 -32.81 -62.47 27.48
N ILE C 325 -33.33 -62.27 26.27
CA ILE C 325 -34.77 -62.34 26.02
C ILE C 325 -35.25 -63.65 25.41
N ASP C 326 -34.41 -64.67 25.34
CA ASP C 326 -34.79 -65.88 24.63
C ASP C 326 -35.77 -66.71 25.44
N ASN C 327 -35.78 -66.51 26.76
CA ASN C 327 -36.84 -67.04 27.61
C ASN C 327 -37.27 -65.97 28.59
N CYS C 328 -38.46 -65.41 28.37
CA CYS C 328 -38.93 -64.30 29.21
C CYS C 328 -40.40 -63.93 28.97
N SER C 329 -40.84 -62.92 29.71
CA SER C 329 -42.12 -62.27 29.49
C SER C 329 -41.88 -60.77 29.46
N VAL C 330 -42.83 -60.01 28.91
CA VAL C 330 -42.65 -58.56 28.82
C VAL C 330 -44.01 -57.86 28.93
N MET C 331 -44.05 -56.75 29.66
CA MET C 331 -45.32 -56.04 29.83
C MET C 331 -45.18 -54.53 29.89
N ALA C 332 -46.26 -53.83 29.56
CA ALA C 332 -46.31 -52.38 29.71
C ALA C 332 -46.28 -52.01 31.18
N VAL C 333 -45.55 -50.95 31.51
CA VAL C 333 -45.37 -50.54 32.89
C VAL C 333 -45.50 -49.02 33.00
N ASP C 334 -46.14 -48.55 34.06
CA ASP C 334 -46.15 -47.11 34.34
C ASP C 334 -45.07 -46.78 35.37
N CYS C 335 -44.16 -45.89 35.00
CA CYS C 335 -43.09 -45.47 35.91
C CYS C 335 -42.77 -43.98 35.75
N GLU C 336 -42.73 -43.24 36.86
CA GLU C 336 -42.27 -41.86 36.85
C GLU C 336 -42.96 -40.91 35.87
N ASP C 337 -44.29 -40.97 35.80
CA ASP C 337 -45.10 -40.10 34.93
C ASP C 337 -44.94 -40.44 33.45
N ARG C 338 -44.05 -41.36 33.13
CA ARG C 338 -43.57 -41.45 31.76
C ARG C 338 -44.51 -42.21 30.84
N ARG C 339 -44.49 -41.82 29.56
CA ARG C 339 -45.36 -42.37 28.53
C ARG C 339 -44.69 -43.51 27.78
N TYR C 340 -45.44 -44.58 27.52
CA TYR C 340 -44.98 -45.73 26.74
C TYR C 340 -43.81 -46.46 27.38
N CYS C 341 -43.88 -46.69 28.69
CA CYS C 341 -42.88 -47.49 29.36
C CYS C 341 -43.26 -48.96 29.39
N PHE C 342 -42.26 -49.83 29.27
CA PHE C 342 -42.45 -51.26 29.38
C PHE C 342 -41.23 -51.90 30.03
N GLN C 343 -41.39 -53.13 30.49
CA GLN C 343 -40.31 -53.83 31.17
C GLN C 343 -40.31 -55.31 30.83
N ILE C 344 -39.11 -55.89 30.82
CA ILE C 344 -38.92 -57.30 30.53
C ILE C 344 -38.61 -58.04 31.83
N THR C 345 -39.10 -59.27 31.93
CA THR C 345 -38.87 -60.11 33.09
C THR C 345 -38.42 -61.50 32.65
N SER C 346 -37.19 -61.86 33.01
CA SER C 346 -36.69 -63.20 32.76
C SER C 346 -37.51 -64.22 33.54
N PHE C 347 -37.47 -65.47 33.11
CA PHE C 347 -38.13 -66.55 33.84
C PHE C 347 -37.42 -66.75 35.18
N ASP C 348 -36.20 -66.21 35.27
CA ASP C 348 -35.46 -66.15 36.52
C ASP C 348 -36.16 -65.25 37.53
N GLY C 349 -36.81 -64.21 37.03
CA GLY C 349 -37.35 -63.15 37.87
C GLY C 349 -36.54 -61.89 37.70
N LYS C 350 -35.39 -62.02 37.03
CA LYS C 350 -34.53 -60.89 36.72
C LYS C 350 -35.23 -59.92 35.79
N LYS C 351 -35.23 -58.64 36.16
CA LYS C 351 -35.92 -57.62 35.37
C LYS C 351 -34.94 -56.68 34.68
N SER C 352 -35.38 -56.13 33.55
CA SER C 352 -34.60 -55.14 32.80
C SER C 352 -34.80 -53.76 33.37
N SER C 353 -34.10 -52.79 32.80
CA SER C 353 -34.40 -51.40 33.07
C SER C 353 -35.80 -51.12 32.53
N ILE C 354 -36.51 -50.18 33.14
CA ILE C 354 -37.79 -49.77 32.58
C ILE C 354 -37.48 -48.98 31.31
N LEU C 355 -38.09 -49.38 30.21
CA LEU C 355 -37.74 -48.83 28.91
C LEU C 355 -38.88 -48.01 28.34
N GLN C 356 -38.55 -46.84 27.82
CA GLN C 356 -39.54 -45.90 27.33
C GLN C 356 -39.43 -45.73 25.81
N ALA C 357 -40.52 -45.97 25.11
CA ALA C 357 -40.53 -45.75 23.66
C ALA C 357 -41.03 -44.35 23.36
N GLU C 358 -40.95 -43.97 22.08
CA GLU C 358 -41.35 -42.63 21.66
C GLU C 358 -42.78 -42.61 21.13
N SER C 359 -43.32 -43.80 20.88
CA SER C 359 -44.62 -43.93 20.25
C SER C 359 -45.31 -45.22 20.66
N LYS C 360 -46.63 -45.28 20.51
CA LYS C 360 -47.37 -46.50 20.81
C LYS C 360 -47.01 -47.60 19.82
N LYS C 361 -46.76 -47.22 18.58
CA LYS C 361 -46.37 -48.19 17.55
C LYS C 361 -45.11 -48.92 17.99
N ASP C 362 -44.09 -48.17 18.41
CA ASP C 362 -42.85 -48.76 18.88
C ASP C 362 -43.02 -49.47 20.21
N HIS C 363 -43.91 -48.97 21.05
CA HIS C 363 -44.21 -49.58 22.35
C HIS C 363 -44.67 -51.02 22.15
N GLU C 364 -45.78 -51.17 21.43
CA GLU C 364 -46.38 -52.48 21.24
C GLU C 364 -45.60 -53.33 20.23
N GLU C 365 -44.87 -52.70 19.32
CA GLU C 365 -43.99 -53.45 18.43
C GLU C 365 -42.83 -54.05 19.21
N TRP C 366 -42.31 -53.32 20.19
CA TRP C 366 -41.26 -53.84 21.05
C TRP C 366 -41.77 -55.01 21.87
N ILE C 367 -42.92 -54.80 22.54
CA ILE C 367 -43.53 -55.86 23.33
C ILE C 367 -43.74 -57.12 22.49
N CYS C 368 -44.40 -56.92 21.35
CA CYS C 368 -44.73 -58.02 20.44
C CYS C 368 -43.51 -58.73 19.89
N THR C 369 -42.49 -57.96 19.52
CA THR C 369 -41.27 -58.54 18.95
C THR C 369 -40.55 -59.38 19.99
N ILE C 370 -40.42 -58.85 21.19
CA ILE C 370 -39.77 -59.59 22.27
C ILE C 370 -40.54 -60.87 22.59
N ASN C 371 -41.87 -60.79 22.60
CA ASN C 371 -42.69 -62.00 22.74
C ASN C 371 -42.49 -63.00 21.62
N ASN C 372 -42.33 -62.50 20.39
CA ASN C 372 -42.08 -63.35 19.22
C ASN C 372 -40.74 -64.06 19.30
N ILE C 373 -39.73 -63.37 19.82
CA ILE C 373 -38.40 -63.92 19.92
C ILE C 373 -38.30 -64.97 21.02
N SER C 374 -38.95 -64.71 22.16
CA SER C 374 -38.88 -65.63 23.29
C SER C 374 -39.81 -66.83 23.13
N LYS C 375 -39.71 -67.76 24.08
CA LYS C 375 -40.53 -68.96 24.10
C LYS C 375 -42.01 -68.66 24.30
N ASP D 5 -15.17 -47.28 2.30
CA ASP D 5 -16.58 -47.40 1.98
C ASP D 5 -17.22 -46.03 1.75
N LYS D 6 -18.54 -45.99 1.73
CA LYS D 6 -19.28 -44.74 1.59
C LYS D 6 -20.31 -44.60 2.71
N LEU D 7 -20.73 -43.37 2.98
CA LEU D 7 -21.84 -43.14 3.90
C LEU D 7 -23.16 -43.40 3.20
N LEU D 8 -24.03 -44.16 3.85
CA LEU D 8 -25.33 -44.47 3.27
C LEU D 8 -26.37 -43.43 3.69
N LEU D 9 -26.89 -42.71 2.70
CA LEU D 9 -27.90 -41.68 2.95
C LEU D 9 -29.18 -42.29 3.50
N GLU D 10 -29.46 -43.52 3.10
CA GLU D 10 -30.69 -44.20 3.50
C GLU D 10 -30.67 -44.57 4.98
N GLU D 11 -29.49 -44.57 5.58
CA GLU D 11 -29.37 -44.91 6.99
C GLU D 11 -29.33 -43.66 7.88
N ALA D 12 -29.44 -42.49 7.27
CA ALA D 12 -29.30 -41.22 7.98
C ALA D 12 -30.40 -40.94 9.00
N LEU D 13 -31.65 -41.10 8.59
CA LEU D 13 -32.78 -40.79 9.45
C LEU D 13 -32.78 -41.61 10.74
N GLN D 14 -32.45 -42.89 10.61
CA GLN D 14 -32.38 -43.78 11.77
C GLN D 14 -31.33 -43.29 12.75
N ASP D 15 -30.19 -42.85 12.22
CA ASP D 15 -29.11 -42.25 13.00
C ASP D 15 -28.61 -43.18 14.11
N SER D 16 -28.28 -44.42 13.73
CA SER D 16 -27.76 -45.40 14.66
C SER D 16 -26.32 -45.06 15.05
N PRO D 17 -25.87 -45.53 16.23
CA PRO D 17 -24.51 -45.26 16.70
C PRO D 17 -23.44 -45.80 15.75
N GLN D 18 -23.78 -46.81 14.95
CA GLN D 18 -22.86 -47.33 13.96
C GLN D 18 -22.67 -46.30 12.83
N THR D 19 -23.79 -45.74 12.39
CA THR D 19 -23.77 -44.66 11.41
C THR D 19 -22.93 -43.51 11.92
N ARG D 20 -23.13 -43.16 13.18
CA ARG D 20 -22.35 -42.12 13.84
C ARG D 20 -20.86 -42.48 13.88
N SER D 21 -20.58 -43.77 14.01
CA SER D 21 -19.19 -44.23 14.05
C SER D 21 -18.50 -44.01 12.70
N LEU D 22 -19.16 -44.45 11.63
CA LEU D 22 -18.59 -44.29 10.29
C LEU D 22 -18.47 -42.81 9.94
N LEU D 23 -19.47 -42.03 10.37
CA LEU D 23 -19.45 -40.59 10.19
C LEU D 23 -18.24 -39.98 10.89
N SER D 24 -17.99 -40.43 12.11
CA SER D 24 -16.85 -39.95 12.89
C SER D 24 -15.54 -40.25 12.19
N VAL D 25 -15.44 -41.44 11.60
CA VAL D 25 -14.26 -41.80 10.81
C VAL D 25 -14.07 -40.80 9.67
N PHE D 26 -15.14 -40.60 8.90
CA PHE D 26 -15.13 -39.64 7.79
C PHE D 26 -14.68 -38.24 8.24
N GLU D 27 -15.20 -37.78 9.37
CA GLU D 27 -14.84 -36.48 9.91
C GLU D 27 -13.35 -36.42 10.25
N GLU D 28 -12.85 -37.47 10.88
CA GLU D 28 -11.45 -37.51 11.28
C GLU D 28 -10.51 -37.40 10.09
N ASP D 29 -10.85 -38.12 9.01
CA ASP D 29 -9.94 -38.12 7.88
C ASP D 29 -10.21 -36.92 6.98
N ALA D 30 -11.32 -36.26 7.22
CA ALA D 30 -11.55 -34.91 6.71
C ALA D 30 -10.54 -33.96 7.34
N GLY D 31 -10.40 -34.05 8.67
CA GLY D 31 -9.43 -33.23 9.38
C GLY D 31 -8.00 -33.47 8.91
N THR D 32 -7.65 -34.75 8.79
CA THR D 32 -6.33 -35.13 8.27
C THR D 32 -6.08 -34.48 6.90
N LEU D 33 -7.08 -34.63 6.02
CA LEU D 33 -7.01 -34.02 4.71
C LEU D 33 -6.77 -32.52 4.79
N THR D 34 -7.52 -31.84 5.65
CA THR D 34 -7.41 -30.40 5.83
C THR D 34 -5.99 -29.99 6.21
N ASP D 35 -5.42 -30.69 7.19
CA ASP D 35 -4.05 -30.39 7.61
C ASP D 35 -3.07 -30.54 6.45
N TYR D 36 -3.18 -31.64 5.70
CA TYR D 36 -2.26 -31.84 4.58
C TYR D 36 -2.42 -30.77 3.52
N THR D 37 -3.65 -30.34 3.28
CA THR D 37 -3.89 -29.30 2.30
C THR D 37 -3.25 -28.00 2.77
N ASN D 38 -3.26 -27.77 4.08
CA ASN D 38 -2.61 -26.59 4.61
C ASN D 38 -1.11 -26.62 4.34
N GLN D 39 -0.49 -27.74 4.71
CA GLN D 39 0.96 -27.92 4.53
C GLN D 39 1.34 -27.76 3.06
N LEU D 40 0.63 -28.50 2.22
CA LEU D 40 0.86 -28.48 0.78
C LEU D 40 0.71 -27.09 0.21
N LEU D 41 -0.31 -26.36 0.67
CA LEU D 41 -0.51 -24.98 0.24
C LEU D 41 0.69 -24.11 0.60
N GLN D 42 1.19 -24.27 1.83
CA GLN D 42 2.38 -23.51 2.22
C GLN D 42 3.57 -23.84 1.31
N ALA D 43 3.78 -25.13 1.05
CA ALA D 43 4.86 -25.58 0.18
C ALA D 43 4.77 -24.94 -1.20
N MET D 44 3.58 -25.00 -1.79
CA MET D 44 3.31 -24.41 -3.08
C MET D 44 3.61 -22.92 -3.09
N GLN D 45 3.10 -22.24 -2.07
CA GLN D 45 3.26 -20.80 -1.93
C GLN D 45 4.75 -20.44 -1.88
N ARG D 46 5.53 -21.33 -1.25
CA ARG D 46 6.98 -21.16 -1.20
C ARG D 46 7.65 -21.38 -2.55
N VAL D 47 7.20 -22.38 -3.30
CA VAL D 47 7.73 -22.62 -4.64
C VAL D 47 7.47 -21.42 -5.55
N TYR D 48 6.22 -20.97 -5.57
CA TYR D 48 5.83 -19.80 -6.34
C TYR D 48 6.65 -18.59 -5.94
N GLY D 49 6.80 -18.38 -4.64
CA GLY D 49 7.61 -17.28 -4.13
C GLY D 49 9.04 -17.34 -4.66
N ALA D 50 9.59 -18.54 -4.68
CA ALA D 50 10.95 -18.74 -5.18
C ALA D 50 11.06 -18.38 -6.66
N GLN D 51 10.11 -18.86 -7.46
CA GLN D 51 10.09 -18.55 -8.89
C GLN D 51 10.00 -17.03 -9.12
N ASN D 52 9.09 -16.39 -8.39
CA ASN D 52 8.91 -14.95 -8.43
C ASN D 52 10.21 -14.21 -8.12
N GLU D 53 10.93 -14.69 -7.11
CA GLU D 53 12.21 -14.10 -6.75
C GLU D 53 13.29 -14.32 -7.81
N MET D 54 13.20 -15.44 -8.52
CA MET D 54 14.11 -15.64 -9.65
C MET D 54 13.82 -14.60 -10.73
N CYS D 55 12.53 -14.33 -10.95
CA CYS D 55 12.10 -13.30 -11.89
C CYS D 55 12.71 -11.94 -11.54
N LEU D 56 12.49 -11.52 -10.30
CA LEU D 56 13.02 -10.24 -9.82
C LEU D 56 14.53 -10.18 -9.95
N ALA D 57 15.19 -11.29 -9.64
CA ALA D 57 16.64 -11.38 -9.72
C ALA D 57 17.13 -11.13 -11.14
N THR D 58 16.57 -11.86 -12.10
CA THR D 58 16.96 -11.69 -13.50
C THR D 58 16.69 -10.27 -13.99
N GLN D 59 15.54 -9.72 -13.61
CA GLN D 59 15.22 -8.33 -13.97
C GLN D 59 16.32 -7.38 -13.47
N GLN D 60 16.72 -7.55 -12.22
CA GLN D 60 17.78 -6.72 -11.65
C GLN D 60 19.09 -6.87 -12.41
N LEU D 61 19.46 -8.11 -12.70
CA LEU D 61 20.70 -8.38 -13.43
C LEU D 61 20.71 -7.64 -14.77
N SER D 62 19.61 -7.76 -15.50
CA SER D 62 19.48 -7.10 -16.78
C SER D 62 19.64 -5.59 -16.62
N LYS D 63 18.96 -5.03 -15.63
CA LYS D 63 19.01 -3.59 -15.41
C LYS D 63 20.43 -3.12 -15.08
N GLN D 64 21.18 -3.93 -14.34
CA GLN D 64 22.57 -3.60 -14.01
C GLN D 64 23.44 -3.60 -15.27
N LEU D 65 23.27 -4.66 -16.08
CA LEU D 65 24.02 -4.80 -17.32
C LEU D 65 23.78 -3.62 -18.24
N LEU D 66 22.52 -3.15 -18.29
CA LEU D 66 22.21 -1.97 -19.08
C LEU D 66 22.81 -0.73 -18.43
N ALA D 67 22.85 -0.74 -17.10
CA ALA D 67 23.34 0.39 -16.33
C ALA D 67 24.83 0.64 -16.55
N TYR D 68 25.54 -0.37 -17.04
CA TYR D 68 26.97 -0.20 -17.32
C TYR D 68 27.27 0.94 -18.31
N GLU D 69 26.46 1.05 -19.36
CA GLU D 69 26.65 2.12 -20.35
C GLU D 69 26.44 3.52 -19.76
N LYS D 70 25.44 3.64 -18.87
CA LYS D 70 25.11 4.90 -18.23
C LYS D 70 26.20 5.41 -17.30
N GLN D 71 27.09 4.51 -16.92
CA GLN D 71 28.24 4.85 -16.09
C GLN D 71 29.22 5.80 -16.79
N ASN D 72 29.90 6.60 -15.98
CA ASN D 72 30.82 7.62 -16.44
C ASN D 72 32.25 7.10 -16.46
N PHE D 73 32.89 7.18 -17.62
CA PHE D 73 34.24 6.69 -17.76
C PHE D 73 35.25 7.83 -17.73
N ALA D 74 36.00 7.96 -16.64
CA ALA D 74 36.92 9.08 -16.48
C ALA D 74 38.06 9.03 -17.50
N LEU D 75 38.53 7.81 -17.77
CA LEU D 75 39.70 7.59 -18.61
C LEU D 75 39.47 7.99 -20.07
N GLY D 76 38.31 7.64 -20.60
CA GLY D 76 38.01 7.86 -22.00
C GLY D 76 36.72 7.16 -22.39
N LYS D 77 36.59 6.78 -23.65
CA LYS D 77 35.42 6.03 -24.09
C LYS D 77 35.56 4.56 -23.73
N GLY D 78 34.55 4.01 -23.06
CA GLY D 78 34.52 2.60 -22.73
C GLY D 78 34.53 1.76 -23.98
N ASP D 79 35.15 0.59 -23.91
CA ASP D 79 35.22 -0.30 -25.06
C ASP D 79 33.79 -0.59 -25.54
N GLU D 80 33.59 -0.64 -26.85
CA GLU D 80 32.22 -0.78 -27.34
C GLU D 80 31.90 -2.24 -27.68
N GLU D 81 32.90 -3.09 -27.63
CA GLU D 81 32.68 -4.54 -27.65
C GLU D 81 32.16 -5.03 -26.30
N VAL D 82 32.73 -4.56 -25.19
CA VAL D 82 32.23 -4.97 -23.90
C VAL D 82 30.84 -4.37 -23.66
N ILE D 83 30.61 -3.15 -24.16
CA ILE D 83 29.31 -2.52 -24.05
C ILE D 83 28.28 -3.29 -24.89
N SER D 84 28.66 -3.65 -26.11
CA SER D 84 27.78 -4.40 -26.99
C SER D 84 27.47 -5.79 -26.42
N THR D 85 28.51 -6.47 -25.93
CA THR D 85 28.36 -7.78 -25.29
C THR D 85 27.39 -7.70 -24.14
N LEU D 86 27.58 -6.70 -23.28
CA LEU D 86 26.72 -6.51 -22.13
C LEU D 86 25.28 -6.20 -22.54
N HIS D 87 25.10 -5.46 -23.62
CA HIS D 87 23.76 -5.17 -24.12
C HIS D 87 23.07 -6.46 -24.60
N TYR D 88 23.81 -7.24 -25.37
CA TYR D 88 23.33 -8.52 -25.89
C TYR D 88 22.91 -9.45 -24.74
N PHE D 89 23.80 -9.58 -23.76
CA PHE D 89 23.55 -10.37 -22.57
C PHE D 89 22.32 -9.86 -21.83
N SER D 90 22.17 -8.55 -21.75
CA SER D 90 21.00 -7.96 -21.11
C SER D 90 19.73 -8.38 -21.84
N LYS D 91 19.79 -8.44 -23.16
CA LYS D 91 18.67 -8.93 -23.95
C LYS D 91 18.33 -10.39 -23.63
N VAL D 92 19.35 -11.23 -23.62
CA VAL D 92 19.19 -12.64 -23.26
C VAL D 92 18.55 -12.80 -21.89
N VAL D 93 19.08 -12.07 -20.92
CA VAL D 93 18.56 -12.06 -19.55
C VAL D 93 17.10 -11.61 -19.51
N ASP D 94 16.75 -10.64 -20.36
CA ASP D 94 15.36 -10.19 -20.46
C ASP D 94 14.47 -11.33 -20.94
N GLU D 95 14.93 -12.05 -21.97
CA GLU D 95 14.19 -13.19 -22.49
C GLU D 95 13.98 -14.28 -21.43
N LEU D 96 15.06 -14.62 -20.73
CA LEU D 96 15.01 -15.61 -19.66
C LEU D 96 14.05 -15.17 -18.56
N ASN D 97 14.09 -13.88 -18.23
CA ASN D 97 13.14 -13.27 -17.31
C ASN D 97 11.71 -13.52 -17.77
N LEU D 98 11.46 -13.33 -19.06
CA LEU D 98 10.12 -13.57 -19.61
C LEU D 98 9.69 -15.02 -19.36
N LEU D 99 10.60 -15.95 -19.68
CA LEU D 99 10.38 -17.37 -19.42
C LEU D 99 9.97 -17.64 -17.97
N HIS D 100 10.79 -17.15 -17.06
CA HIS D 100 10.56 -17.32 -15.63
C HIS D 100 9.24 -16.72 -15.18
N THR D 101 8.91 -15.56 -15.74
CA THR D 101 7.65 -14.89 -15.40
C THR D 101 6.45 -15.73 -15.80
N GLU D 102 6.50 -16.28 -17.02
CA GLU D 102 5.41 -17.12 -17.47
C GLU D 102 5.29 -18.39 -16.62
N LEU D 103 6.44 -18.94 -16.24
CA LEU D 103 6.43 -20.10 -15.34
C LEU D 103 5.80 -19.74 -13.99
N ALA D 104 6.12 -18.56 -13.48
CA ALA D 104 5.58 -18.08 -12.21
C ALA D 104 4.07 -17.94 -12.28
N LYS D 105 3.58 -17.40 -13.39
CA LYS D 105 2.13 -17.20 -13.55
C LYS D 105 1.45 -18.55 -13.71
N GLN D 106 2.17 -19.50 -14.30
CA GLN D 106 1.66 -20.87 -14.43
C GLN D 106 1.51 -21.53 -13.07
N LEU D 107 2.52 -21.38 -12.22
CA LEU D 107 2.48 -21.92 -10.87
C LEU D 107 1.36 -21.28 -10.06
N ALA D 108 1.20 -19.97 -10.20
CA ALA D 108 0.17 -19.26 -9.46
C ALA D 108 -1.23 -19.70 -9.88
N ASP D 109 -1.47 -19.73 -11.18
CA ASP D 109 -2.80 -20.07 -11.71
C ASP D 109 -3.16 -21.55 -11.60
N THR D 110 -2.29 -22.42 -12.11
CA THR D 110 -2.64 -23.83 -12.31
C THR D 110 -2.18 -24.77 -11.20
N MET D 111 -1.54 -24.25 -10.18
CA MET D 111 -1.02 -25.09 -9.10
C MET D 111 -1.46 -24.62 -7.72
N VAL D 112 -1.02 -23.43 -7.33
CA VAL D 112 -1.34 -22.86 -6.02
C VAL D 112 -2.83 -22.59 -5.90
N LEU D 113 -3.40 -21.97 -6.92
CA LEU D 113 -4.79 -21.51 -6.90
C LEU D 113 -5.85 -22.62 -6.91
N PRO D 114 -5.58 -23.77 -7.57
CA PRO D 114 -6.52 -24.87 -7.34
C PRO D 114 -6.59 -25.32 -5.88
N ILE D 115 -5.45 -25.39 -5.21
CA ILE D 115 -5.43 -25.74 -3.80
C ILE D 115 -6.14 -24.68 -2.97
N ILE D 116 -5.85 -23.42 -3.28
CA ILE D 116 -6.51 -22.30 -2.61
C ILE D 116 -8.03 -22.40 -2.74
N GLN D 117 -8.51 -22.63 -3.97
CA GLN D 117 -9.94 -22.72 -4.22
C GLN D 117 -10.56 -23.91 -3.52
N PHE D 118 -9.84 -25.02 -3.52
CA PHE D 118 -10.31 -26.23 -2.85
C PHE D 118 -10.52 -26.01 -1.36
N ARG D 119 -9.44 -25.61 -0.68
CA ARG D 119 -9.48 -25.26 0.74
C ARG D 119 -10.56 -24.23 1.06
N GLU D 120 -10.60 -23.15 0.27
CA GLU D 120 -11.57 -22.06 0.45
C GLU D 120 -13.02 -22.50 0.34
N LYS D 121 -13.32 -23.26 -0.70
CA LYS D 121 -14.69 -23.52 -1.09
C LYS D 121 -15.21 -24.89 -0.63
N ASP D 122 -14.54 -25.95 -1.04
CA ASP D 122 -14.98 -27.31 -0.70
C ASP D 122 -14.82 -27.68 0.78
N LEU D 123 -13.63 -27.45 1.34
CA LEU D 123 -13.38 -27.81 2.72
C LEU D 123 -14.25 -27.01 3.68
N THR D 124 -14.40 -25.71 3.40
CA THR D 124 -15.24 -24.86 4.22
C THR D 124 -16.72 -25.22 4.03
N GLU D 125 -17.09 -25.65 2.83
CA GLU D 125 -18.44 -26.17 2.59
C GLU D 125 -18.71 -27.34 3.54
N VAL D 126 -17.77 -28.26 3.58
CA VAL D 126 -17.83 -29.40 4.49
C VAL D 126 -17.94 -28.96 5.94
N SER D 127 -17.11 -28.02 6.35
CA SER D 127 -17.13 -27.48 7.71
C SER D 127 -18.51 -26.94 8.08
N THR D 128 -19.05 -26.06 7.24
CA THR D 128 -20.34 -25.44 7.50
C THR D 128 -21.46 -26.49 7.58
N LEU D 129 -21.52 -27.38 6.60
CA LEU D 129 -22.52 -28.45 6.63
C LEU D 129 -22.39 -29.26 7.91
N LYS D 130 -21.16 -29.49 8.35
CA LYS D 130 -20.90 -30.20 9.59
C LYS D 130 -21.47 -29.47 10.81
N ASP D 131 -21.32 -28.14 10.85
CA ASP D 131 -21.77 -27.41 12.04
C ASP D 131 -23.29 -27.28 12.05
N LEU D 132 -23.90 -27.23 10.87
CA LEU D 132 -25.36 -27.19 10.81
C LEU D 132 -25.94 -28.54 11.21
N PHE D 133 -25.27 -29.62 10.80
CA PHE D 133 -25.66 -30.95 11.23
C PHE D 133 -25.54 -31.08 12.75
N GLY D 134 -24.46 -30.52 13.29
CA GLY D 134 -24.24 -30.52 14.73
C GLY D 134 -25.33 -29.81 15.52
N LEU D 135 -25.62 -28.57 15.14
CA LEU D 135 -26.64 -27.79 15.84
C LEU D 135 -28.02 -28.40 15.69
N ALA D 136 -28.34 -28.90 14.48
CA ALA D 136 -29.62 -29.56 14.26
C ALA D 136 -29.75 -30.80 15.15
N SER D 137 -28.64 -31.53 15.27
CA SER D 137 -28.58 -32.71 16.14
C SER D 137 -28.88 -32.32 17.59
N ASN D 138 -28.21 -31.29 18.09
CA ASN D 138 -28.44 -30.80 19.45
C ASN D 138 -29.90 -30.44 19.69
N GLU D 139 -30.46 -29.67 18.75
CA GLU D 139 -31.86 -29.24 18.84
C GLU D 139 -32.80 -30.44 18.91
N HIS D 140 -32.56 -31.43 18.06
CA HIS D 140 -33.37 -32.63 18.07
C HIS D 140 -33.26 -33.36 19.39
N ASP D 141 -32.04 -33.42 19.94
CA ASP D 141 -31.82 -34.09 21.22
C ASP D 141 -32.61 -33.44 22.38
N LEU D 142 -32.52 -32.11 22.48
CA LEU D 142 -33.29 -31.42 23.52
C LEU D 142 -34.80 -31.64 23.32
N SER D 143 -35.22 -31.50 22.07
CA SER D 143 -36.62 -31.67 21.71
C SER D 143 -37.17 -33.03 22.14
N MET D 144 -36.44 -34.09 21.80
CA MET D 144 -36.80 -35.44 22.20
C MET D 144 -36.76 -35.62 23.70
N ALA D 145 -35.82 -34.93 24.35
CA ALA D 145 -35.71 -34.98 25.80
C ALA D 145 -36.98 -34.47 26.47
N LYS D 146 -37.49 -33.31 26.03
CA LYS D 146 -38.65 -32.73 26.68
C LYS D 146 -39.96 -33.35 26.16
N TYR D 147 -39.88 -34.05 25.03
CA TYR D 147 -41.00 -34.90 24.60
C TYR D 147 -41.13 -36.11 25.52
N SER D 148 -40.00 -36.76 25.79
CA SER D 148 -39.94 -37.89 26.71
C SER D 148 -40.65 -37.61 28.03
N ARG D 149 -40.46 -36.40 28.55
CA ARG D 149 -40.95 -36.03 29.86
C ARG D 149 -42.46 -35.82 29.95
N LEU D 150 -43.16 -35.87 28.81
CA LEU D 150 -44.62 -35.68 28.80
C LEU D 150 -45.34 -36.71 29.68
N PRO D 151 -46.41 -36.28 30.37
CA PRO D 151 -47.11 -37.11 31.36
C PRO D 151 -48.11 -38.12 30.80
N LYS D 152 -48.20 -39.27 31.45
CA LYS D 152 -49.18 -40.29 31.09
C LYS D 152 -50.53 -40.03 31.74
N LYS D 153 -50.52 -39.78 33.04
CA LYS D 153 -51.73 -39.66 33.85
C LYS D 153 -52.58 -38.44 33.51
N LYS D 154 -51.95 -37.27 33.52
CA LYS D 154 -52.64 -36.01 33.22
C LYS D 154 -52.27 -35.57 31.81
N GLU D 155 -53.24 -35.59 30.91
CA GLU D 155 -52.91 -35.36 29.51
C GLU D 155 -53.29 -33.96 29.08
N ASN D 156 -52.23 -33.22 28.76
CA ASN D 156 -52.27 -31.89 28.17
C ASN D 156 -52.30 -32.01 26.65
N GLU D 157 -53.46 -31.81 26.00
CA GLU D 157 -53.51 -32.04 24.56
C GLU D 157 -52.72 -30.98 23.78
N LYS D 158 -52.78 -29.75 24.26
CA LYS D 158 -52.10 -28.65 23.60
C LYS D 158 -50.58 -28.76 23.68
N VAL D 159 -50.08 -28.86 24.91
CA VAL D 159 -48.65 -29.04 25.14
C VAL D 159 -48.12 -30.27 24.41
N LYS D 160 -48.84 -31.38 24.50
CA LYS D 160 -48.40 -32.62 23.85
C LYS D 160 -48.31 -32.47 22.33
N THR D 161 -49.34 -31.88 21.74
CA THR D 161 -49.38 -31.74 20.28
C THR D 161 -48.32 -30.75 19.78
N GLU D 162 -48.11 -29.67 20.54
CA GLU D 162 -47.14 -28.66 20.16
C GLU D 162 -45.70 -29.17 20.30
N VAL D 163 -45.43 -29.86 21.40
CA VAL D 163 -44.13 -30.50 21.60
C VAL D 163 -43.88 -31.52 20.50
N GLY D 164 -44.93 -32.27 20.15
CA GLY D 164 -44.82 -33.21 19.05
C GLY D 164 -44.45 -32.53 17.74
N LYS D 165 -45.06 -31.38 17.49
CA LYS D 165 -44.77 -30.62 16.26
C LYS D 165 -43.32 -30.15 16.21
N GLU D 166 -42.87 -29.55 17.31
CA GLU D 166 -41.46 -29.24 17.52
C GLU D 166 -40.54 -30.43 17.22
N VAL D 167 -40.86 -31.58 17.79
CA VAL D 167 -40.06 -32.78 17.59
C VAL D 167 -39.97 -33.10 16.10
N ALA D 168 -41.11 -33.06 15.42
CA ALA D 168 -41.16 -33.32 13.99
C ALA D 168 -40.26 -32.36 13.22
N ALA D 169 -40.34 -31.08 13.56
CA ALA D 169 -39.55 -30.06 12.88
C ALA D 169 -38.05 -30.27 13.06
N ALA D 170 -37.63 -30.44 14.33
CA ALA D 170 -36.23 -30.66 14.66
C ALA D 170 -35.69 -31.90 13.96
N ARG D 171 -36.50 -32.96 13.95
CA ARG D 171 -36.12 -34.20 13.28
C ARG D 171 -35.94 -33.99 11.78
N ARG D 172 -36.84 -33.20 11.18
CA ARG D 172 -36.71 -32.92 9.75
C ARG D 172 -35.41 -32.18 9.47
N LYS D 173 -35.13 -31.16 10.28
CA LYS D 173 -33.93 -30.36 10.08
C LYS D 173 -32.66 -31.20 10.22
N GLN D 174 -32.61 -32.06 11.24
CA GLN D 174 -31.44 -32.90 11.42
C GLN D 174 -31.30 -33.88 10.27
N HIS D 175 -32.42 -34.40 9.77
CA HIS D 175 -32.36 -35.30 8.64
C HIS D 175 -31.79 -34.64 7.39
N LEU D 176 -32.28 -33.44 7.07
CA LEU D 176 -31.81 -32.74 5.88
C LEU D 176 -30.35 -32.32 6.01
N SER D 177 -29.99 -31.78 7.17
CA SER D 177 -28.61 -31.37 7.42
C SER D 177 -27.67 -32.56 7.32
N SER D 178 -28.11 -33.70 7.87
CA SER D 178 -27.31 -34.93 7.81
C SER D 178 -27.14 -35.42 6.38
N LEU D 179 -28.21 -35.36 5.59
CA LEU D 179 -28.13 -35.77 4.19
C LEU D 179 -27.12 -34.89 3.43
N GLN D 180 -27.22 -33.58 3.62
CA GLN D 180 -26.31 -32.64 2.98
C GLN D 180 -24.86 -32.92 3.38
N TYR D 181 -24.65 -33.13 4.68
CA TYR D 181 -23.33 -33.40 5.22
C TYR D 181 -22.73 -34.68 4.64
N TYR D 182 -23.53 -35.74 4.61
CA TYR D 182 -23.07 -37.05 4.14
C TYR D 182 -22.72 -36.98 2.66
N CYS D 183 -23.59 -36.33 1.89
CA CYS D 183 -23.33 -36.11 0.47
C CYS D 183 -22.04 -35.34 0.28
N ALA D 184 -21.84 -34.33 1.13
CA ALA D 184 -20.63 -33.52 1.10
C ALA D 184 -19.37 -34.34 1.34
N LEU D 185 -19.40 -35.22 2.34
CA LEU D 185 -18.23 -36.03 2.67
C LEU D 185 -17.93 -37.06 1.59
N ASN D 186 -18.97 -37.74 1.14
CA ASN D 186 -18.85 -38.70 0.04
C ASN D 186 -18.26 -37.99 -1.18
N ALA D 187 -18.66 -36.74 -1.38
CA ALA D 187 -18.10 -35.91 -2.43
C ALA D 187 -16.63 -35.59 -2.22
N LEU D 188 -16.32 -35.29 -0.97
CA LEU D 188 -14.98 -34.90 -0.57
C LEU D 188 -13.98 -36.01 -0.85
N GLN D 189 -14.43 -37.25 -0.71
CA GLN D 189 -13.54 -38.39 -0.95
C GLN D 189 -12.87 -38.44 -2.33
N TYR D 190 -13.65 -38.19 -3.37
CA TYR D 190 -13.20 -38.11 -4.76
C TYR D 190 -12.52 -36.76 -5.01
N ARG D 191 -13.10 -35.71 -4.43
CA ARG D 191 -12.58 -34.36 -4.64
C ARG D 191 -11.16 -34.20 -4.08
N LYS D 192 -10.80 -35.02 -3.10
CA LYS D 192 -9.42 -35.10 -2.63
C LYS D 192 -8.53 -35.51 -3.78
N GLN D 193 -8.97 -36.54 -4.49
CA GLN D 193 -8.25 -37.08 -5.62
C GLN D 193 -8.00 -36.01 -6.66
N MET D 194 -9.08 -35.36 -7.11
CA MET D 194 -8.90 -34.32 -8.14
C MET D 194 -8.12 -33.09 -7.69
N ALA D 195 -8.40 -32.63 -6.46
CA ALA D 195 -7.81 -31.40 -5.96
C ALA D 195 -6.29 -31.46 -5.89
N MET D 196 -5.72 -32.63 -5.64
CA MET D 196 -4.27 -32.71 -5.57
C MET D 196 -3.60 -33.18 -6.86
N MET D 197 -4.38 -33.66 -7.84
CA MET D 197 -3.83 -33.98 -9.15
C MET D 197 -3.78 -32.77 -10.08
N GLU D 198 -4.72 -31.84 -9.91
CA GLU D 198 -4.75 -30.60 -10.68
C GLU D 198 -3.45 -29.77 -10.56
N PRO D 199 -2.95 -29.56 -9.33
CA PRO D 199 -1.70 -28.79 -9.26
C PRO D 199 -0.55 -29.55 -9.90
N MET D 200 -0.61 -30.88 -9.85
CA MET D 200 0.40 -31.71 -10.50
C MET D 200 0.45 -31.51 -12.01
N ILE D 201 -0.69 -31.53 -12.67
CA ILE D 201 -0.73 -31.32 -14.12
C ILE D 201 -0.33 -29.89 -14.47
N GLY D 202 -0.83 -28.92 -13.69
CA GLY D 202 -0.48 -27.53 -13.95
C GLY D 202 1.02 -27.30 -13.84
N PHE D 203 1.60 -27.81 -12.76
CA PHE D 203 3.03 -27.76 -12.52
C PHE D 203 3.84 -28.43 -13.62
N ALA D 204 3.38 -29.62 -14.05
CA ALA D 204 4.06 -30.36 -15.09
C ALA D 204 4.08 -29.59 -16.41
N HIS D 205 2.93 -29.03 -16.77
CA HIS D 205 2.83 -28.24 -18.00
C HIS D 205 3.72 -27.00 -17.94
N GLY D 206 3.67 -26.29 -16.82
CA GLY D 206 4.52 -25.12 -16.63
C GLY D 206 5.98 -25.48 -16.81
N GLN D 207 6.39 -26.59 -16.21
CA GLN D 207 7.78 -27.03 -16.26
C GLN D 207 8.21 -27.43 -17.68
N ILE D 208 7.38 -28.18 -18.40
CA ILE D 208 7.79 -28.60 -19.74
C ILE D 208 7.84 -27.40 -20.67
N ASN D 209 6.93 -26.44 -20.48
CA ASN D 209 6.97 -25.25 -21.32
C ASN D 209 8.22 -24.41 -21.05
N PHE D 210 8.52 -24.24 -19.76
CA PHE D 210 9.69 -23.49 -19.33
C PHE D 210 10.98 -24.10 -19.86
N PHE D 211 11.12 -25.41 -19.70
CA PHE D 211 12.34 -26.09 -20.11
C PHE D 211 12.47 -26.24 -21.62
N LYS D 212 11.34 -26.35 -22.32
CA LYS D 212 11.38 -26.48 -23.77
C LYS D 212 11.75 -25.14 -24.41
N LYS D 213 11.08 -24.07 -23.99
CA LYS D 213 11.39 -22.75 -24.54
C LYS D 213 12.78 -22.30 -24.07
N GLY D 214 13.17 -22.74 -22.89
CA GLY D 214 14.52 -22.50 -22.40
C GLY D 214 15.56 -23.20 -23.27
N ALA D 215 15.27 -24.44 -23.62
CA ALA D 215 16.13 -25.22 -24.51
C ALA D 215 16.26 -24.53 -25.86
N GLU D 216 15.14 -23.98 -26.34
CA GLU D 216 15.15 -23.22 -27.58
C GLU D 216 16.00 -21.96 -27.44
N MET D 217 15.89 -21.28 -26.31
CA MET D 217 16.65 -20.07 -26.05
C MET D 217 18.14 -20.31 -26.06
N PHE D 218 18.60 -21.27 -25.27
CA PHE D 218 20.03 -21.53 -25.27
C PHE D 218 20.27 -22.72 -26.17
N SER D 219 20.63 -22.39 -27.41
CA SER D 219 20.86 -23.34 -28.49
C SER D 219 22.33 -23.60 -28.70
N LYS D 220 22.65 -24.27 -29.80
CA LYS D 220 24.03 -24.43 -30.24
C LYS D 220 24.55 -23.09 -30.75
N ARG D 221 23.64 -22.27 -31.26
CA ARG D 221 23.98 -20.92 -31.73
C ARG D 221 24.43 -20.02 -30.58
N MET D 222 23.66 -20.03 -29.50
CA MET D 222 24.00 -19.26 -28.29
C MET D 222 25.35 -19.70 -27.75
N ASP D 223 25.67 -20.98 -27.92
CA ASP D 223 26.87 -21.55 -27.35
C ASP D 223 28.03 -21.21 -28.28
N SER D 224 27.71 -21.02 -29.55
CA SER D 224 28.66 -20.48 -30.52
C SER D 224 29.06 -19.06 -30.16
N PHE D 225 28.04 -18.26 -29.86
CA PHE D 225 28.25 -16.87 -29.44
C PHE D 225 29.10 -16.82 -28.18
N LEU D 226 28.74 -17.64 -27.21
CA LEU D 226 29.49 -17.72 -25.95
C LEU D 226 30.94 -18.15 -26.17
N SER D 227 31.17 -19.01 -27.15
CA SER D 227 32.53 -19.41 -27.48
C SER D 227 33.31 -18.22 -28.05
N SER D 228 32.63 -17.42 -28.88
CA SER D 228 33.25 -16.21 -29.41
C SER D 228 33.64 -15.25 -28.28
N VAL D 229 32.70 -15.02 -27.36
CA VAL D 229 32.94 -14.17 -26.20
C VAL D 229 34.12 -14.68 -25.38
N ALA D 230 34.16 -15.99 -25.19
CA ALA D 230 35.24 -16.63 -24.43
C ALA D 230 36.60 -16.40 -25.06
N ASP D 231 36.66 -16.53 -26.39
CA ASP D 231 37.93 -16.33 -27.09
C ASP D 231 38.33 -14.85 -27.11
N MET D 232 37.34 -13.96 -27.12
CA MET D 232 37.61 -12.53 -26.95
C MET D 232 38.27 -12.30 -25.59
N VAL D 233 37.70 -12.91 -24.57
CA VAL D 233 38.24 -12.88 -23.21
C VAL D 233 39.68 -13.40 -23.23
N GLN D 234 39.94 -14.40 -24.08
CA GLN D 234 41.27 -15.01 -24.13
C GLN D 234 42.28 -14.15 -24.87
N SER D 235 41.84 -13.35 -25.83
CA SER D 235 42.68 -12.30 -26.41
C SER D 235 43.05 -11.24 -25.38
N ILE D 236 42.02 -10.71 -24.73
CA ILE D 236 42.21 -9.70 -23.69
C ILE D 236 43.22 -10.21 -22.66
N GLN D 237 43.07 -11.49 -22.34
CA GLN D 237 43.99 -12.16 -21.43
C GLN D 237 45.42 -12.20 -21.97
N VAL D 238 45.61 -12.72 -23.19
CA VAL D 238 46.98 -12.87 -23.71
C VAL D 238 47.71 -11.52 -23.81
N GLU D 239 47.01 -10.44 -24.16
CA GLU D 239 47.70 -9.16 -24.16
C GLU D 239 47.88 -8.64 -22.73
N LEU D 240 47.00 -9.05 -21.82
CA LEU D 240 47.18 -8.69 -20.41
C LEU D 240 48.49 -9.28 -19.86
N GLU D 241 48.73 -10.58 -19.99
CA GLU D 241 50.00 -11.06 -19.40
C GLU D 241 51.20 -10.59 -20.26
N ALA D 242 51.03 -10.43 -21.57
CA ALA D 242 52.17 -9.99 -22.37
C ALA D 242 52.64 -8.60 -21.90
N GLU D 243 51.69 -7.67 -21.81
CA GLU D 243 52.00 -6.31 -21.40
C GLU D 243 52.42 -6.30 -19.93
N ALA D 244 51.91 -7.27 -19.18
CA ALA D 244 52.27 -7.43 -17.79
C ALA D 244 53.75 -7.76 -17.62
N GLU D 245 54.26 -8.66 -18.46
CA GLU D 245 55.64 -9.07 -18.30
C GLU D 245 56.60 -8.08 -18.96
N LYS D 246 56.12 -7.37 -19.98
CA LYS D 246 56.90 -6.24 -20.52
C LYS D 246 57.07 -5.12 -19.49
N MET D 247 55.98 -4.76 -18.82
CA MET D 247 56.05 -3.71 -17.81
C MET D 247 56.77 -4.22 -16.56
N ARG D 248 56.78 -5.53 -16.37
CA ARG D 248 57.53 -6.15 -15.28
C ARG D 248 59.03 -5.96 -15.48
N VAL D 249 59.52 -6.27 -16.68
CA VAL D 249 60.95 -6.17 -16.91
C VAL D 249 61.40 -4.71 -17.10
N SER D 250 60.49 -3.88 -17.59
CA SER D 250 60.72 -2.44 -17.57
C SER D 250 60.80 -1.93 -16.14
N GLN D 251 59.94 -2.45 -15.28
CA GLN D 251 59.95 -2.07 -13.87
C GLN D 251 61.28 -2.39 -13.20
N GLN D 252 61.80 -3.59 -13.39
CA GLN D 252 63.03 -3.92 -12.66
C GLN D 252 64.24 -3.38 -13.42
N GLU D 253 63.99 -2.81 -14.60
CA GLU D 253 65.00 -2.00 -15.25
C GLU D 253 65.06 -0.59 -14.66
N LEU D 254 63.91 -0.04 -14.31
CA LEU D 254 63.85 1.32 -13.78
C LEU D 254 64.14 1.39 -12.28
N LEU D 255 63.78 0.34 -11.56
CA LEU D 255 63.94 0.28 -10.12
C LEU D 255 65.35 -0.12 -9.71
N SER D 256 66.13 -0.60 -10.68
CA SER D 256 67.52 -0.94 -10.40
C SER D 256 68.40 0.19 -10.89
N VAL D 257 68.90 0.97 -9.95
CA VAL D 257 69.73 2.13 -10.25
C VAL D 257 70.79 2.29 -9.18
N ASP D 258 71.63 3.29 -9.38
CA ASP D 258 72.69 3.59 -8.43
C ASP D 258 72.12 4.39 -7.25
N GLU D 259 72.71 4.18 -6.08
CA GLU D 259 72.23 4.78 -4.84
C GLU D 259 72.07 6.30 -4.97
N SER D 260 72.98 6.93 -5.71
CA SER D 260 73.05 8.39 -5.80
C SER D 260 71.78 9.01 -6.39
N VAL D 261 71.06 8.25 -7.19
CA VAL D 261 69.83 8.74 -7.82
C VAL D 261 68.78 9.16 -6.79
N TYR D 262 68.68 8.42 -5.70
CA TYR D 262 67.73 8.77 -4.64
C TYR D 262 68.35 9.67 -3.58
N THR D 263 69.68 9.79 -3.58
CA THR D 263 70.39 10.57 -2.57
C THR D 263 70.57 12.02 -3.01
N PRO D 264 70.02 12.96 -2.22
CA PRO D 264 70.17 14.38 -2.54
C PRO D 264 71.62 14.85 -2.34
N ASP D 265 72.13 15.61 -3.29
CA ASP D 265 73.50 16.11 -3.29
C ASP D 265 74.52 14.98 -3.18
N SER D 266 74.21 13.83 -3.75
CA SER D 266 75.18 12.76 -3.97
C SER D 266 76.40 13.33 -4.70
N ASP D 267 76.10 13.95 -5.84
CA ASP D 267 77.04 14.59 -6.73
C ASP D 267 78.02 15.59 -6.10
N VAL D 268 77.68 16.09 -4.90
CA VAL D 268 78.30 17.30 -4.32
C VAL D 268 79.83 17.35 -4.39
N ALA D 269 80.49 16.19 -4.27
CA ALA D 269 81.95 16.13 -4.31
C ALA D 269 82.48 16.61 -5.67
N ALA D 270 81.84 16.15 -6.73
CA ALA D 270 82.20 16.61 -8.08
C ALA D 270 80.95 16.71 -8.94
N PRO D 271 80.16 17.77 -8.72
CA PRO D 271 78.86 17.99 -9.39
C PRO D 271 79.01 18.15 -10.89
N GLN D 272 78.09 17.52 -11.63
CA GLN D 272 78.13 17.59 -13.08
C GLN D 272 77.09 18.61 -13.53
N ILE D 273 77.54 19.79 -13.92
CA ILE D 273 76.62 20.91 -14.09
C ILE D 273 76.45 21.35 -15.54
N ASN D 274 75.20 21.48 -15.98
CA ASN D 274 74.92 22.03 -17.29
C ASN D 274 74.54 23.50 -17.18
N ARG D 275 75.42 24.38 -17.63
CA ARG D 275 75.23 25.82 -17.50
C ARG D 275 74.54 26.37 -18.73
N ASN D 276 74.28 25.50 -19.69
CA ASN D 276 73.67 25.87 -20.96
C ASN D 276 72.17 25.60 -21.06
N LEU D 277 71.54 25.25 -19.95
CA LEU D 277 70.10 24.96 -19.94
C LEU D 277 69.25 26.17 -20.27
N ILE D 278 68.34 26.00 -21.22
CA ILE D 278 67.35 27.01 -21.54
C ILE D 278 65.99 26.70 -20.93
N GLN D 279 65.90 25.51 -20.33
CA GLN D 279 64.64 25.04 -19.76
C GLN D 279 64.91 24.11 -18.59
N LYS D 280 64.11 24.22 -17.54
CA LYS D 280 64.27 23.36 -16.38
C LYS D 280 62.95 23.13 -15.66
N ALA D 281 62.78 21.91 -15.14
CA ALA D 281 61.61 21.57 -14.35
C ALA D 281 62.02 20.71 -13.17
N GLY D 282 61.43 20.97 -12.01
CA GLY D 282 61.70 20.18 -10.83
C GLY D 282 61.11 20.79 -9.57
N TYR D 283 61.22 20.09 -8.46
CA TYR D 283 60.71 20.59 -7.19
C TYR D 283 61.63 21.60 -6.52
N LEU D 284 61.04 22.70 -6.09
CA LEU D 284 61.76 23.72 -5.33
C LEU D 284 60.94 24.13 -4.11
N ASN D 285 61.59 24.73 -3.12
CA ASN D 285 60.87 25.28 -1.98
C ASN D 285 60.65 26.77 -2.16
N LEU D 286 59.39 27.18 -2.20
CA LEU D 286 59.02 28.57 -2.38
C LEU D 286 58.81 29.19 -1.01
N ARG D 287 59.52 30.29 -0.75
CA ARG D 287 59.35 31.02 0.50
C ARG D 287 58.24 32.04 0.37
N ASN D 288 57.36 32.07 1.37
CA ASN D 288 56.32 33.08 1.43
C ASN D 288 56.42 33.82 2.75
N LYS D 289 56.64 35.13 2.66
CA LYS D 289 56.80 35.98 3.83
C LYS D 289 55.67 37.00 3.85
N THR D 290 54.73 36.84 4.79
CA THR D 290 53.62 37.77 4.88
C THR D 290 53.87 38.99 5.77
N GLY D 291 54.75 38.82 6.76
CA GLY D 291 55.12 39.91 7.64
C GLY D 291 56.55 40.38 7.54
N LEU D 292 57.02 40.94 8.65
CA LEU D 292 58.41 41.34 8.81
C LEU D 292 59.18 40.24 9.55
N VAL D 293 58.45 39.24 10.03
CA VAL D 293 59.03 38.19 10.84
C VAL D 293 58.71 36.80 10.31
N THR D 294 57.42 36.48 10.24
CA THR D 294 56.94 35.12 10.00
C THR D 294 57.15 34.69 8.54
N THR D 295 57.65 33.48 8.37
CA THR D 295 57.98 32.95 7.05
C THR D 295 57.55 31.50 6.90
N THR D 296 57.13 31.12 5.70
CA THR D 296 56.79 29.73 5.42
C THR D 296 57.51 29.22 4.18
N TRP D 297 57.71 27.91 4.10
CA TRP D 297 58.30 27.31 2.92
C TRP D 297 57.37 26.23 2.38
N GLU D 298 57.20 26.19 1.06
CA GLU D 298 56.28 25.25 0.44
C GLU D 298 56.91 24.54 -0.74
N ARG D 299 56.92 23.21 -0.72
CA ARG D 299 57.51 22.46 -1.82
C ARG D 299 56.54 22.43 -2.99
N LEU D 300 56.96 23.02 -4.10
CA LEU D 300 56.12 23.14 -5.28
C LEU D 300 56.91 22.76 -6.53
N TYR D 301 56.21 22.43 -7.60
CA TYR D 301 56.89 22.13 -8.85
C TYR D 301 57.11 23.42 -9.62
N PHE D 302 58.30 23.59 -10.15
CA PHE D 302 58.63 24.78 -10.93
C PHE D 302 59.15 24.37 -12.29
N PHE D 303 58.63 25.00 -13.33
CA PHE D 303 59.12 24.73 -14.67
C PHE D 303 59.13 26.02 -15.48
N THR D 304 60.08 26.12 -16.41
CA THR D 304 60.13 27.28 -17.28
C THR D 304 59.30 27.04 -18.53
N GLN D 305 58.41 27.98 -18.84
CA GLN D 305 57.62 27.87 -20.06
C GLN D 305 57.47 29.21 -20.77
N GLY D 306 58.00 29.31 -21.98
CA GLY D 306 57.94 30.53 -22.77
C GLY D 306 58.65 31.72 -22.16
N GLY D 307 59.79 31.48 -21.52
CA GLY D 307 60.55 32.54 -20.89
C GLY D 307 59.87 32.99 -19.61
N ASN D 308 58.96 32.16 -19.12
CA ASN D 308 58.22 32.43 -17.91
C ASN D 308 58.52 31.36 -16.87
N LEU D 309 58.55 31.76 -15.60
CA LEU D 309 58.68 30.78 -14.54
C LEU D 309 57.30 30.45 -13.99
N MET D 310 56.94 29.17 -14.14
CA MET D 310 55.63 28.65 -13.81
C MET D 310 55.71 27.76 -12.58
N CYS D 311 54.68 27.83 -11.74
CA CYS D 311 54.65 27.07 -10.50
C CYS D 311 53.35 26.28 -10.34
N GLN D 312 53.49 24.96 -10.26
CA GLN D 312 52.35 24.08 -10.06
C GLN D 312 52.49 23.31 -8.74
N PRO D 313 51.56 23.55 -7.81
CA PRO D 313 51.51 22.78 -6.56
C PRO D 313 50.96 21.38 -6.81
N ARG D 314 51.47 20.40 -6.06
CA ARG D 314 51.00 19.03 -6.21
C ARG D 314 49.54 18.93 -5.78
N GLY D 315 48.72 18.31 -6.63
CA GLY D 315 47.29 18.24 -6.39
C GLY D 315 46.51 19.21 -7.26
N ALA D 316 47.24 20.03 -8.01
CA ALA D 316 46.62 20.97 -8.94
C ALA D 316 46.75 20.47 -10.37
N VAL D 317 45.67 20.58 -11.14
CA VAL D 317 45.66 20.08 -12.51
C VAL D 317 46.55 20.94 -13.41
N ALA D 318 46.58 22.25 -13.15
CA ALA D 318 47.34 23.18 -13.99
C ALA D 318 48.27 24.06 -13.16
N GLY D 319 49.38 24.46 -13.76
CA GLY D 319 50.30 25.37 -13.11
C GLY D 319 50.05 26.83 -13.45
N GLY D 320 50.39 27.71 -12.52
CA GLY D 320 50.23 29.14 -12.72
C GLY D 320 51.56 29.85 -12.95
N LEU D 321 51.49 31.10 -13.37
CA LEU D 321 52.69 31.92 -13.50
C LEU D 321 53.17 32.47 -12.17
N ILE D 322 54.36 32.06 -11.73
CA ILE D 322 54.94 32.65 -10.53
C ILE D 322 55.72 33.92 -10.88
N GLN D 323 56.44 33.92 -12.00
CA GLN D 323 57.24 35.10 -12.35
C GLN D 323 57.51 35.23 -13.85
N ASP D 324 57.62 36.46 -14.34
CA ASP D 324 58.05 36.68 -15.71
C ASP D 324 59.56 36.82 -15.70
N LEU D 325 60.25 36.01 -16.49
CA LEU D 325 61.70 35.90 -16.41
C LEU D 325 62.39 36.83 -17.40
N ASP D 326 61.61 37.66 -18.06
CA ASP D 326 62.15 38.50 -19.12
C ASP D 326 62.85 39.64 -18.44
N ASN D 327 64.14 39.78 -18.78
CA ASN D 327 64.96 40.93 -18.39
C ASN D 327 65.14 40.90 -16.87
N CYS D 328 65.21 39.70 -16.31
CA CYS D 328 65.43 39.49 -14.88
C CYS D 328 66.86 39.07 -14.54
N SER D 329 67.11 38.94 -13.24
CA SER D 329 68.39 38.41 -12.76
C SER D 329 68.17 37.32 -11.71
N VAL D 330 69.15 36.45 -11.51
CA VAL D 330 69.06 35.44 -10.47
C VAL D 330 70.43 35.18 -9.83
N MET D 331 70.47 35.00 -8.52
CA MET D 331 71.74 34.73 -7.84
C MET D 331 71.58 33.89 -6.58
N ALA D 332 72.61 33.12 -6.25
CA ALA D 332 72.61 32.36 -5.00
C ALA D 332 72.58 33.31 -3.81
N VAL D 333 71.78 32.98 -2.80
CA VAL D 333 71.68 33.81 -1.60
C VAL D 333 71.68 32.96 -0.33
N ASP D 334 71.64 33.65 0.81
CA ASP D 334 71.52 32.98 2.09
C ASP D 334 70.23 33.40 2.76
N CYS D 335 69.39 32.42 3.11
CA CYS D 335 68.14 32.73 3.79
C CYS D 335 67.86 31.75 4.92
N GLU D 336 67.78 32.28 6.14
CA GLU D 336 67.41 31.50 7.32
C GLU D 336 68.27 30.27 7.52
N ASP D 337 69.57 30.42 7.22
CA ASP D 337 70.55 29.35 7.38
C ASP D 337 70.14 28.08 6.63
N ARG D 338 69.52 28.28 5.47
CA ARG D 338 69.09 27.16 4.64
C ARG D 338 70.06 26.95 3.50
N ARG D 339 70.24 25.69 3.12
CA ARG D 339 71.19 25.34 2.06
C ARG D 339 70.57 25.49 0.68
N TYR D 340 71.38 26.01 -0.25
CA TYR D 340 71.02 26.05 -1.67
C TYR D 340 69.80 26.92 -1.97
N CYS D 341 69.77 28.11 -1.35
CA CYS D 341 68.76 29.10 -1.70
C CYS D 341 69.27 30.03 -2.79
N PHE D 342 68.40 30.38 -3.73
CA PHE D 342 68.71 31.42 -4.70
C PHE D 342 67.52 32.35 -4.85
N GLN D 343 67.75 33.51 -5.47
CA GLN D 343 66.73 34.54 -5.53
C GLN D 343 66.69 35.21 -6.90
N ILE D 344 65.47 35.48 -7.36
CA ILE D 344 65.24 36.21 -8.61
C ILE D 344 64.95 37.68 -8.35
N THR D 345 65.72 38.57 -8.96
CA THR D 345 65.42 39.99 -8.90
C THR D 345 64.80 40.48 -10.21
N THR D 346 63.73 41.25 -10.09
CA THR D 346 62.94 41.72 -11.23
C THR D 346 63.68 42.84 -11.98
N PRO D 347 63.25 43.14 -13.24
CA PRO D 347 63.95 44.14 -14.05
C PRO D 347 64.15 45.50 -13.38
N ASN D 348 63.16 45.94 -12.61
CA ASN D 348 63.25 47.24 -11.93
C ASN D 348 64.27 47.25 -10.79
N GLY D 349 64.85 46.09 -10.48
CA GLY D 349 65.88 46.01 -9.46
C GLY D 349 65.36 45.53 -8.11
N LYS D 350 64.05 45.36 -8.00
CA LYS D 350 63.45 44.82 -6.78
C LYS D 350 63.92 43.40 -6.49
N SER D 351 64.33 43.13 -5.25
CA SER D 351 64.64 41.77 -4.85
C SER D 351 63.33 40.97 -4.76
N GLY D 352 63.29 39.87 -5.51
CA GLY D 352 62.08 39.09 -5.68
C GLY D 352 62.02 37.79 -4.91
N ILE D 353 61.46 36.78 -5.57
CA ILE D 353 61.10 35.50 -4.95
C ILE D 353 62.34 34.72 -4.51
N ILE D 354 62.19 34.00 -3.40
CA ILE D 354 63.30 33.20 -2.86
C ILE D 354 62.96 31.71 -2.95
N LEU D 355 63.87 30.95 -3.55
CA LEU D 355 63.66 29.53 -3.78
C LEU D 355 64.79 28.70 -3.19
N GLN D 356 64.53 27.41 -2.99
CA GLN D 356 65.52 26.52 -2.39
C GLN D 356 65.62 25.19 -3.14
N ALA D 357 66.85 24.79 -3.49
CA ALA D 357 67.06 23.50 -4.12
C ALA D 357 67.58 22.49 -3.10
N GLU D 358 67.69 21.22 -3.52
CA GLU D 358 68.13 20.17 -2.61
C GLU D 358 69.60 19.82 -2.79
N SER D 359 70.24 20.40 -3.79
CA SER D 359 71.61 20.04 -4.11
C SER D 359 72.38 21.19 -4.74
N ARG D 360 73.70 21.10 -4.67
CA ARG D 360 74.56 22.05 -5.36
C ARG D 360 74.22 22.12 -6.84
N LYS D 361 74.12 20.96 -7.48
CA LYS D 361 73.96 20.88 -8.92
C LYS D 361 72.67 21.52 -9.41
N GLU D 362 71.56 21.22 -8.75
CA GLU D 362 70.27 21.72 -9.22
C GLU D 362 70.14 23.21 -8.91
N ASN D 363 70.83 23.66 -7.87
CA ASN D 363 70.91 25.08 -7.56
C ASN D 363 71.65 25.83 -8.66
N GLU D 364 72.86 25.36 -8.97
CA GLU D 364 73.69 25.98 -10.01
C GLU D 364 72.99 25.96 -11.36
N GLU D 365 72.39 24.83 -11.69
CA GLU D 365 71.69 24.65 -12.96
C GLU D 365 70.42 25.49 -13.07
N TRP D 366 69.69 25.64 -11.96
CA TRP D 366 68.54 26.53 -11.94
C TRP D 366 68.99 27.96 -12.19
N ILE D 367 70.02 28.40 -11.47
CA ILE D 367 70.54 29.75 -11.62
C ILE D 367 70.99 30.02 -13.06
N CYS D 368 71.74 29.08 -13.63
CA CYS D 368 72.21 29.22 -15.00
C CYS D 368 71.05 29.23 -16.00
N ALA D 369 70.04 28.40 -15.75
CA ALA D 369 68.86 28.33 -16.60
C ALA D 369 68.13 29.67 -16.63
N ILE D 370 67.84 30.21 -15.45
CA ILE D 370 67.14 31.48 -15.34
C ILE D 370 67.98 32.61 -15.96
N ASN D 371 69.28 32.56 -15.78
CA ASN D 371 70.17 33.55 -16.41
C ASN D 371 70.13 33.47 -17.94
N ASN D 372 70.16 32.26 -18.48
CA ASN D 372 70.11 32.06 -19.92
C ASN D 372 68.80 32.55 -20.51
N ILE D 373 67.70 32.25 -19.82
CA ILE D 373 66.38 32.68 -20.27
C ILE D 373 66.24 34.20 -20.22
N SER D 374 66.88 34.82 -19.24
CA SER D 374 66.82 36.28 -19.07
C SER D 374 67.40 37.00 -20.27
N ARG D 375 68.64 36.69 -20.62
CA ARG D 375 69.31 37.24 -21.79
C ARG D 375 70.60 36.49 -22.09
C1 GOL E . 49.85 62.43 21.94
O1 GOL E . 50.35 63.72 22.28
C2 GOL E . 48.53 62.17 22.69
O2 GOL E . 47.52 62.91 22.06
C3 GOL E . 48.10 60.69 22.82
O3 GOL E . 46.78 60.60 23.34
C1 GOL F . -68.76 3.67 34.15
O1 GOL F . -68.40 2.50 34.87
C2 GOL F . -70.24 3.61 33.79
O2 GOL F . -70.89 2.63 34.58
C3 GOL F . -70.39 3.25 32.31
O3 GOL F . -71.73 3.43 31.92
C1 GOL G . -39.74 -28.96 30.49
O1 GOL G . -39.40 -28.92 31.86
C2 GOL G . -41.02 -29.76 30.32
O2 GOL G . -40.72 -31.12 30.10
C3 GOL G . -41.80 -29.21 29.13
O3 GOL G . -42.14 -27.87 29.36
#